data_7SHY
#
_entry.id   7SHY
#
_cell.length_a   157.500
_cell.length_b   179.090
_cell.length_c   91.520
_cell.angle_alpha   90.000
_cell.angle_beta   111.660
_cell.angle_gamma   90.000
#
_symmetry.space_group_name_H-M   'C 1 2 1'
#
loop_
_entity.id
_entity.type
_entity.pdbx_description
1 polymer 'Omalizumab VH'
2 polymer 'Omalizumab VL'
3 polymer 'IgE Fc'
4 branched alpha-D-mannopyranose-(1-3)-alpha-D-mannopyranose-(2-3)-[alpha-L-fucopyranose-(1-6)]beta-D-mannopyranose-(1-4)-2-acetamido-2-deoxy-beta-D-glucopyranose-(1-4)-2-acetamido-2-deoxy-beta-D-glucopyranose
5 branched beta-D-mannopyranose-(1-4)-alpha-D-mannopyranose-(1-6)-[alpha-D-mannopyranose-(1-3)]beta-D-mannopyranose-(1-4)-2-acetamido-2-deoxy-beta-D-glucopyranose-(1-4)-2-acetamido-2-deoxy-beta-D-glucopyranose
6 branched alpha-D-mannopyranose-(1-6)-beta-D-mannopyranose-(1-4)-2-acetamido-2-deoxy-beta-D-glucopyranose-(1-4)-2-acetamido-2-deoxy-beta-D-glucopyranose
7 branched alpha-D-mannopyranose-(1-3)-[alpha-D-mannopyranose-(1-6)]alpha-D-mannopyranose-(1-6)-[alpha-D-mannopyranose-(1-3)]beta-D-mannopyranose-(1-4)-2-acetamido-2-deoxy-beta-D-glucopyranose-(1-4)-2-acetamido-2-deoxy-beta-D-glucopyranose
8 non-polymer GLYCEROL
9 non-polymer 2-acetamido-2-deoxy-beta-D-glucopyranose
10 non-polymer alpha-D-mannopyranose
11 water water
#
loop_
_entity_poly.entity_id
_entity_poly.type
_entity_poly.pdbx_seq_one_letter_code
_entity_poly.pdbx_strand_id
1 'polypeptide(L)'
;SEVQLVESGGGLVQPGGSLRLSCAVSGYSITSGYSWNWIRQAPGKGLEWVASITYDGSTNYNPSVKGRITISRDDSKNTF
YLQMNSLRAEDTAVYYCARGSHYFGHWHFAVWGQGTLVTVSS
;
I,K,C,E
2 'polypeptide(L)'
;GSDIQLTQSPSSLSASVGDRVTITCRASQSVDYDGDSYMNWYQQKPGKAPKLLIYAASYLESGVPSRFSGSGSGTDFTLT
ISSLQPEDFATYYCQQSHEDPYTFGQGTKVEIKGGSENLYFQGGSGHHHHHHHH
;
J,L,D,F
3 'polypeptide(L)'
;APMAEGGGQNHHHHHHHHGGENLYFQGGSCADSNPRGVSAYLSRPSPFDLFIRKSPTITCLVVDLAPSKGTVNLTWSRAS
GKPVNHSTRKEEKQRNGTLTVTSTLPVGTRDWIEGETYQCRVTHPHLPRALMRSTTKTSGPRAAPEVYAFATPEWPGSRD
KRTLACLIQNFMPEDISVQWLHNEVQLPDARHSTTQPRKTKGSGFFVFSRLEVTRAEWEQKDEFICRAVHEAASPSQTVQ
RAVSVNP
;
A,G,H,B
#
# COMPACT_ATOMS: atom_id res chain seq x y z
N GLU A 2 -6.45 20.31 -43.10
CA GLU A 2 -5.41 20.45 -42.10
C GLU A 2 -4.84 21.86 -42.07
N VAL A 3 -4.65 22.40 -40.86
CA VAL A 3 -4.09 23.73 -40.69
C VAL A 3 -2.66 23.77 -41.21
N GLN A 4 -2.37 24.75 -42.06
CA GLN A 4 -1.02 24.97 -42.59
C GLN A 4 -0.61 26.42 -42.34
N LEU A 5 0.67 26.66 -42.00
CA LEU A 5 1.18 28.00 -41.69
C LEU A 5 2.46 28.29 -42.44
N VAL A 6 2.54 29.48 -43.03
CA VAL A 6 3.71 29.82 -43.83
C VAL A 6 4.20 31.23 -43.50
N GLU A 7 5.42 31.34 -42.98
CA GLU A 7 6.02 32.63 -42.72
C GLU A 7 6.63 33.20 -43.99
N SER A 8 6.74 34.53 -44.02
CA SER A 8 7.40 35.30 -45.08
C SER A 8 7.77 36.67 -44.53
N GLY A 9 8.73 37.31 -45.18
CA GLY A 9 9.20 38.60 -44.75
C GLY A 9 10.60 38.65 -44.17
N GLY A 10 11.35 37.57 -44.26
CA GLY A 10 12.73 37.57 -43.84
C GLY A 10 13.62 38.23 -44.86
N GLY A 11 14.88 38.35 -44.48
CA GLY A 11 15.89 38.79 -45.41
C GLY A 11 17.02 39.45 -44.65
N LEU A 12 18.01 39.90 -45.42
CA LEU A 12 19.05 40.68 -44.80
C LEU A 12 18.50 42.08 -44.50
N VAL A 13 18.72 42.54 -43.27
CA VAL A 13 18.14 43.79 -42.78
C VAL A 13 19.18 44.59 -42.04
N GLN A 14 18.98 45.99 -42.02
CA GLN A 14 19.88 46.94 -41.38
C GLN A 14 19.46 47.20 -39.94
N PRO A 15 20.41 47.43 -39.05
CA PRO A 15 20.05 47.75 -37.65
C PRO A 15 19.36 49.10 -37.57
N GLY A 16 18.50 49.22 -36.56
CA GLY A 16 17.67 50.39 -36.36
C GLY A 16 16.49 50.53 -37.30
N GLY A 17 16.44 49.77 -38.40
CA GLY A 17 15.29 49.80 -39.27
C GLY A 17 14.13 48.99 -38.72
N SER A 18 13.14 48.78 -39.57
CA SER A 18 11.93 48.09 -39.15
C SER A 18 11.48 47.15 -40.26
N LEU A 19 10.82 46.07 -39.84
CA LEU A 19 10.46 44.95 -40.69
C LEU A 19 9.12 44.37 -40.27
N ARG A 20 8.33 43.91 -41.26
CA ARG A 20 7.05 43.24 -41.04
C ARG A 20 7.12 41.79 -41.50
N LEU A 21 7.05 40.84 -40.56
CA LEU A 21 6.85 39.44 -40.92
C LEU A 21 5.37 39.13 -41.04
N SER A 22 5.05 38.16 -41.91
CA SER A 22 3.68 37.78 -42.17
C SER A 22 3.57 36.27 -42.02
N CYS A 23 2.45 35.80 -41.46
CA CYS A 23 2.07 34.38 -41.36
C CYS A 23 0.77 34.17 -42.11
N ALA A 24 0.85 33.46 -43.23
CA ALA A 24 -0.31 33.14 -44.07
C ALA A 24 -0.89 31.78 -43.67
N VAL A 25 -2.04 31.82 -43.01
CA VAL A 25 -2.72 30.64 -42.54
C VAL A 25 -3.67 30.12 -43.61
N SER A 26 -3.66 28.81 -43.84
CA SER A 26 -4.64 28.16 -44.72
C SER A 26 -5.19 26.88 -44.07
N GLY A 27 -6.47 26.60 -44.33
CA GLY A 27 -7.15 25.43 -43.80
C GLY A 27 -7.88 25.59 -42.48
N TYR A 28 -7.73 26.72 -41.80
CA TYR A 28 -8.48 27.05 -40.59
C TYR A 28 -8.52 28.56 -40.54
N SER A 29 -9.58 29.10 -39.97
CA SER A 29 -9.75 30.56 -39.89
C SER A 29 -9.24 31.13 -38.58
N ILE A 30 -8.36 32.13 -38.67
CA ILE A 30 -7.71 32.67 -37.47
C ILE A 30 -8.69 33.49 -36.61
N THR A 31 -9.95 33.60 -37.04
CA THR A 31 -11.00 34.11 -36.17
C THR A 31 -11.96 33.04 -35.69
N SER A 32 -11.78 31.79 -36.10
CA SER A 32 -12.65 30.73 -35.59
C SER A 32 -12.18 30.16 -34.27
N GLY A 33 -10.87 30.16 -33.99
CA GLY A 33 -10.38 29.69 -32.70
C GLY A 33 -8.87 29.75 -32.58
N TYR A 34 -8.40 29.33 -31.41
CA TYR A 34 -6.99 29.10 -31.08
C TYR A 34 -6.20 30.39 -30.91
N SER A 35 -4.95 30.28 -30.46
CA SER A 35 -4.07 31.43 -30.29
C SER A 35 -2.99 31.35 -31.37
N TRP A 36 -2.53 32.51 -31.82
CA TRP A 36 -1.65 32.63 -32.98
C TRP A 36 -0.38 33.33 -32.52
N ASN A 37 0.75 32.64 -32.54
CA ASN A 37 1.92 33.13 -31.82
C ASN A 37 3.08 33.34 -32.78
N TRP A 38 4.00 34.17 -32.35
CA TRP A 38 5.29 34.30 -33.01
C TRP A 38 6.34 33.86 -31.99
N ILE A 39 7.15 32.87 -32.37
CA ILE A 39 8.20 32.34 -31.52
C ILE A 39 9.49 32.34 -32.33
N ARG A 40 10.57 32.82 -31.73
CA ARG A 40 11.83 32.99 -32.45
C ARG A 40 12.93 32.19 -31.78
N GLN A 41 13.97 31.92 -32.56
CA GLN A 41 15.05 31.05 -32.13
C GLN A 41 16.37 31.57 -32.67
N ALA A 42 17.17 32.14 -31.79
CA ALA A 42 18.49 32.60 -32.19
C ALA A 42 19.36 31.41 -32.54
N PRO A 43 20.34 31.57 -33.43
CA PRO A 43 21.12 30.43 -33.94
C PRO A 43 21.73 29.53 -32.87
N GLY A 44 21.36 28.23 -32.91
CA GLY A 44 21.80 27.26 -31.93
C GLY A 44 21.54 27.63 -30.48
N LYS A 45 20.55 28.46 -30.26
CA LYS A 45 20.16 28.90 -28.93
C LYS A 45 18.70 28.51 -28.69
N GLY A 46 18.16 29.01 -27.58
CA GLY A 46 16.84 28.62 -27.15
C GLY A 46 15.72 29.32 -27.90
N LEU A 47 14.54 28.75 -27.75
CA LEU A 47 13.31 29.33 -28.26
C LEU A 47 12.83 30.43 -27.32
N GLU A 48 12.35 31.55 -27.89
CA GLU A 48 11.78 32.66 -27.14
C GLU A 48 10.38 33.00 -27.63
N TRP A 49 9.40 33.02 -26.75
CA TRP A 49 8.05 33.41 -27.15
C TRP A 49 7.98 34.94 -27.26
N VAL A 50 7.50 35.43 -28.40
CA VAL A 50 7.57 36.85 -28.69
C VAL A 50 6.23 37.52 -28.50
N ALA A 51 5.18 37.02 -29.17
CA ALA A 51 3.86 37.65 -29.08
C ALA A 51 2.77 36.71 -29.58
N SER A 52 1.55 36.93 -29.06
CA SER A 52 0.37 36.13 -29.40
C SER A 52 -0.87 36.99 -29.63
N ILE A 53 -1.82 36.46 -30.39
CA ILE A 53 -3.16 37.03 -30.52
C ILE A 53 -4.18 35.88 -30.54
N THR A 54 -5.19 35.95 -29.67
CA THR A 54 -6.20 34.89 -29.63
C THR A 54 -7.18 35.07 -30.77
N TYR A 55 -8.02 34.05 -30.99
CA TYR A 55 -8.98 34.18 -32.07
C TYR A 55 -9.92 35.34 -31.83
N ASP A 56 -10.15 35.70 -30.57
CA ASP A 56 -11.10 36.74 -30.22
C ASP A 56 -10.45 38.10 -30.12
N GLY A 57 -9.19 38.20 -30.46
CA GLY A 57 -8.55 39.49 -30.58
C GLY A 57 -7.68 39.89 -29.41
N SER A 58 -7.67 39.11 -28.32
CA SER A 58 -6.83 39.45 -27.18
C SER A 58 -5.37 39.30 -27.55
N THR A 59 -4.56 40.30 -27.20
CA THR A 59 -3.12 40.26 -27.48
C THR A 59 -2.30 40.19 -26.20
N ASN A 60 -1.12 39.58 -26.33
CA ASN A 60 -0.18 39.36 -25.26
C ASN A 60 1.23 39.51 -25.82
N TYR A 61 2.14 40.09 -25.03
CA TYR A 61 3.52 40.32 -25.44
C TYR A 61 4.48 39.83 -24.37
N ASN A 62 5.68 39.53 -24.84
CA ASN A 62 6.77 39.32 -23.93
C ASN A 62 7.38 40.67 -23.55
N PRO A 63 7.53 40.95 -22.27
CA PRO A 63 8.17 42.21 -21.86
C PRO A 63 9.49 42.50 -22.55
N SER A 64 10.24 41.46 -22.96
CA SER A 64 11.54 41.69 -23.57
C SER A 64 11.46 42.48 -24.87
N VAL A 65 10.30 42.51 -25.52
CA VAL A 65 10.10 43.23 -26.78
C VAL A 65 8.95 44.24 -26.73
N LYS A 66 8.28 44.41 -25.59
CA LYS A 66 7.17 45.33 -25.50
C LYS A 66 7.60 46.71 -25.97
N GLY A 67 6.72 47.37 -26.71
CA GLY A 67 6.99 48.72 -27.16
C GLY A 67 7.48 48.78 -28.58
N ARG A 68 8.51 47.98 -28.89
CA ARG A 68 9.11 48.00 -30.21
C ARG A 68 8.57 46.90 -31.13
N ILE A 69 7.75 45.99 -30.63
CA ILE A 69 7.14 44.98 -31.46
C ILE A 69 5.63 45.05 -31.31
N THR A 70 4.92 44.88 -32.44
CA THR A 70 3.47 45.00 -32.53
C THR A 70 2.93 43.83 -33.33
N ILE A 71 1.81 43.24 -32.86
CA ILE A 71 1.19 42.08 -33.50
C ILE A 71 -0.23 42.42 -33.91
N SER A 72 -0.55 42.16 -35.18
CA SER A 72 -1.86 42.49 -35.77
C SER A 72 -2.25 41.36 -36.71
N ARG A 73 -3.51 41.38 -37.15
CA ARG A 73 -4.03 40.37 -38.05
C ARG A 73 -4.88 41.06 -39.12
N ASP A 74 -5.29 40.28 -40.11
CA ASP A 74 -6.11 40.75 -41.24
C ASP A 74 -7.20 39.72 -41.57
N ASP A 75 -8.37 39.86 -40.93
CA ASP A 75 -9.44 38.88 -41.14
C ASP A 75 -9.59 38.56 -42.62
N SER A 76 -9.47 39.56 -43.47
CA SER A 76 -9.79 39.38 -44.89
C SER A 76 -8.80 38.43 -45.57
N LYS A 77 -7.51 38.55 -45.23
CA LYS A 77 -6.41 37.78 -45.82
C LYS A 77 -6.00 36.54 -45.01
N ASN A 78 -6.75 36.19 -43.97
CA ASN A 78 -6.42 35.12 -43.04
C ASN A 78 -4.92 35.06 -42.75
N THR A 79 -4.35 36.20 -42.40
CA THR A 79 -2.92 36.35 -42.18
C THR A 79 -2.73 37.11 -40.88
N PHE A 80 -1.56 36.99 -40.27
CA PHE A 80 -1.24 37.89 -39.17
C PHE A 80 0.22 38.29 -39.27
N TYR A 81 0.57 39.32 -38.50
CA TYR A 81 1.75 40.11 -38.78
C TYR A 81 2.54 40.33 -37.50
N LEU A 82 3.86 40.48 -37.65
CA LEU A 82 4.74 40.94 -36.58
C LEU A 82 5.42 42.20 -37.09
N GLN A 83 5.17 43.32 -36.41
CA GLN A 83 5.77 44.58 -36.76
C GLN A 83 6.91 44.79 -35.79
N MET A 84 8.11 44.95 -36.32
CA MET A 84 9.29 45.12 -35.48
C MET A 84 9.97 46.40 -35.87
N ASN A 85 10.20 47.26 -34.89
CA ASN A 85 10.89 48.52 -35.09
C ASN A 85 12.21 48.51 -34.34
N SER A 86 13.13 49.36 -34.80
CA SER A 86 14.41 49.53 -34.10
C SER A 86 15.11 48.19 -33.96
N LEU A 87 15.22 47.48 -35.07
CA LEU A 87 15.87 46.17 -35.04
C LEU A 87 17.27 46.29 -34.46
N ARG A 88 17.63 45.31 -33.62
CA ARG A 88 18.95 45.17 -33.02
C ARG A 88 19.60 43.89 -33.51
N ALA A 89 20.86 43.69 -33.09
CA ALA A 89 21.49 42.40 -33.35
C ALA A 89 20.81 41.33 -32.53
N GLU A 90 20.43 41.66 -31.29
CA GLU A 90 19.75 40.73 -30.42
C GLU A 90 18.41 40.26 -31.01
N ASP A 91 17.99 40.80 -32.15
CA ASP A 91 16.78 40.36 -32.83
C ASP A 91 17.02 39.33 -33.92
N THR A 92 18.27 39.04 -34.29
CA THR A 92 18.58 38.06 -35.33
C THR A 92 18.17 36.67 -34.88
N ALA A 93 17.33 36.00 -35.66
CA ALA A 93 16.80 34.69 -35.28
C ALA A 93 15.98 34.14 -36.43
N VAL A 94 15.44 32.96 -36.20
CA VAL A 94 14.41 32.39 -37.06
C VAL A 94 13.09 32.60 -36.36
N TYR A 95 12.12 33.15 -37.06
CA TYR A 95 10.84 33.46 -36.48
C TYR A 95 9.84 32.40 -36.94
N TYR A 96 9.24 31.70 -35.99
CA TYR A 96 8.24 30.69 -36.28
C TYR A 96 6.86 31.23 -35.94
N CYS A 97 5.87 30.92 -36.74
CA CYS A 97 4.50 31.17 -36.32
C CYS A 97 3.89 29.84 -35.96
N ALA A 98 3.05 29.85 -34.93
CA ALA A 98 2.53 28.64 -34.33
C ALA A 98 1.10 28.86 -33.89
N ARG A 99 0.30 27.80 -33.99
CA ARG A 99 -1.09 27.82 -33.54
C ARG A 99 -1.16 27.17 -32.16
N GLY A 100 -1.59 27.94 -31.16
CA GLY A 100 -1.69 27.45 -29.81
C GLY A 100 -3.03 26.77 -29.58
N SER A 101 -2.99 25.64 -28.89
CA SER A 101 -4.21 24.94 -28.49
C SER A 101 -4.49 25.22 -27.02
N HIS A 102 -5.76 25.15 -26.66
CA HIS A 102 -6.21 25.73 -25.42
C HIS A 102 -6.45 24.64 -24.40
N TYR A 103 -5.89 24.84 -23.23
CA TYR A 103 -6.05 23.91 -22.12
C TYR A 103 -6.35 24.77 -20.90
N PHE A 104 -7.63 24.87 -20.53
CA PHE A 104 -8.04 25.50 -19.28
C PHE A 104 -7.32 26.83 -19.00
N GLY A 105 -7.35 27.73 -19.99
CA GLY A 105 -6.72 29.02 -19.83
C GLY A 105 -5.22 29.04 -20.07
N HIS A 106 -4.66 27.98 -20.61
CA HIS A 106 -3.25 27.90 -20.86
C HIS A 106 -3.05 27.40 -22.27
N TRP A 107 -1.96 27.78 -22.90
CA TRP A 107 -1.77 27.52 -24.33
C TRP A 107 -0.57 26.65 -24.57
N HIS A 108 -0.68 25.72 -25.51
CA HIS A 108 0.47 24.99 -26.02
C HIS A 108 0.49 25.03 -27.54
N PHE A 109 1.69 24.87 -28.10
CA PHE A 109 1.95 25.19 -29.50
C PHE A 109 1.90 23.94 -30.36
N ALA A 110 0.69 23.55 -30.74
CA ALA A 110 0.53 22.27 -31.40
C ALA A 110 0.86 22.29 -32.89
N VAL A 111 0.93 23.46 -33.53
CA VAL A 111 1.21 23.57 -34.97
C VAL A 111 2.15 24.72 -35.24
N TRP A 112 3.18 24.49 -36.03
CA TRP A 112 4.17 25.51 -36.35
C TRP A 112 4.28 25.60 -37.87
N GLY A 113 5.12 26.53 -38.33
CA GLY A 113 5.44 26.67 -39.73
C GLY A 113 6.93 26.51 -39.94
N GLN A 114 7.34 26.52 -41.20
CA GLN A 114 8.72 26.16 -41.45
C GLN A 114 9.73 27.18 -40.95
N GLY A 115 9.33 28.39 -40.62
CA GLY A 115 10.29 29.37 -40.16
C GLY A 115 10.74 30.36 -41.25
N THR A 116 11.04 31.58 -40.84
CA THR A 116 11.64 32.61 -41.69
C THR A 116 12.78 33.28 -40.95
N LEU A 117 13.88 33.54 -41.66
CA LEU A 117 15.12 34.01 -41.04
C LEU A 117 15.25 35.52 -41.13
N VAL A 118 15.61 36.13 -39.99
CA VAL A 118 15.87 37.56 -39.87
C VAL A 118 17.30 37.75 -39.39
N THR A 119 18.10 38.48 -40.16
CA THR A 119 19.51 38.75 -39.90
C THR A 119 19.77 40.25 -39.90
N VAL A 120 20.41 40.75 -38.85
CA VAL A 120 20.67 42.18 -38.73
C VAL A 120 22.17 42.46 -38.68
N SER A 121 22.71 43.02 -39.76
CA SER A 121 24.13 43.42 -39.79
C SER A 121 24.46 44.43 -38.67
N GLU B 2 -31.56 -35.83 -4.82
CA GLU B 2 -30.14 -35.51 -4.74
C GLU B 2 -29.65 -35.58 -3.32
N VAL B 3 -29.26 -36.78 -2.90
CA VAL B 3 -28.83 -37.05 -1.53
C VAL B 3 -29.86 -36.47 -0.60
N GLN B 4 -30.87 -37.27 -0.30
CA GLN B 4 -31.93 -36.91 0.63
C GLN B 4 -31.87 -37.94 1.74
N LEU B 5 -32.10 -37.50 2.97
CA LEU B 5 -31.95 -38.35 4.15
C LEU B 5 -33.21 -38.29 4.99
N VAL B 6 -33.63 -39.44 5.50
CA VAL B 6 -34.90 -39.53 6.23
C VAL B 6 -34.66 -40.29 7.52
N GLU B 7 -34.96 -39.67 8.66
CA GLU B 7 -34.90 -40.38 9.92
C GLU B 7 -36.18 -41.17 10.08
N SER B 8 -36.08 -42.23 10.87
CA SER B 8 -37.25 -43.01 11.16
C SER B 8 -36.95 -43.83 12.40
N GLY B 9 -37.99 -44.31 13.04
CA GLY B 9 -37.80 -45.17 14.16
C GLY B 9 -37.86 -44.43 15.46
N GLY B 10 -38.14 -43.13 15.41
CA GLY B 10 -38.30 -42.36 16.62
C GLY B 10 -39.63 -42.67 17.27
N GLY B 11 -39.83 -42.08 18.43
CA GLY B 11 -41.11 -42.17 19.10
C GLY B 11 -40.92 -41.99 20.60
N LEU B 12 -42.03 -42.15 21.33
CA LEU B 12 -41.97 -42.16 22.78
C LEU B 12 -41.52 -43.53 23.29
N VAL B 13 -40.53 -43.55 24.19
CA VAL B 13 -39.93 -44.77 24.69
C VAL B 13 -39.76 -44.66 26.20
N GLN B 14 -39.81 -45.86 26.92
CA GLN B 14 -39.73 -45.88 28.38
C GLN B 14 -38.27 -45.93 28.85
N PRO B 15 -37.97 -45.37 30.02
CA PRO B 15 -36.59 -45.38 30.50
C PRO B 15 -36.06 -46.79 30.73
N GLY B 16 -34.73 -46.93 30.61
CA GLY B 16 -34.07 -48.21 30.73
C GLY B 16 -34.23 -49.16 29.55
N GLY B 17 -35.16 -48.89 28.63
CA GLY B 17 -35.32 -49.68 27.43
C GLY B 17 -34.32 -49.30 26.35
N SER B 18 -34.61 -49.78 25.15
CA SER B 18 -33.71 -49.55 24.03
C SER B 18 -34.52 -49.29 22.77
N LEU B 19 -33.91 -48.57 21.84
CA LEU B 19 -34.59 -48.33 20.59
C LEU B 19 -33.53 -48.25 19.49
N ARG B 20 -33.99 -48.30 18.24
CA ARG B 20 -33.14 -48.22 17.08
C ARG B 20 -33.77 -47.28 16.05
N LEU B 21 -32.98 -46.30 15.61
CA LEU B 21 -33.35 -45.34 14.58
C LEU B 21 -32.62 -45.68 13.29
N SER B 22 -33.27 -45.34 12.17
CA SER B 22 -32.77 -45.63 10.84
C SER B 22 -32.67 -44.35 10.03
N CYS B 23 -31.66 -44.28 9.17
CA CYS B 23 -31.49 -43.20 8.23
C CYS B 23 -31.53 -43.80 6.83
N ALA B 24 -32.64 -43.59 6.13
CA ALA B 24 -32.89 -44.18 4.83
C ALA B 24 -32.33 -43.24 3.77
N VAL B 25 -31.13 -43.56 3.29
CA VAL B 25 -30.40 -42.68 2.38
C VAL B 25 -30.79 -43.02 0.95
N SER B 26 -31.04 -41.98 0.13
CA SER B 26 -31.34 -42.13 -1.29
C SER B 26 -30.51 -41.14 -2.11
N GLY B 27 -30.15 -41.53 -3.32
CA GLY B 27 -29.40 -40.66 -4.20
C GLY B 27 -27.90 -40.79 -4.10
N TYR B 28 -27.39 -41.60 -3.17
CA TYR B 28 -25.97 -41.84 -3.05
C TYR B 28 -25.74 -43.13 -2.29
N SER B 29 -24.67 -43.84 -2.62
CA SER B 29 -24.41 -45.12 -1.97
C SER B 29 -23.52 -44.87 -0.75
N ILE B 30 -24.04 -45.21 0.44
CA ILE B 30 -23.41 -44.87 1.71
C ILE B 30 -22.12 -45.65 1.93
N THR B 31 -21.80 -46.55 1.01
CA THR B 31 -20.50 -47.18 0.97
C THR B 31 -19.65 -46.59 -0.15
N SER B 32 -20.23 -45.71 -0.95
CA SER B 32 -19.49 -45.15 -2.07
C SER B 32 -18.60 -43.98 -1.65
N GLY B 33 -18.99 -43.23 -0.61
CA GLY B 33 -18.14 -42.16 -0.10
C GLY B 33 -18.80 -41.44 1.07
N TYR B 34 -18.04 -40.48 1.64
CA TYR B 34 -18.50 -39.56 2.67
C TYR B 34 -18.71 -40.21 4.04
N SER B 35 -18.98 -39.37 5.04
CA SER B 35 -19.18 -39.81 6.42
C SER B 35 -20.65 -39.63 6.79
N TRP B 36 -21.17 -40.57 7.56
CA TRP B 36 -22.61 -40.63 7.85
C TRP B 36 -22.82 -40.55 9.36
N ASN B 37 -23.49 -39.48 9.80
CA ASN B 37 -23.47 -39.09 11.20
C ASN B 37 -24.87 -39.07 11.80
N TRP B 38 -24.88 -39.12 13.14
CA TRP B 38 -26.07 -38.86 13.95
C TRP B 38 -25.83 -37.67 14.86
N ILE B 39 -26.71 -36.68 14.81
CA ILE B 39 -26.69 -35.52 15.69
C ILE B 39 -28.06 -35.35 16.30
N ARG B 40 -28.09 -35.11 17.60
CA ARG B 40 -29.35 -34.97 18.33
C ARG B 40 -29.33 -33.64 19.06
N GLN B 41 -30.52 -33.16 19.41
CA GLN B 41 -30.68 -31.82 19.97
C GLN B 41 -31.77 -31.85 21.03
N ALA B 42 -31.37 -31.64 22.28
CA ALA B 42 -32.35 -31.62 23.36
C ALA B 42 -33.26 -30.41 23.22
N PRO B 43 -34.54 -30.52 23.58
CA PRO B 43 -35.46 -29.39 23.35
C PRO B 43 -34.87 -28.10 23.91
N GLY B 44 -34.68 -27.11 23.04
CA GLY B 44 -34.01 -25.88 23.42
C GLY B 44 -32.64 -26.05 24.04
N LYS B 45 -31.90 -27.08 23.63
CA LYS B 45 -30.51 -27.16 24.03
C LYS B 45 -29.63 -27.14 22.77
N GLY B 46 -28.32 -27.15 22.99
CA GLY B 46 -27.39 -27.13 21.89
C GLY B 46 -27.33 -28.48 21.18
N LEU B 47 -26.74 -28.43 19.98
CA LEU B 47 -26.49 -29.68 19.25
C LEU B 47 -25.34 -30.45 19.85
N GLU B 48 -25.54 -31.78 19.95
CA GLU B 48 -24.53 -32.71 20.44
C GLU B 48 -24.30 -33.73 19.33
N TRP B 49 -23.04 -33.90 18.92
CA TRP B 49 -22.71 -34.90 17.90
C TRP B 49 -22.62 -36.28 18.54
N VAL B 50 -23.32 -37.26 17.98
CA VAL B 50 -23.47 -38.54 18.66
C VAL B 50 -22.58 -39.64 18.09
N ALA B 51 -22.66 -39.91 16.79
CA ALA B 51 -21.90 -41.01 16.21
C ALA B 51 -21.73 -40.83 14.71
N SER B 52 -20.67 -41.44 14.18
CA SER B 52 -20.33 -41.39 12.76
C SER B 52 -19.86 -42.77 12.27
N ILE B 53 -20.09 -43.02 10.97
CA ILE B 53 -19.58 -44.20 10.28
C ILE B 53 -19.22 -43.82 8.84
N THR B 54 -17.99 -44.15 8.42
CA THR B 54 -17.44 -43.86 7.10
C THR B 54 -17.90 -44.87 6.03
N TYR B 55 -17.63 -44.52 4.77
CA TYR B 55 -17.98 -45.42 3.67
C TYR B 55 -17.20 -46.72 3.78
N ASP B 56 -16.05 -46.68 4.45
CA ASP B 56 -15.17 -47.83 4.62
C ASP B 56 -15.39 -48.58 5.94
N GLY B 57 -16.38 -48.18 6.73
CA GLY B 57 -16.73 -48.98 7.90
C GLY B 57 -16.19 -48.48 9.21
N SER B 58 -15.34 -47.46 9.21
CA SER B 58 -14.78 -46.94 10.46
C SER B 58 -15.90 -46.35 11.32
N THR B 59 -15.81 -46.54 12.63
CA THR B 59 -16.75 -45.95 13.56
C THR B 59 -16.10 -44.91 14.47
N ASN B 60 -16.92 -43.95 14.89
CA ASN B 60 -16.51 -43.01 15.91
C ASN B 60 -17.73 -42.72 16.77
N TYR B 61 -17.51 -42.55 18.07
CA TYR B 61 -18.60 -42.31 19.00
C TYR B 61 -18.26 -41.10 19.86
N ASN B 62 -19.29 -40.48 20.41
CA ASN B 62 -19.03 -39.45 21.40
C ASN B 62 -18.82 -40.14 22.74
N PRO B 63 -17.69 -39.93 23.39
CA PRO B 63 -17.45 -40.62 24.67
C PRO B 63 -18.60 -40.48 25.66
N SER B 64 -19.39 -39.40 25.61
CA SER B 64 -20.48 -39.29 26.56
C SER B 64 -21.51 -40.40 26.42
N VAL B 65 -21.51 -41.12 25.29
CA VAL B 65 -22.46 -42.21 25.07
C VAL B 65 -21.80 -43.50 24.62
N LYS B 66 -20.48 -43.53 24.49
CA LYS B 66 -19.80 -44.77 24.11
C LYS B 66 -20.16 -45.85 25.12
N GLY B 67 -20.35 -47.05 24.63
CA GLY B 67 -20.65 -48.14 25.51
C GLY B 67 -22.13 -48.43 25.68
N ARG B 68 -23.00 -47.47 25.39
CA ARG B 68 -24.43 -47.76 25.33
C ARG B 68 -25.07 -47.32 24.01
N ILE B 69 -24.25 -46.90 23.03
CA ILE B 69 -24.72 -46.51 21.70
C ILE B 69 -23.92 -47.28 20.66
N THR B 70 -24.59 -47.74 19.62
CA THR B 70 -23.96 -48.48 18.53
C THR B 70 -24.44 -47.92 17.22
N ILE B 71 -23.53 -47.80 16.27
CA ILE B 71 -23.86 -47.36 14.92
C ILE B 71 -23.44 -48.44 13.93
N SER B 72 -24.37 -48.80 13.05
CA SER B 72 -24.23 -49.93 12.15
C SER B 72 -24.80 -49.53 10.79
N ARG B 73 -24.51 -50.32 9.77
CA ARG B 73 -25.01 -49.97 8.44
C ARG B 73 -25.51 -51.23 7.74
N ASP B 74 -26.28 -51.01 6.65
CA ASP B 74 -26.95 -52.06 5.89
C ASP B 74 -26.88 -51.68 4.41
N ASP B 75 -25.82 -52.12 3.72
CA ASP B 75 -25.59 -51.72 2.33
C ASP B 75 -26.82 -51.89 1.45
N SER B 76 -27.53 -53.03 1.56
CA SER B 76 -28.58 -53.32 0.57
C SER B 76 -29.75 -52.33 0.69
N LYS B 77 -30.13 -51.97 1.91
CA LYS B 77 -31.22 -51.02 2.08
C LYS B 77 -30.72 -49.58 2.09
N ASN B 78 -29.45 -49.36 1.75
CA ASN B 78 -28.84 -48.03 1.78
C ASN B 78 -29.35 -47.24 2.97
N THR B 79 -29.21 -47.84 4.14
CA THR B 79 -29.70 -47.32 5.41
C THR B 79 -28.59 -47.45 6.45
N PHE B 80 -28.63 -46.58 7.47
CA PHE B 80 -27.77 -46.80 8.64
C PHE B 80 -28.54 -46.47 9.91
N TYR B 81 -28.00 -46.91 11.04
CA TYR B 81 -28.82 -47.08 12.24
C TYR B 81 -28.12 -46.57 13.48
N LEU B 82 -28.94 -46.19 14.45
CA LEU B 82 -28.44 -45.83 15.77
C LEU B 82 -29.05 -46.78 16.80
N GLN B 83 -28.20 -47.56 17.45
CA GLN B 83 -28.62 -48.50 18.49
C GLN B 83 -28.38 -47.88 19.85
N MET B 84 -29.44 -47.80 20.64
CA MET B 84 -29.34 -47.19 21.94
C MET B 84 -29.96 -48.13 22.95
N ASN B 85 -29.21 -48.43 24.02
CA ASN B 85 -29.73 -49.25 25.10
C ASN B 85 -29.80 -48.39 26.36
N SER B 86 -30.70 -48.77 27.28
CA SER B 86 -30.83 -48.11 28.59
C SER B 86 -31.15 -46.61 28.46
N LEU B 87 -32.22 -46.30 27.73
CA LEU B 87 -32.59 -44.90 27.52
C LEU B 87 -32.76 -44.17 28.85
N ARG B 88 -32.30 -42.92 28.89
CA ARG B 88 -32.44 -42.01 30.01
C ARG B 88 -33.29 -40.82 29.60
N ALA B 89 -33.55 -39.93 30.56
CA ALA B 89 -34.26 -38.70 30.21
C ALA B 89 -33.39 -37.81 29.35
N GLU B 90 -32.09 -37.74 29.65
CA GLU B 90 -31.20 -36.90 28.87
C GLU B 90 -31.07 -37.36 27.42
N ASP B 91 -31.60 -38.52 27.06
CA ASP B 91 -31.59 -38.97 25.68
C ASP B 91 -32.73 -38.38 24.89
N THR B 92 -33.65 -37.71 25.58
CA THR B 92 -34.78 -37.07 24.93
C THR B 92 -34.26 -35.92 24.07
N ALA B 93 -34.58 -35.99 22.77
CA ALA B 93 -34.07 -35.02 21.82
C ALA B 93 -34.61 -35.31 20.42
N VAL B 94 -34.19 -34.50 19.47
CA VAL B 94 -34.45 -34.73 18.06
C VAL B 94 -33.20 -35.31 17.44
N TYR B 95 -33.35 -36.44 16.76
CA TYR B 95 -32.20 -37.12 16.18
C TYR B 95 -32.12 -36.85 14.69
N TYR B 96 -31.06 -36.18 14.26
CA TYR B 96 -30.82 -35.85 12.87
C TYR B 96 -29.71 -36.75 12.32
N CYS B 97 -29.85 -37.19 11.08
CA CYS B 97 -28.73 -37.81 10.39
C CYS B 97 -28.23 -36.87 9.30
N ALA B 98 -26.92 -36.86 9.09
CA ALA B 98 -26.31 -35.89 8.20
C ALA B 98 -25.12 -36.47 7.48
N ARG B 99 -24.94 -36.05 6.23
CA ARG B 99 -23.81 -36.45 5.41
C ARG B 99 -22.69 -35.43 5.51
N GLY B 100 -21.59 -35.84 6.12
CA GLY B 100 -20.44 -34.98 6.30
C GLY B 100 -19.51 -35.06 5.10
N SER B 101 -19.03 -33.91 4.66
CA SER B 101 -18.07 -33.83 3.58
C SER B 101 -16.68 -33.60 4.16
N HIS B 102 -15.67 -34.00 3.40
CA HIS B 102 -14.31 -34.22 3.88
C HIS B 102 -13.42 -33.09 3.41
N TYR B 103 -12.63 -32.55 4.34
CA TYR B 103 -11.71 -31.47 4.03
C TYR B 103 -10.38 -31.82 4.70
N PHE B 104 -9.44 -32.35 3.91
CA PHE B 104 -8.07 -32.57 4.38
C PHE B 104 -8.07 -33.21 5.76
N GLY B 105 -8.84 -34.28 5.88
CA GLY B 105 -8.93 -35.07 7.09
C GLY B 105 -9.90 -34.61 8.14
N HIS B 106 -10.75 -33.61 7.85
CA HIS B 106 -11.73 -33.11 8.81
C HIS B 106 -13.08 -33.01 8.10
N TRP B 107 -14.18 -33.20 8.84
CA TRP B 107 -15.51 -33.35 8.25
C TRP B 107 -16.46 -32.22 8.67
N HIS B 108 -17.28 -31.75 7.73
CA HIS B 108 -18.33 -30.78 7.99
C HIS B 108 -19.69 -31.28 7.49
N PHE B 109 -20.75 -30.77 8.08
CA PHE B 109 -22.06 -31.41 7.95
C PHE B 109 -22.90 -30.71 6.89
N ALA B 110 -22.64 -31.09 5.63
CA ALA B 110 -23.16 -30.33 4.50
C ALA B 110 -24.59 -30.68 4.11
N VAL B 111 -25.09 -31.86 4.50
CA VAL B 111 -26.43 -32.30 4.09
C VAL B 111 -27.14 -32.92 5.27
N TRP B 112 -28.36 -32.48 5.55
CA TRP B 112 -29.09 -32.98 6.72
C TRP B 112 -30.44 -33.56 6.35
N GLY B 113 -31.08 -34.17 7.36
CA GLY B 113 -32.43 -34.67 7.23
C GLY B 113 -33.32 -33.94 8.22
N GLN B 114 -34.63 -34.15 8.07
CA GLN B 114 -35.59 -33.34 8.83
C GLN B 114 -35.62 -33.67 10.32
N GLY B 115 -35.09 -34.79 10.73
CA GLY B 115 -35.13 -35.04 12.16
C GLY B 115 -36.25 -35.98 12.54
N THR B 116 -36.01 -36.74 13.60
CA THR B 116 -37.01 -37.58 14.23
C THR B 116 -36.88 -37.38 15.74
N LEU B 117 -38.02 -37.31 16.41
CA LEU B 117 -38.07 -36.97 17.83
C LEU B 117 -38.07 -38.23 18.69
N VAL B 118 -37.28 -38.22 19.75
CA VAL B 118 -37.26 -39.29 20.74
C VAL B 118 -37.60 -38.67 22.10
N THR B 119 -38.63 -39.22 22.75
CA THR B 119 -39.14 -38.71 24.03
C THR B 119 -39.14 -39.82 25.07
N VAL B 120 -38.52 -39.57 26.23
CA VAL B 120 -38.39 -40.58 27.28
C VAL B 120 -39.11 -40.12 28.55
N SER B 121 -39.91 -41.05 29.11
CA SER B 121 -40.72 -40.89 30.34
C SER B 121 -42.18 -40.57 30.00
N GLU C 2 44.53 -2.89 5.16
CA GLU C 2 44.81 -2.05 3.99
C GLU C 2 45.47 -2.85 2.85
N VAL C 3 44.62 -3.35 1.96
CA VAL C 3 45.03 -4.25 0.89
C VAL C 3 45.50 -3.49 -0.33
N GLN C 4 46.63 -3.89 -0.88
CA GLN C 4 47.23 -3.32 -2.09
C GLN C 4 47.51 -4.41 -3.13
N LEU C 5 47.28 -4.10 -4.39
CA LEU C 5 47.45 -5.00 -5.52
C LEU C 5 48.23 -4.30 -6.61
N VAL C 6 49.23 -4.95 -7.17
CA VAL C 6 50.03 -4.31 -8.22
C VAL C 6 50.25 -5.31 -9.36
N GLU C 7 49.80 -4.95 -10.56
CA GLU C 7 49.98 -5.79 -11.73
C GLU C 7 51.35 -5.57 -12.35
N SER C 8 51.81 -6.57 -13.11
CA SER C 8 53.08 -6.55 -13.83
C SER C 8 53.00 -7.50 -14.99
N GLY C 9 53.86 -7.27 -15.98
CA GLY C 9 54.00 -8.18 -17.10
C GLY C 9 53.39 -7.78 -18.42
N GLY C 10 52.87 -6.57 -18.55
CA GLY C 10 52.32 -6.10 -19.80
C GLY C 10 53.36 -5.65 -20.83
N GLY C 11 52.85 -5.26 -21.98
CA GLY C 11 53.70 -4.68 -23.00
C GLY C 11 53.10 -4.87 -24.38
N LEU C 12 53.91 -4.54 -25.37
CA LEU C 12 53.61 -4.93 -26.74
C LEU C 12 53.91 -6.41 -26.89
N VAL C 13 52.98 -7.15 -27.47
CA VAL C 13 53.03 -8.60 -27.54
C VAL C 13 52.71 -9.08 -28.95
N GLN C 14 53.12 -10.35 -29.26
CA GLN C 14 53.00 -10.84 -30.63
C GLN C 14 51.83 -11.82 -30.79
N PRO C 15 51.10 -11.75 -31.92
CA PRO C 15 49.97 -12.66 -32.11
C PRO C 15 50.38 -14.12 -32.06
N GLY C 16 49.47 -14.96 -31.59
CA GLY C 16 49.74 -16.38 -31.42
C GLY C 16 50.69 -16.73 -30.30
N GLY C 17 51.39 -15.77 -29.72
CA GLY C 17 52.29 -15.99 -28.61
C GLY C 17 51.56 -16.18 -27.30
N SER C 18 52.33 -16.06 -26.21
CA SER C 18 51.80 -16.33 -24.88
C SER C 18 52.30 -15.27 -23.93
N LEU C 19 51.50 -15.03 -22.89
CA LEU C 19 51.61 -13.86 -22.02
C LEU C 19 51.32 -14.25 -20.58
N ARG C 20 52.15 -13.77 -19.65
CA ARG C 20 52.01 -14.06 -18.23
C ARG C 20 52.04 -12.76 -17.46
N LEU C 21 50.98 -12.52 -16.72
CA LEU C 21 50.83 -11.37 -15.85
C LEU C 21 50.79 -11.86 -14.42
N SER C 22 51.18 -10.97 -13.51
CA SER C 22 51.20 -11.24 -12.08
C SER C 22 50.56 -10.07 -11.34
N CYS C 23 49.92 -10.36 -10.21
CA CYS C 23 49.38 -9.38 -9.27
C CYS C 23 50.05 -9.61 -7.92
N ALA C 24 50.93 -8.71 -7.49
CA ALA C 24 51.63 -8.82 -6.22
C ALA C 24 50.80 -8.15 -5.11
N VAL C 25 50.22 -8.96 -4.22
CA VAL C 25 49.35 -8.50 -3.14
C VAL C 25 50.14 -8.26 -1.85
N SER C 26 49.85 -7.11 -1.18
CA SER C 26 50.45 -6.70 0.09
C SER C 26 49.36 -6.35 1.08
N GLY C 27 49.62 -6.64 2.36
CA GLY C 27 48.70 -6.32 3.42
C GLY C 27 47.66 -7.38 3.72
N TYR C 28 47.55 -8.42 2.92
CA TYR C 28 46.65 -9.54 3.22
C TYR C 28 47.20 -10.79 2.56
N SER C 29 46.98 -11.93 3.20
CA SER C 29 47.51 -13.19 2.70
C SER C 29 46.46 -13.87 1.83
N ILE C 30 46.82 -14.15 0.58
CA ILE C 30 45.82 -14.57 -0.40
C ILE C 30 45.31 -15.98 -0.17
N THR C 31 45.80 -16.64 0.86
CA THR C 31 45.22 -17.90 1.28
C THR C 31 44.35 -17.73 2.53
N SER C 32 44.30 -16.50 3.09
CA SER C 32 43.50 -16.21 4.27
C SER C 32 42.05 -15.92 3.93
N GLY C 33 41.75 -15.41 2.75
CA GLY C 33 40.34 -15.22 2.42
C GLY C 33 40.11 -14.58 1.07
N TYR C 34 38.83 -14.39 0.77
CA TYR C 34 38.37 -13.59 -0.36
C TYR C 34 38.62 -14.28 -1.67
N SER C 35 38.13 -13.68 -2.74
CA SER C 35 38.34 -14.17 -4.08
C SER C 35 39.26 -13.19 -4.79
N TRP C 36 40.11 -13.71 -5.66
CA TRP C 36 41.15 -12.94 -6.34
C TRP C 36 40.97 -13.09 -7.85
N ASN C 37 40.63 -12.01 -8.53
CA ASN C 37 40.12 -12.13 -9.89
C ASN C 37 41.03 -11.37 -10.85
N TRP C 38 40.89 -11.71 -12.12
CA TRP C 38 41.42 -10.91 -13.21
C TRP C 38 40.24 -10.39 -14.03
N ILE C 39 40.20 -9.06 -14.24
CA ILE C 39 39.17 -8.36 -14.98
C ILE C 39 39.87 -7.53 -16.05
N ARG C 40 39.35 -7.54 -17.28
CA ARG C 40 40.00 -6.81 -18.36
C ARG C 40 39.03 -5.89 -19.08
N GLN C 41 39.59 -4.92 -19.79
CA GLN C 41 38.79 -3.91 -20.43
C GLN C 41 39.42 -3.64 -21.79
N ALA C 42 38.76 -4.11 -22.83
CA ALA C 42 39.25 -3.85 -24.17
C ALA C 42 39.06 -2.37 -24.51
N PRO C 43 39.93 -1.79 -25.37
CA PRO C 43 39.91 -0.34 -25.60
C PRO C 43 38.54 0.25 -25.93
N GLY C 44 38.06 1.13 -25.06
CA GLY C 44 36.71 1.63 -25.21
C GLY C 44 35.71 0.49 -25.34
N LYS C 45 35.57 -0.31 -24.29
CA LYS C 45 34.54 -1.33 -24.28
C LYS C 45 34.34 -1.79 -22.85
N GLY C 46 33.23 -2.46 -22.62
CA GLY C 46 32.87 -2.85 -21.28
C GLY C 46 33.94 -3.69 -20.60
N LEU C 47 33.83 -3.73 -19.29
CA LEU C 47 34.68 -4.62 -18.50
C LEU C 47 34.23 -6.06 -18.67
N GLU C 48 35.20 -6.96 -18.77
CA GLU C 48 34.96 -8.39 -18.89
C GLU C 48 35.63 -9.13 -17.75
N TRP C 49 34.85 -9.91 -16.98
CA TRP C 49 35.46 -10.76 -15.96
C TRP C 49 36.03 -12.01 -16.62
N VAL C 50 37.31 -12.29 -16.37
CA VAL C 50 38.07 -13.31 -17.10
C VAL C 50 38.29 -14.58 -16.27
N ALA C 51 38.86 -14.45 -15.08
CA ALA C 51 39.20 -15.63 -14.31
C ALA C 51 39.29 -15.25 -12.83
N SER C 52 39.03 -16.22 -11.98
CA SER C 52 39.12 -16.02 -10.55
C SER C 52 39.75 -17.24 -9.89
N ILE C 53 40.32 -17.01 -8.72
CA ILE C 53 40.78 -18.10 -7.89
C ILE C 53 40.42 -17.76 -6.46
N THR C 54 39.80 -18.71 -5.75
CA THR C 54 39.44 -18.52 -4.35
C THR C 54 40.65 -18.75 -3.44
N TYR C 55 40.51 -18.33 -2.17
CA TYR C 55 41.58 -18.52 -1.20
C TYR C 55 41.86 -20.00 -0.92
N ASP C 56 40.88 -20.89 -1.17
CA ASP C 56 41.02 -22.31 -0.94
C ASP C 56 41.47 -23.07 -2.20
N GLY C 57 41.77 -22.36 -3.28
CA GLY C 57 42.38 -22.96 -4.44
C GLY C 57 41.49 -23.19 -5.64
N SER C 58 40.17 -23.00 -5.53
CA SER C 58 39.28 -23.18 -6.69
C SER C 58 39.59 -22.18 -7.78
N THR C 59 39.64 -22.64 -9.02
CA THR C 59 39.76 -21.71 -10.12
C THR C 59 38.51 -21.75 -10.96
N ASN C 60 38.19 -20.59 -11.52
CA ASN C 60 36.95 -20.39 -12.26
C ASN C 60 37.22 -19.47 -13.46
N TYR C 61 36.56 -19.75 -14.57
CA TYR C 61 36.85 -19.01 -15.79
C TYR C 61 35.59 -18.52 -16.50
N ASN C 62 35.80 -17.50 -17.29
CA ASN C 62 34.77 -17.06 -18.20
C ASN C 62 34.76 -17.95 -19.43
N PRO C 63 33.60 -18.44 -19.87
CA PRO C 63 33.55 -19.22 -21.12
C PRO C 63 34.21 -18.55 -22.32
N SER C 64 34.26 -17.23 -22.40
CA SER C 64 34.90 -16.60 -23.54
C SER C 64 36.39 -16.92 -23.65
N VAL C 65 37.03 -17.31 -22.54
CA VAL C 65 38.46 -17.56 -22.54
C VAL C 65 38.82 -18.92 -21.94
N LYS C 66 37.86 -19.73 -21.52
CA LYS C 66 38.21 -21.01 -20.90
C LYS C 66 39.01 -21.86 -21.88
N GLY C 67 40.04 -22.52 -21.37
CA GLY C 67 40.86 -23.36 -22.21
C GLY C 67 42.14 -22.71 -22.68
N ARG C 68 42.12 -21.43 -23.00
CA ARG C 68 43.39 -20.82 -23.37
C ARG C 68 43.89 -19.86 -22.31
N ILE C 69 43.46 -20.04 -21.05
CA ILE C 69 43.88 -19.17 -19.97
C ILE C 69 43.85 -19.93 -18.65
N THR C 70 44.85 -19.65 -17.80
CA THR C 70 45.10 -20.31 -16.52
C THR C 70 45.35 -19.23 -15.49
N ILE C 71 44.75 -19.38 -14.32
CA ILE C 71 44.97 -18.47 -13.20
C ILE C 71 45.53 -19.30 -12.07
N SER C 72 46.69 -18.90 -11.57
CA SER C 72 47.48 -19.68 -10.64
C SER C 72 48.01 -18.73 -9.59
N ARG C 73 48.47 -19.30 -8.49
CA ARG C 73 49.02 -18.46 -7.43
C ARG C 73 50.30 -19.10 -6.92
N ASP C 74 51.05 -18.31 -6.14
CA ASP C 74 52.35 -18.69 -5.59
C ASP C 74 52.30 -18.26 -4.12
N ASP C 75 51.85 -19.18 -3.28
CA ASP C 75 51.68 -18.88 -1.87
C ASP C 75 52.90 -18.17 -1.28
N SER C 76 54.12 -18.60 -1.65
CA SER C 76 55.29 -18.06 -0.97
C SER C 76 55.46 -16.58 -1.30
N LYS C 77 55.23 -16.19 -2.55
CA LYS C 77 55.38 -14.81 -3.00
C LYS C 77 54.10 -14.00 -2.88
N ASN C 78 53.07 -14.54 -2.22
CA ASN C 78 51.76 -13.89 -2.10
C ASN C 78 51.38 -13.20 -3.41
N THR C 79 51.40 -13.97 -4.51
CA THR C 79 51.12 -13.48 -5.85
C THR C 79 50.10 -14.39 -6.53
N PHE C 80 49.39 -13.86 -7.51
CA PHE C 80 48.60 -14.73 -8.38
C PHE C 80 48.83 -14.23 -9.81
N TYR C 81 48.51 -15.09 -10.78
CA TYR C 81 49.02 -14.94 -12.15
C TYR C 81 47.93 -15.20 -13.15
N LEU C 82 48.08 -14.58 -14.32
CA LEU C 82 47.25 -14.86 -15.46
C LEU C 82 48.15 -15.32 -16.58
N GLN C 83 47.98 -16.57 -17.01
CA GLN C 83 48.70 -17.14 -18.13
C GLN C 83 47.74 -17.32 -19.30
N MET C 84 48.13 -16.80 -20.46
CA MET C 84 47.33 -16.81 -21.69
C MET C 84 48.11 -17.33 -22.89
N ASN C 85 47.53 -18.27 -23.62
CA ASN C 85 48.13 -18.78 -24.85
C ASN C 85 47.27 -18.44 -26.05
N SER C 86 47.90 -18.46 -27.22
CA SER C 86 47.24 -18.17 -28.51
C SER C 86 46.66 -16.76 -28.51
N LEU C 87 47.50 -15.77 -28.20
CA LEU C 87 47.05 -14.38 -28.16
C LEU C 87 46.41 -13.98 -29.48
N ARG C 88 45.28 -13.28 -29.36
CA ARG C 88 44.48 -12.78 -30.47
C ARG C 88 44.43 -11.26 -30.39
N ALA C 89 43.75 -10.66 -31.38
CA ALA C 89 43.47 -9.24 -31.32
C ALA C 89 42.50 -8.95 -30.19
N GLU C 90 41.54 -9.83 -29.98
CA GLU C 90 40.58 -9.69 -28.90
C GLU C 90 41.23 -9.61 -27.51
N ASP C 91 42.55 -9.86 -27.41
CA ASP C 91 43.21 -9.78 -26.11
C ASP C 91 43.88 -8.46 -25.84
N THR C 92 43.99 -7.59 -26.83
CA THR C 92 44.56 -6.28 -26.59
C THR C 92 43.64 -5.56 -25.63
N ALA C 93 44.14 -5.19 -24.46
CA ALA C 93 43.27 -4.66 -23.44
C ALA C 93 44.10 -4.16 -22.26
N VAL C 94 43.40 -3.64 -21.25
CA VAL C 94 44.01 -3.29 -19.99
C VAL C 94 43.55 -4.34 -19.00
N TYR C 95 44.50 -4.98 -18.33
CA TYR C 95 44.22 -6.08 -17.41
C TYR C 95 44.31 -5.57 -15.98
N TYR C 96 43.20 -5.65 -15.26
CA TYR C 96 43.09 -5.24 -13.88
C TYR C 96 42.93 -6.48 -13.01
N CYS C 97 43.60 -6.51 -11.86
CA CYS C 97 43.32 -7.51 -10.84
C CYS C 97 42.52 -6.89 -9.69
N ALA C 98 41.61 -7.67 -9.12
CA ALA C 98 40.72 -7.16 -8.09
C ALA C 98 40.44 -8.23 -7.04
N ARG C 99 40.26 -7.78 -5.78
CA ARG C 99 39.92 -8.66 -4.66
C ARG C 99 38.43 -8.66 -4.44
N GLY C 100 37.78 -9.79 -4.71
CA GLY C 100 36.34 -9.89 -4.54
C GLY C 100 35.98 -10.20 -3.11
N SER C 101 35.03 -9.44 -2.55
CA SER C 101 34.51 -9.62 -1.21
C SER C 101 33.16 -10.33 -1.24
N HIS C 102 32.83 -11.03 -0.15
CA HIS C 102 31.77 -12.04 -0.17
C HIS C 102 30.51 -11.56 0.55
N TYR C 103 29.36 -11.70 -0.11
CA TYR C 103 28.05 -11.34 0.46
C TYR C 103 27.09 -12.48 0.13
N PHE C 104 26.89 -13.37 1.09
CA PHE C 104 25.91 -14.45 1.02
C PHE C 104 26.02 -15.24 -0.28
N GLY C 105 27.23 -15.69 -0.58
CA GLY C 105 27.45 -16.50 -1.74
C GLY C 105 27.64 -15.74 -3.02
N HIS C 106 27.80 -14.43 -2.94
CA HIS C 106 27.99 -13.63 -4.11
C HIS C 106 29.17 -12.70 -3.85
N TRP C 107 29.89 -12.38 -4.92
CA TRP C 107 31.14 -11.66 -4.80
C TRP C 107 31.05 -10.31 -5.49
N HIS C 108 31.59 -9.27 -4.83
CA HIS C 108 31.75 -7.96 -5.43
C HIS C 108 33.19 -7.50 -5.28
N PHE C 109 33.61 -6.62 -6.19
CA PHE C 109 35.02 -6.30 -6.43
C PHE C 109 35.36 -5.05 -5.65
N ALA C 110 35.69 -5.25 -4.38
CA ALA C 110 35.84 -4.15 -3.45
C ALA C 110 37.21 -3.48 -3.53
N VAL C 111 38.23 -4.14 -4.05
CA VAL C 111 39.58 -3.58 -4.05
C VAL C 111 40.19 -3.92 -5.39
N TRP C 112 40.73 -2.93 -6.08
CA TRP C 112 41.32 -3.16 -7.40
C TRP C 112 42.77 -2.66 -7.38
N GLY C 113 43.47 -2.95 -8.48
CA GLY C 113 44.83 -2.50 -8.66
C GLY C 113 44.90 -1.54 -9.84
N GLN C 114 46.09 -1.00 -10.07
CA GLN C 114 46.21 0.08 -11.03
C GLN C 114 45.96 -0.30 -12.48
N GLY C 115 46.07 -1.58 -12.84
CA GLY C 115 45.87 -1.97 -14.22
C GLY C 115 47.20 -2.08 -14.98
N THR C 116 47.25 -3.01 -15.92
CA THR C 116 48.41 -3.13 -16.80
C THR C 116 47.95 -3.33 -18.24
N LEU C 117 48.63 -2.65 -19.15
CA LEU C 117 48.16 -2.51 -20.52
C LEU C 117 48.84 -3.56 -21.39
N VAL C 118 48.06 -4.26 -22.20
CA VAL C 118 48.59 -5.26 -23.11
C VAL C 118 48.13 -4.97 -24.54
N THR C 119 49.08 -4.91 -25.46
CA THR C 119 48.83 -4.63 -26.87
C THR C 119 49.37 -5.77 -27.72
N VAL C 120 48.52 -6.27 -28.61
CA VAL C 120 48.85 -7.39 -29.45
C VAL C 120 48.99 -6.86 -30.86
N SER C 121 50.23 -6.80 -31.35
CA SER C 121 50.51 -6.28 -32.67
C SER C 121 49.70 -7.01 -33.74
N SER C 122 49.52 -6.36 -34.89
CA SER C 122 48.75 -6.98 -35.96
C SER C 122 49.56 -8.07 -36.66
N SER D 2 13.42 38.26 -14.33
CA SER D 2 12.16 38.55 -13.61
C SER D 2 11.05 37.54 -13.95
N ASP D 3 11.30 36.74 -15.00
CA ASP D 3 10.52 35.64 -15.56
C ASP D 3 10.83 34.29 -14.89
N ILE D 4 10.12 33.25 -15.32
CA ILE D 4 10.39 31.88 -14.89
C ILE D 4 11.48 31.27 -15.76
N GLN D 5 12.54 30.77 -15.12
CA GLN D 5 13.67 30.13 -15.80
C GLN D 5 13.51 28.61 -15.77
N LEU D 6 13.78 27.96 -16.91
CA LEU D 6 13.80 26.51 -16.98
C LEU D 6 15.22 26.02 -17.27
N THR D 7 15.75 25.17 -16.39
CA THR D 7 17.02 24.49 -16.59
C THR D 7 16.75 23.04 -16.90
N GLN D 8 17.30 22.57 -18.01
CA GLN D 8 17.17 21.16 -18.37
C GLN D 8 18.48 20.44 -18.09
N SER D 9 18.37 19.15 -17.82
CA SER D 9 19.55 18.28 -17.69
C SER D 9 19.20 16.88 -18.12
N PRO D 10 20.13 16.21 -18.76
CA PRO D 10 21.43 16.80 -19.10
C PRO D 10 21.37 17.71 -20.33
N SER D 11 22.45 18.46 -20.52
CA SER D 11 22.56 19.30 -21.69
C SER D 11 22.57 18.48 -22.96
N SER D 12 23.35 17.41 -22.96
CA SER D 12 23.60 16.61 -24.15
C SER D 12 23.76 15.20 -23.66
N LEU D 13 23.31 14.23 -24.46
CA LEU D 13 23.47 12.81 -24.13
C LEU D 13 23.46 11.95 -25.37
N SER D 14 24.08 10.78 -25.24
CA SER D 14 24.22 9.79 -26.29
C SER D 14 23.58 8.47 -25.84
N ALA D 15 22.87 7.81 -26.76
CA ALA D 15 22.22 6.53 -26.50
C ALA D 15 22.11 5.72 -27.79
N SER D 16 21.57 4.53 -27.70
CA SER D 16 21.44 3.60 -28.82
C SER D 16 19.99 3.18 -28.95
N VAL D 17 19.63 2.70 -30.14
CA VAL D 17 18.24 2.35 -30.36
C VAL D 17 17.80 1.34 -29.31
N GLY D 18 16.59 1.53 -28.77
CA GLY D 18 16.07 0.65 -27.77
C GLY D 18 16.38 1.01 -26.34
N ASP D 19 17.27 1.98 -26.11
CA ASP D 19 17.58 2.41 -24.74
C ASP D 19 16.39 3.17 -24.11
N ARG D 20 16.50 3.37 -22.81
CA ARG D 20 15.58 4.24 -22.09
C ARG D 20 16.28 5.53 -21.66
N VAL D 21 15.80 6.67 -22.16
CA VAL D 21 16.38 7.97 -21.91
C VAL D 21 15.45 8.79 -21.02
N THR D 22 16.06 9.53 -20.08
CA THR D 22 15.35 10.36 -19.11
C THR D 22 15.91 11.77 -19.10
N ILE D 23 15.06 12.77 -19.38
CA ILE D 23 15.45 14.17 -19.37
C ILE D 23 14.73 14.92 -18.27
N THR D 24 15.42 15.91 -17.71
CA THR D 24 14.96 16.63 -16.55
C THR D 24 14.81 18.09 -16.93
N CYS D 25 13.73 18.71 -16.45
CA CYS D 25 13.49 20.13 -16.55
C CYS D 25 13.27 20.65 -15.15
N ARG D 26 13.94 21.73 -14.79
CA ARG D 26 13.73 22.34 -13.48
C ARG D 26 13.36 23.80 -13.66
N ALA D 27 12.23 24.18 -13.09
CA ALA D 27 11.74 25.53 -13.20
C ALA D 27 12.22 26.34 -12.01
N SER D 28 12.50 27.63 -12.25
CA SER D 28 12.95 28.53 -11.19
C SER D 28 11.90 28.69 -10.09
N GLN D 29 10.62 28.58 -10.44
CA GLN D 29 9.56 28.57 -9.43
C GLN D 29 8.42 27.67 -9.90
N SER D 30 7.56 27.30 -8.96
CA SER D 30 6.50 26.33 -9.25
C SER D 30 5.66 26.72 -10.46
N VAL D 31 5.30 25.73 -11.27
CA VAL D 31 4.38 25.95 -12.38
C VAL D 31 3.08 25.19 -12.16
N ASP D 32 2.72 24.94 -10.91
CA ASP D 32 1.45 24.29 -10.56
C ASP D 32 0.33 25.30 -10.25
N TYR D 33 -0.88 24.93 -10.64
CA TYR D 33 -2.10 25.66 -10.29
C TYR D 33 -3.27 24.78 -10.67
N ASP D 34 -4.28 24.71 -9.81
CA ASP D 34 -5.52 24.00 -10.11
C ASP D 34 -5.31 22.51 -10.30
N GLY D 35 -4.34 21.94 -9.59
CA GLY D 35 -4.09 20.50 -9.62
C GLY D 35 -3.38 20.00 -10.86
N ASP D 36 -2.78 20.91 -11.63
CA ASP D 36 -2.12 20.57 -12.88
C ASP D 36 -0.76 21.26 -12.91
N SER D 37 0.06 20.81 -13.86
CA SER D 37 1.41 21.34 -14.00
C SER D 37 1.57 21.72 -15.45
N TYR D 38 1.90 22.98 -15.71
CA TYR D 38 1.85 23.52 -17.06
C TYR D 38 3.23 23.51 -17.70
N MET D 39 3.74 22.29 -17.84
CA MET D 39 5.03 22.05 -18.45
C MET D 39 4.81 21.27 -19.74
N ASN D 40 5.35 21.79 -20.85
CA ASN D 40 5.19 21.16 -22.15
C ASN D 40 6.53 20.74 -22.70
N TRP D 41 6.53 19.68 -23.51
CA TRP D 41 7.73 19.05 -24.04
C TRP D 41 7.70 19.05 -25.56
N TYR D 42 8.77 19.55 -26.17
CA TYR D 42 8.81 19.65 -27.61
C TYR D 42 10.03 18.92 -28.12
N GLN D 43 9.90 18.39 -29.34
CA GLN D 43 10.99 17.78 -30.08
C GLN D 43 11.32 18.63 -31.30
N GLN D 44 12.61 18.87 -31.56
CA GLN D 44 13.05 19.65 -32.71
C GLN D 44 14.21 18.99 -33.45
N LYS D 45 13.94 18.49 -34.64
CA LYS D 45 15.06 18.03 -35.45
C LYS D 45 15.69 19.17 -36.23
N PRO D 46 16.97 19.06 -36.56
CA PRO D 46 17.72 20.22 -37.05
C PRO D 46 17.15 20.73 -38.36
N GLY D 47 17.08 22.05 -38.46
CA GLY D 47 16.54 22.71 -39.65
C GLY D 47 15.06 22.60 -39.81
N LYS D 48 14.36 22.20 -38.75
CA LYS D 48 12.93 21.96 -38.72
C LYS D 48 12.31 22.64 -37.50
N ALA D 49 11.12 22.75 -37.54
CA ALA D 49 10.49 23.44 -36.47
C ALA D 49 10.04 22.47 -35.40
N PRO D 50 10.01 22.88 -34.14
CA PRO D 50 9.54 21.99 -33.10
C PRO D 50 8.25 21.24 -33.40
N LYS D 51 8.06 20.16 -32.65
CA LYS D 51 6.87 19.34 -32.67
C LYS D 51 6.46 19.14 -31.21
N LEU D 52 5.19 19.33 -30.93
CA LEU D 52 4.71 19.19 -29.56
C LEU D 52 4.49 17.72 -29.25
N LEU D 53 4.96 17.29 -28.07
CA LEU D 53 4.83 15.91 -27.61
C LEU D 53 3.90 15.80 -26.42
N ILE D 54 4.16 16.54 -25.37
CA ILE D 54 3.43 16.42 -24.12
C ILE D 54 3.06 17.82 -23.61
N TYR D 55 1.83 17.97 -23.15
CA TYR D 55 1.36 19.22 -22.57
C TYR D 55 0.80 18.97 -21.20
N ALA D 56 0.89 19.96 -20.34
CA ALA D 56 0.39 19.79 -18.99
C ALA D 56 1.12 18.65 -18.28
N ALA D 57 2.42 18.52 -18.56
CA ALA D 57 3.32 17.61 -17.84
C ALA D 57 3.24 16.16 -18.30
N SER D 58 2.03 15.63 -18.47
CA SER D 58 1.83 14.20 -18.59
C SER D 58 0.85 13.77 -19.68
N TYR D 59 0.32 14.69 -20.46
CA TYR D 59 -0.69 14.36 -21.44
C TYR D 59 -0.09 14.37 -22.84
N LEU D 60 -0.42 13.34 -23.62
CA LEU D 60 0.20 13.10 -24.90
C LEU D 60 -0.50 13.87 -25.98
N GLU D 61 0.25 14.61 -26.79
CA GLU D 61 -0.37 15.20 -27.96
C GLU D 61 -0.83 14.07 -28.87
N SER D 62 -1.85 14.32 -29.66
CA SER D 62 -2.38 13.28 -30.52
C SER D 62 -1.37 12.87 -31.58
N GLY D 63 -1.32 11.57 -31.87
CA GLY D 63 -0.41 11.00 -32.84
C GLY D 63 1.00 10.84 -32.35
N VAL D 64 1.23 10.98 -31.05
CA VAL D 64 2.55 10.87 -30.46
C VAL D 64 2.71 9.45 -29.94
N PRO D 65 3.79 8.75 -30.29
CA PRO D 65 3.94 7.35 -29.86
C PRO D 65 3.89 7.22 -28.35
N SER D 66 3.21 6.17 -27.87
CA SER D 66 3.08 5.97 -26.43
C SER D 66 4.42 5.86 -25.72
N ARG D 67 5.52 5.62 -26.45
CA ARG D 67 6.80 5.50 -25.76
C ARG D 67 7.23 6.79 -25.09
N PHE D 68 6.73 7.93 -25.54
CA PHE D 68 6.96 9.21 -24.85
C PHE D 68 6.04 9.32 -23.65
N SER D 69 6.59 9.72 -22.52
CA SER D 69 5.79 9.88 -21.32
C SER D 69 6.38 11.07 -20.58
N GLY D 70 5.53 11.79 -19.86
CA GLY D 70 5.99 12.90 -19.06
C GLY D 70 5.49 12.76 -17.64
N SER D 71 6.22 13.37 -16.72
CA SER D 71 5.82 13.32 -15.32
C SER D 71 6.49 14.46 -14.58
N GLY D 72 6.04 14.67 -13.36
CA GLY D 72 6.56 15.71 -12.50
C GLY D 72 5.46 16.61 -11.96
N SER D 73 5.88 17.48 -11.03
CA SER D 73 5.06 18.51 -10.41
C SER D 73 5.97 19.59 -9.85
N GLY D 74 5.38 20.75 -9.57
CA GLY D 74 6.14 21.86 -8.99
C GLY D 74 7.23 22.40 -9.90
N THR D 75 8.49 22.16 -9.56
CA THR D 75 9.59 22.65 -10.38
C THR D 75 10.47 21.55 -10.97
N ASP D 76 10.10 20.26 -10.81
CA ASP D 76 10.91 19.13 -11.25
C ASP D 76 10.10 18.27 -12.21
N PHE D 77 10.48 18.26 -13.48
CA PHE D 77 9.74 17.53 -14.50
C PHE D 77 10.68 16.68 -15.33
N THR D 78 10.14 15.57 -15.80
CA THR D 78 10.95 14.57 -16.48
C THR D 78 10.19 14.05 -17.69
N LEU D 79 10.88 14.05 -18.83
CA LEU D 79 10.43 13.41 -20.06
C LEU D 79 11.14 12.06 -20.14
N THR D 80 10.39 10.99 -20.40
CA THR D 80 10.96 9.65 -20.47
C THR D 80 10.61 9.02 -21.81
N ILE D 81 11.64 8.65 -22.56
CA ILE D 81 11.49 7.83 -23.75
C ILE D 81 11.81 6.40 -23.39
N SER D 82 10.79 5.56 -23.42
CA SER D 82 10.94 4.21 -22.92
C SER D 82 11.80 3.36 -23.86
N SER D 83 11.68 3.56 -25.17
CA SER D 83 12.41 2.76 -26.15
C SER D 83 12.84 3.64 -27.30
N LEU D 84 14.09 4.10 -27.25
CA LEU D 84 14.57 5.01 -28.28
C LEU D 84 14.39 4.36 -29.66
N GLN D 85 14.21 5.19 -30.66
CA GLN D 85 14.03 4.79 -32.05
C GLN D 85 14.89 5.68 -32.94
N PRO D 86 15.14 5.25 -34.17
CA PRO D 86 16.06 6.04 -35.01
C PRO D 86 15.61 7.48 -35.19
N GLU D 87 14.32 7.71 -35.33
CA GLU D 87 13.75 9.02 -35.58
C GLU D 87 13.69 9.91 -34.35
N ASP D 88 13.90 9.34 -33.16
CA ASP D 88 13.81 10.08 -31.92
C ASP D 88 15.06 10.94 -31.62
N PHE D 89 16.03 11.02 -32.53
CA PHE D 89 17.29 11.71 -32.22
C PHE D 89 17.11 13.15 -32.63
N ALA D 90 17.00 14.03 -31.64
CA ALA D 90 16.51 15.38 -31.82
C ALA D 90 16.86 16.20 -30.60
N THR D 91 16.70 17.50 -30.67
CA THR D 91 16.81 18.29 -29.46
C THR D 91 15.43 18.44 -28.82
N TYR D 92 15.40 18.38 -27.50
CA TYR D 92 14.15 18.32 -26.74
C TYR D 92 14.05 19.51 -25.80
N TYR D 93 12.92 20.22 -25.84
CA TYR D 93 12.67 21.41 -25.04
C TYR D 93 11.46 21.22 -24.13
N CYS D 94 11.58 21.82 -22.94
CA CYS D 94 10.47 21.99 -22.03
C CYS D 94 10.11 23.47 -22.01
N GLN D 95 8.83 23.75 -21.84
CA GLN D 95 8.38 25.13 -21.84
C GLN D 95 7.19 25.24 -20.92
N GLN D 96 7.23 26.26 -20.04
CA GLN D 96 6.18 26.44 -19.04
C GLN D 96 5.13 27.41 -19.57
N SER D 97 3.87 27.04 -19.35
CA SER D 97 2.70 27.79 -19.78
C SER D 97 1.91 28.30 -18.60
N HIS D 98 2.58 28.48 -17.47
CA HIS D 98 1.94 28.84 -16.21
C HIS D 98 1.73 30.33 -16.06
N GLU D 99 2.71 31.10 -16.50
CA GLU D 99 2.80 32.50 -16.17
C GLU D 99 3.45 33.22 -17.34
N ASP D 100 2.98 34.44 -17.63
CA ASP D 100 3.55 35.18 -18.74
C ASP D 100 4.79 35.89 -18.30
N PRO D 101 5.79 35.99 -19.18
CA PRO D 101 5.86 35.42 -20.53
C PRO D 101 6.22 33.94 -20.53
N TYR D 102 5.61 33.19 -21.44
CA TYR D 102 5.97 31.78 -21.65
C TYR D 102 7.46 31.64 -21.93
N THR D 103 8.08 30.66 -21.28
CA THR D 103 9.51 30.44 -21.41
C THR D 103 9.82 28.99 -21.73
N PHE D 104 10.93 28.80 -22.44
CA PHE D 104 11.47 27.52 -22.79
C PHE D 104 12.74 27.26 -22.01
N GLY D 105 13.03 25.99 -21.78
CA GLY D 105 14.36 25.57 -21.36
C GLY D 105 15.31 25.77 -22.51
N GLN D 106 16.60 25.50 -22.26
CA GLN D 106 17.62 25.66 -23.30
C GLN D 106 17.78 24.44 -24.20
N GLY D 107 17.25 23.29 -23.83
CA GLY D 107 17.28 22.15 -24.72
C GLY D 107 18.27 21.06 -24.31
N THR D 108 17.92 19.81 -24.63
CA THR D 108 18.76 18.65 -24.42
C THR D 108 18.95 17.96 -25.75
N LYS D 109 20.21 17.86 -26.17
CA LYS D 109 20.55 17.27 -27.45
C LYS D 109 20.74 15.77 -27.26
N VAL D 110 19.95 14.99 -27.95
CA VAL D 110 19.99 13.53 -27.87
C VAL D 110 20.57 13.02 -29.18
N GLU D 111 21.84 12.62 -29.14
CA GLU D 111 22.58 12.18 -30.32
C GLU D 111 22.88 10.69 -30.24
N ILE D 112 23.06 10.08 -31.40
CA ILE D 112 23.25 8.64 -31.48
C ILE D 112 24.70 8.31 -31.12
N LYS D 113 24.86 7.17 -30.44
CA LYS D 113 26.14 6.69 -29.91
C LYS D 113 27.13 6.45 -31.02
N GLY D 114 28.25 7.17 -30.97
CA GLY D 114 29.20 7.26 -32.06
C GLY D 114 29.62 8.69 -32.32
N GLY D 115 29.45 9.16 -33.55
CA GLY D 115 29.85 10.50 -33.91
C GLY D 115 28.95 11.14 -34.94
N SER D 116 28.25 12.21 -34.54
CA SER D 116 27.32 12.95 -35.41
C SER D 116 28.01 14.14 -36.08
N GLY E 1 -14.99 -34.16 30.41
CA GLY E 1 -14.95 -32.71 30.27
C GLY E 1 -13.69 -32.14 29.63
N SER E 2 -12.86 -33.04 29.10
CA SER E 2 -11.67 -32.67 28.33
C SER E 2 -11.97 -32.32 26.89
N ASP E 3 -13.25 -32.15 26.54
CA ASP E 3 -13.64 -31.81 25.18
C ASP E 3 -13.39 -30.34 24.93
N ILE E 4 -13.55 -29.94 23.68
CA ILE E 4 -13.41 -28.54 23.31
C ILE E 4 -14.76 -27.87 23.46
N GLN E 5 -14.84 -26.87 24.34
CA GLN E 5 -16.10 -26.19 24.61
C GLN E 5 -16.14 -24.88 23.82
N LEU E 6 -17.22 -24.66 23.10
CA LEU E 6 -17.38 -23.47 22.27
C LEU E 6 -18.42 -22.56 22.90
N THR E 7 -18.00 -21.34 23.19
CA THR E 7 -18.85 -20.32 23.78
C THR E 7 -19.10 -19.24 22.74
N GLN E 8 -20.38 -18.98 22.44
CA GLN E 8 -20.79 -17.91 21.52
C GLN E 8 -21.35 -16.67 22.22
N SER E 9 -21.20 -15.54 21.55
CA SER E 9 -21.80 -14.29 22.01
C SER E 9 -22.10 -13.39 20.83
N PRO E 10 -23.24 -12.69 20.89
CA PRO E 10 -24.16 -12.83 22.02
C PRO E 10 -24.98 -14.06 21.91
N SER E 11 -25.67 -14.43 23.00
CA SER E 11 -26.66 -15.49 22.94
C SER E 11 -27.88 -15.07 22.10
N SER E 12 -28.32 -13.83 22.26
CA SER E 12 -29.53 -13.32 21.66
C SER E 12 -29.24 -11.89 21.21
N LEU E 13 -29.87 -11.49 20.11
CA LEU E 13 -29.72 -10.12 19.63
C LEU E 13 -30.89 -9.76 18.72
N SER E 14 -31.14 -8.46 18.63
CA SER E 14 -32.22 -7.88 17.84
C SER E 14 -31.60 -7.01 16.76
N ALA E 15 -32.13 -7.10 15.55
CA ALA E 15 -31.60 -6.27 14.48
C ALA E 15 -32.74 -5.95 13.52
N SER E 16 -32.39 -5.18 12.50
CA SER E 16 -33.35 -4.73 11.52
C SER E 16 -32.78 -5.10 10.16
N VAL E 17 -33.67 -5.21 9.17
CA VAL E 17 -33.21 -5.59 7.85
C VAL E 17 -32.21 -4.56 7.37
N GLY E 18 -31.08 -5.02 6.83
CA GLY E 18 -29.98 -4.19 6.38
C GLY E 18 -28.84 -3.99 7.36
N ASP E 19 -28.98 -4.40 8.62
CA ASP E 19 -27.90 -4.25 9.58
C ASP E 19 -26.74 -5.20 9.30
N ARG E 20 -25.66 -4.96 10.02
CA ARG E 20 -24.54 -5.86 10.05
C ARG E 20 -24.61 -6.60 11.37
N VAL E 21 -24.65 -7.92 11.30
CA VAL E 21 -24.68 -8.77 12.46
C VAL E 21 -23.31 -9.44 12.54
N THR E 22 -22.76 -9.50 13.75
CA THR E 22 -21.46 -10.14 13.98
C THR E 22 -21.58 -11.11 15.14
N ILE E 23 -21.31 -12.38 14.90
CA ILE E 23 -21.38 -13.38 15.96
C ILE E 23 -20.00 -13.98 16.23
N THR E 24 -19.75 -14.28 17.50
CA THR E 24 -18.42 -14.67 17.96
C THR E 24 -18.43 -16.05 18.59
N CYS E 25 -17.38 -16.83 18.31
CA CYS E 25 -17.18 -18.15 18.90
C CYS E 25 -15.79 -18.17 19.54
N ARG E 26 -15.72 -18.64 20.79
CA ARG E 26 -14.45 -18.76 21.53
C ARG E 26 -14.27 -20.20 22.00
N ALA E 27 -13.19 -20.83 21.56
CA ALA E 27 -12.94 -22.25 21.83
C ALA E 27 -12.04 -22.41 23.04
N SER E 28 -12.25 -23.51 23.76
CA SER E 28 -11.46 -23.80 24.95
C SER E 28 -9.98 -23.96 24.61
N GLN E 29 -9.68 -24.50 23.43
CA GLN E 29 -8.29 -24.62 23.02
C GLN E 29 -8.18 -24.46 21.50
N SER E 30 -6.97 -24.22 21.02
CA SER E 30 -6.76 -23.94 19.61
C SER E 30 -7.35 -25.04 18.74
N VAL E 31 -8.01 -24.63 17.66
CA VAL E 31 -8.50 -25.57 16.65
C VAL E 31 -7.76 -25.30 15.34
N ASP E 32 -6.54 -24.78 15.45
CA ASP E 32 -5.69 -24.57 14.30
C ASP E 32 -4.83 -25.80 14.06
N TYR E 33 -4.61 -26.09 12.78
CA TYR E 33 -3.67 -27.13 12.37
C TYR E 33 -3.36 -27.07 10.89
N ASP E 34 -2.07 -27.13 10.54
CA ASP E 34 -1.63 -27.25 9.16
C ASP E 34 -2.07 -26.05 8.30
N GLY E 35 -2.03 -24.85 8.90
CA GLY E 35 -2.36 -23.63 8.18
C GLY E 35 -3.84 -23.39 7.96
N ASP E 36 -4.70 -24.10 8.67
CA ASP E 36 -6.15 -23.91 8.60
C ASP E 36 -6.77 -24.01 9.99
N SER E 37 -8.02 -23.54 10.07
CA SER E 37 -8.78 -23.52 11.31
C SER E 37 -10.10 -24.22 11.03
N TYR E 38 -10.41 -25.23 11.85
CA TYR E 38 -11.48 -26.16 11.59
C TYR E 38 -12.74 -25.76 12.37
N MET E 39 -13.25 -24.60 12.01
CA MET E 39 -14.46 -24.05 12.60
C MET E 39 -15.53 -23.91 11.53
N ASN E 40 -16.71 -24.47 11.79
CA ASN E 40 -17.81 -24.43 10.84
C ASN E 40 -18.98 -23.71 11.47
N TRP E 41 -19.77 -23.04 10.63
CA TRP E 41 -20.88 -22.19 11.05
C TRP E 41 -22.15 -22.69 10.39
N TYR E 42 -23.21 -22.89 11.19
CA TYR E 42 -24.50 -23.40 10.71
C TYR E 42 -25.63 -22.46 11.08
N GLN E 43 -26.66 -22.46 10.25
CA GLN E 43 -27.88 -21.72 10.49
C GLN E 43 -29.02 -22.70 10.70
N GLN E 44 -29.83 -22.47 11.73
CA GLN E 44 -30.96 -23.34 12.01
C GLN E 44 -32.19 -22.47 12.22
N LYS E 45 -33.12 -22.57 11.30
CA LYS E 45 -34.40 -21.94 11.51
C LYS E 45 -35.29 -22.86 12.34
N PRO E 46 -36.29 -22.32 13.02
CA PRO E 46 -37.05 -23.11 13.99
C PRO E 46 -37.82 -24.25 13.33
N GLY E 47 -37.75 -25.42 13.96
CA GLY E 47 -38.42 -26.62 13.50
C GLY E 47 -37.86 -27.26 12.26
N LYS E 48 -36.74 -26.75 11.76
CA LYS E 48 -36.02 -27.33 10.64
C LYS E 48 -34.60 -27.67 11.08
N ALA E 49 -34.02 -28.63 10.40
CA ALA E 49 -32.66 -29.02 10.68
C ALA E 49 -31.70 -27.91 10.26
N PRO E 50 -30.54 -27.83 10.93
CA PRO E 50 -29.48 -26.89 10.53
C PRO E 50 -29.09 -26.91 9.06
N LYS E 51 -28.43 -25.83 8.65
CA LYS E 51 -27.87 -25.71 7.32
C LYS E 51 -26.43 -25.24 7.45
N LEU E 52 -25.54 -25.84 6.67
CA LEU E 52 -24.14 -25.46 6.74
C LEU E 52 -23.92 -24.19 5.94
N LEU E 53 -23.21 -23.22 6.51
CA LEU E 53 -22.89 -21.96 5.85
C LEU E 53 -21.43 -21.80 5.52
N ILE E 54 -20.56 -22.01 6.49
CA ILE E 54 -19.13 -21.82 6.30
C ILE E 54 -18.40 -22.97 6.96
N TYR E 55 -17.37 -23.46 6.29
CA TYR E 55 -16.48 -24.51 6.81
C TYR E 55 -15.04 -24.03 6.77
N ALA E 56 -14.23 -24.54 7.69
CA ALA E 56 -12.82 -24.17 7.76
C ALA E 56 -12.63 -22.69 8.07
N ALA E 57 -13.54 -22.14 8.89
CA ALA E 57 -13.44 -20.78 9.42
C ALA E 57 -13.95 -19.74 8.44
N SER E 58 -13.60 -19.88 7.16
CA SER E 58 -13.75 -18.81 6.20
C SER E 58 -14.22 -19.23 4.80
N TYR E 59 -14.54 -20.48 4.54
CA TYR E 59 -14.93 -20.88 3.20
C TYR E 59 -16.44 -21.07 3.15
N LEU E 60 -17.06 -20.47 2.15
CA LEU E 60 -18.52 -20.43 2.06
C LEU E 60 -19.03 -21.69 1.37
N GLU E 61 -19.96 -22.40 2.01
CA GLU E 61 -20.50 -23.60 1.38
C GLU E 61 -21.25 -23.21 0.11
N SER E 62 -21.26 -24.13 -0.86
CA SER E 62 -21.79 -23.76 -2.17
C SER E 62 -23.26 -23.42 -2.06
N GLY E 63 -23.68 -22.41 -2.81
CA GLY E 63 -25.05 -21.96 -2.75
C GLY E 63 -25.35 -21.13 -1.54
N VAL E 64 -24.33 -20.64 -0.85
CA VAL E 64 -24.55 -19.83 0.33
C VAL E 64 -24.52 -18.36 -0.10
N PRO E 65 -25.51 -17.57 0.32
CA PRO E 65 -25.53 -16.16 -0.10
C PRO E 65 -24.24 -15.46 0.25
N SER E 66 -23.80 -14.60 -0.68
CA SER E 66 -22.53 -13.90 -0.55
C SER E 66 -22.42 -13.01 0.68
N ARG E 67 -23.54 -12.59 1.28
CA ARG E 67 -23.49 -11.71 2.44
C ARG E 67 -22.93 -12.39 3.67
N PHE E 68 -22.99 -13.72 3.72
CA PHE E 68 -22.38 -14.48 4.81
C PHE E 68 -20.88 -14.57 4.62
N SER E 69 -20.17 -14.37 5.72
CA SER E 69 -18.73 -14.36 5.71
C SER E 69 -18.24 -14.84 7.05
N GLY E 70 -17.13 -15.56 7.04
CA GLY E 70 -16.53 -16.05 8.27
C GLY E 70 -15.08 -15.62 8.33
N SER E 71 -14.58 -15.50 9.55
CA SER E 71 -13.20 -15.09 9.74
C SER E 71 -12.75 -15.51 11.14
N GLY E 72 -11.44 -15.55 11.33
CA GLY E 72 -10.86 -15.94 12.60
C GLY E 72 -9.77 -17.01 12.46
N SER E 73 -9.08 -17.21 13.58
CA SER E 73 -8.02 -18.18 13.75
C SER E 73 -7.85 -18.41 15.25
N GLY E 74 -7.03 -19.40 15.59
CA GLY E 74 -6.73 -19.72 16.98
C GLY E 74 -7.95 -20.20 17.73
N THR E 75 -8.43 -19.41 18.67
CA THR E 75 -9.62 -19.74 19.44
C THR E 75 -10.73 -18.73 19.25
N ASP E 76 -10.59 -17.80 18.31
CA ASP E 76 -11.48 -16.66 18.08
C ASP E 76 -11.96 -16.67 16.63
N PHE E 77 -13.27 -16.88 16.45
CA PHE E 77 -13.85 -16.92 15.11
C PHE E 77 -15.09 -16.05 15.03
N THR E 78 -15.39 -15.54 13.84
CA THR E 78 -16.49 -14.59 13.69
C THR E 78 -17.31 -14.91 12.44
N LEU E 79 -18.63 -15.01 12.63
CA LEU E 79 -19.59 -15.05 11.52
C LEU E 79 -20.15 -13.64 11.36
N THR E 80 -20.16 -13.15 10.12
CA THR E 80 -20.61 -11.81 9.80
C THR E 80 -21.70 -11.86 8.76
N ILE E 81 -22.86 -11.33 9.10
CA ILE E 81 -23.90 -11.11 8.11
C ILE E 81 -23.78 -9.64 7.72
N SER E 82 -23.32 -9.37 6.50
CA SER E 82 -22.95 -8.01 6.15
C SER E 82 -24.16 -7.12 6.02
N SER E 83 -25.27 -7.67 5.54
CA SER E 83 -26.53 -6.94 5.34
C SER E 83 -27.68 -7.87 5.68
N LEU E 84 -28.13 -7.84 6.93
CA LEU E 84 -29.15 -8.78 7.37
C LEU E 84 -30.30 -8.78 6.40
N GLN E 85 -31.01 -9.91 6.33
CA GLN E 85 -32.13 -10.05 5.41
C GLN E 85 -33.33 -10.66 6.11
N PRO E 86 -34.51 -10.48 5.54
CA PRO E 86 -35.72 -10.94 6.22
C PRO E 86 -35.71 -12.43 6.56
N GLU E 87 -35.13 -13.29 5.73
CA GLU E 87 -35.09 -14.73 6.00
C GLU E 87 -33.99 -15.14 6.97
N ASP E 88 -32.99 -14.29 7.23
CA ASP E 88 -31.83 -14.65 8.04
C ASP E 88 -32.09 -14.69 9.54
N PHE E 89 -33.32 -14.50 9.99
CA PHE E 89 -33.59 -14.54 11.42
C PHE E 89 -33.70 -16.00 11.84
N ALA E 90 -32.84 -16.39 12.77
CA ALA E 90 -32.56 -17.79 12.98
C ALA E 90 -31.60 -17.88 14.15
N THR E 91 -31.35 -19.10 14.61
CA THR E 91 -30.27 -19.38 15.53
C THR E 91 -29.06 -19.85 14.73
N TYR E 92 -27.86 -19.46 15.17
CA TYR E 92 -26.60 -19.69 14.46
C TYR E 92 -25.64 -20.43 15.38
N TYR E 93 -25.05 -21.52 14.88
CA TYR E 93 -24.13 -22.36 15.67
C TYR E 93 -22.75 -22.43 15.04
N CYS E 94 -21.73 -22.44 15.89
CA CYS E 94 -20.37 -22.78 15.48
C CYS E 94 -20.07 -24.18 15.96
N GLN E 95 -19.26 -24.89 15.19
CA GLN E 95 -18.89 -26.26 15.52
C GLN E 95 -17.47 -26.47 15.05
N GLN E 96 -16.64 -27.04 15.91
CA GLN E 96 -15.25 -27.33 15.60
C GLN E 96 -15.10 -28.78 15.12
N SER E 97 -14.26 -28.97 14.10
CA SER E 97 -14.00 -30.29 13.56
C SER E 97 -12.54 -30.69 13.74
N HIS E 98 -11.86 -30.13 14.74
CA HIS E 98 -10.42 -30.34 14.92
C HIS E 98 -10.12 -31.58 15.74
N GLU E 99 -10.89 -31.81 16.78
CA GLU E 99 -10.53 -32.82 17.74
C GLU E 99 -11.82 -33.46 18.23
N ASP E 100 -11.84 -34.79 18.29
CA ASP E 100 -13.04 -35.53 18.68
C ASP E 100 -13.17 -35.59 20.17
N PRO E 101 -14.41 -35.55 20.68
CA PRO E 101 -15.57 -35.39 19.81
C PRO E 101 -15.77 -33.99 19.30
N TYR E 102 -16.27 -33.94 18.07
CA TYR E 102 -16.76 -32.71 17.49
C TYR E 102 -17.75 -32.06 18.44
N THR E 103 -17.65 -30.74 18.58
CA THR E 103 -18.46 -30.02 19.54
C THR E 103 -19.16 -28.85 18.87
N PHE E 104 -20.33 -28.51 19.37
CA PHE E 104 -21.04 -27.33 18.90
C PHE E 104 -21.01 -26.23 19.96
N GLY E 105 -21.05 -24.99 19.50
CA GLY E 105 -21.35 -23.86 20.37
C GLY E 105 -22.80 -23.94 20.82
N GLN E 106 -23.21 -22.96 21.62
CA GLN E 106 -24.53 -23.06 22.23
C GLN E 106 -25.62 -22.33 21.45
N GLY E 107 -25.26 -21.60 20.39
CA GLY E 107 -26.15 -20.94 19.44
C GLY E 107 -26.46 -19.49 19.80
N THR E 108 -26.66 -18.68 18.75
CA THR E 108 -27.03 -17.28 18.86
C THR E 108 -28.30 -17.02 18.05
N LYS E 109 -29.38 -16.59 18.71
CA LYS E 109 -30.62 -16.28 17.99
C LYS E 109 -30.64 -14.81 17.57
N VAL E 110 -30.67 -14.58 16.26
CA VAL E 110 -30.84 -13.27 15.66
C VAL E 110 -32.34 -13.09 15.40
N GLU E 111 -32.97 -12.17 16.15
CA GLU E 111 -34.41 -11.97 16.11
C GLU E 111 -34.74 -10.71 15.33
N ILE E 112 -35.89 -10.72 14.67
CA ILE E 112 -36.33 -9.56 13.90
C ILE E 112 -37.03 -8.60 14.84
N LYS E 113 -36.69 -7.33 14.72
CA LYS E 113 -37.26 -6.29 15.55
C LYS E 113 -38.34 -5.48 14.81
N GLY F 1 24.18 -15.96 -25.24
CA GLY F 1 25.15 -17.02 -24.98
C GLY F 1 24.86 -17.71 -23.66
N SER F 2 23.65 -17.49 -23.13
CA SER F 2 23.24 -17.85 -21.78
C SER F 2 23.79 -16.86 -20.76
N ASP F 3 24.69 -15.95 -21.15
CA ASP F 3 25.18 -15.00 -20.15
C ASP F 3 24.11 -13.95 -19.92
N ILE F 4 24.31 -13.20 -18.86
CA ILE F 4 23.41 -12.09 -18.57
C ILE F 4 23.95 -10.84 -19.25
N GLN F 5 23.11 -10.22 -20.11
CA GLN F 5 23.48 -8.98 -20.78
C GLN F 5 23.00 -7.84 -19.90
N LEU F 6 23.85 -6.87 -19.70
CA LEU F 6 23.48 -5.66 -18.98
C LEU F 6 23.51 -4.53 -20.00
N THR F 7 22.39 -3.87 -20.19
CA THR F 7 22.32 -2.69 -21.03
C THR F 7 22.09 -1.45 -20.16
N GLN F 8 23.06 -0.53 -20.17
CA GLN F 8 22.94 0.75 -19.46
C GLN F 8 22.57 1.86 -20.43
N SER F 9 21.91 2.87 -19.91
CA SER F 9 21.58 4.10 -20.64
C SER F 9 21.58 5.27 -19.67
N PRO F 10 22.02 6.44 -20.14
CA PRO F 10 22.49 6.56 -21.51
C PRO F 10 23.86 5.98 -21.64
N SER F 11 24.29 5.89 -22.90
CA SER F 11 25.68 5.61 -23.18
C SER F 11 26.59 6.69 -22.60
N SER F 12 26.24 7.97 -22.78
CA SER F 12 27.07 9.12 -22.44
C SER F 12 26.16 10.25 -21.97
N LEU F 13 26.66 11.16 -21.13
CA LEU F 13 25.89 12.38 -20.83
C LEU F 13 26.76 13.53 -20.35
N SER F 14 26.30 14.75 -20.62
CA SER F 14 26.98 15.97 -20.19
C SER F 14 26.05 16.70 -19.24
N ALA F 15 26.59 17.10 -18.11
CA ALA F 15 25.77 17.77 -17.12
C ALA F 15 26.69 18.72 -16.39
N SER F 16 26.09 19.51 -15.50
CA SER F 16 26.80 20.56 -14.80
C SER F 16 26.68 20.31 -13.29
N VAL F 17 27.63 20.89 -12.55
CA VAL F 17 27.70 20.60 -11.12
C VAL F 17 26.35 20.92 -10.48
N GLY F 18 25.95 20.07 -9.53
CA GLY F 18 24.70 20.26 -8.84
C GLY F 18 23.52 19.61 -9.49
N ASP F 19 23.68 19.13 -10.72
CA ASP F 19 22.58 18.46 -11.36
C ASP F 19 22.30 17.15 -10.65
N ARG F 20 21.17 16.54 -10.96
CA ARG F 20 20.92 15.17 -10.56
C ARG F 20 21.13 14.29 -11.78
N VAL F 21 22.01 13.30 -11.67
CA VAL F 21 22.26 12.38 -12.77
C VAL F 21 21.58 11.08 -12.44
N THR F 22 20.86 10.51 -13.41
CA THR F 22 20.16 9.26 -13.18
C THR F 22 20.57 8.29 -14.28
N ILE F 23 21.16 7.17 -13.86
CA ILE F 23 21.66 6.11 -14.73
C ILE F 23 20.82 4.86 -14.57
N THR F 24 20.69 4.14 -15.66
CA THR F 24 19.87 2.95 -15.73
C THR F 24 20.67 1.73 -16.16
N CYS F 25 20.33 0.60 -15.58
CA CYS F 25 20.83 -0.71 -15.97
C CYS F 25 19.63 -1.62 -16.13
N ARG F 26 19.54 -2.32 -17.27
CA ARG F 26 18.48 -3.29 -17.49
C ARG F 26 19.13 -4.64 -17.78
N ALA F 27 18.82 -5.65 -16.97
CA ALA F 27 19.45 -6.95 -17.16
C ALA F 27 18.56 -7.85 -18.03
N SER F 28 19.21 -8.72 -18.81
CA SER F 28 18.50 -9.64 -19.69
C SER F 28 17.57 -10.58 -18.92
N GLN F 29 17.91 -10.92 -17.67
CA GLN F 29 17.00 -11.69 -16.83
C GLN F 29 17.17 -11.31 -15.37
N SER F 30 16.15 -11.63 -14.58
CA SER F 30 16.13 -11.24 -13.17
C SER F 30 17.40 -11.67 -12.48
N VAL F 31 17.95 -10.78 -11.65
CA VAL F 31 19.11 -11.06 -10.82
C VAL F 31 18.74 -11.05 -9.35
N ASP F 32 17.48 -11.32 -9.03
CA ASP F 32 17.00 -11.35 -7.66
C ASP F 32 17.10 -12.75 -7.08
N TYR F 33 17.38 -12.82 -5.78
CA TYR F 33 17.28 -14.09 -5.06
C TYR F 33 17.27 -13.76 -3.57
N ASP F 34 16.34 -14.38 -2.84
CA ASP F 34 16.24 -14.24 -1.39
C ASP F 34 15.96 -12.80 -0.96
N GLY F 35 15.20 -12.06 -1.76
CA GLY F 35 14.90 -10.70 -1.33
C GLY F 35 16.04 -9.73 -1.52
N ASP F 36 17.02 -10.08 -2.33
CA ASP F 36 18.16 -9.23 -2.61
C ASP F 36 18.40 -9.21 -4.11
N SER F 37 19.16 -8.22 -4.58
CA SER F 37 19.44 -8.08 -6.00
C SER F 37 20.94 -7.91 -6.17
N TYR F 38 21.56 -8.79 -6.94
CA TYR F 38 23.01 -8.85 -6.97
C TYR F 38 23.57 -8.06 -8.14
N MET F 39 23.33 -6.75 -8.04
CA MET F 39 23.76 -5.73 -8.99
C MET F 39 24.70 -4.80 -8.25
N ASN F 40 25.87 -4.55 -8.82
CA ASN F 40 26.89 -3.72 -8.20
C ASN F 40 27.23 -2.52 -9.08
N TRP F 41 27.70 -1.44 -8.48
CA TRP F 41 27.97 -0.20 -9.20
C TRP F 41 29.42 0.25 -9.01
N TYR F 42 30.11 0.53 -10.11
CA TYR F 42 31.50 0.93 -10.05
C TYR F 42 31.69 2.25 -10.77
N GLN F 43 32.60 3.07 -10.25
CA GLN F 43 32.99 4.35 -10.85
C GLN F 43 34.41 4.26 -11.36
N GLN F 44 34.64 4.69 -12.59
CA GLN F 44 35.96 4.58 -13.17
C GLN F 44 36.30 5.92 -13.77
N LYS F 45 37.30 6.56 -13.20
CA LYS F 45 37.83 7.77 -13.79
C LYS F 45 38.71 7.40 -14.98
N PRO F 46 38.91 8.31 -15.92
CA PRO F 46 39.50 7.89 -17.21
C PRO F 46 40.90 7.33 -17.05
N GLY F 47 41.14 6.19 -17.70
CA GLY F 47 42.45 5.57 -17.72
C GLY F 47 42.90 5.06 -16.39
N LYS F 48 41.99 4.95 -15.44
CA LYS F 48 42.37 4.60 -14.09
C LYS F 48 41.52 3.41 -13.65
N ALA F 49 41.90 2.83 -12.52
CA ALA F 49 41.17 1.60 -12.29
C ALA F 49 39.93 1.88 -11.47
N PRO F 50 38.87 1.10 -11.76
CA PRO F 50 37.59 1.25 -11.05
C PRO F 50 37.67 1.32 -9.53
N LYS F 51 36.58 1.81 -8.98
CA LYS F 51 36.32 1.90 -7.54
C LYS F 51 34.89 1.43 -7.33
N LEU F 52 34.67 0.64 -6.30
CA LEU F 52 33.33 0.13 -6.04
C LEU F 52 32.50 1.16 -5.29
N LEU F 53 31.25 1.34 -5.73
CA LEU F 53 30.35 2.28 -5.07
C LEU F 53 29.23 1.60 -4.31
N ILE F 54 28.52 0.69 -4.97
CA ILE F 54 27.35 0.06 -4.42
C ILE F 54 27.39 -1.43 -4.75
N TYR F 55 27.08 -2.26 -3.76
CA TYR F 55 26.95 -3.70 -3.93
C TYR F 55 25.55 -4.13 -3.52
N ALA F 56 25.07 -5.19 -4.14
CA ALA F 56 23.75 -5.75 -3.84
C ALA F 56 22.63 -4.72 -4.12
N ALA F 57 22.82 -3.92 -5.17
CA ALA F 57 21.82 -3.00 -5.69
C ALA F 57 21.76 -1.68 -4.93
N SER F 58 21.76 -1.76 -3.59
CA SER F 58 21.37 -0.60 -2.80
C SER F 58 22.30 -0.34 -1.63
N TYR F 59 23.39 -1.07 -1.47
CA TYR F 59 24.23 -0.89 -0.32
C TYR F 59 25.48 -0.09 -0.70
N LEU F 60 25.83 0.86 0.15
CA LEU F 60 26.95 1.72 -0.10
C LEU F 60 28.22 1.06 0.41
N GLU F 61 29.24 1.01 -0.43
CA GLU F 61 30.53 0.56 0.07
C GLU F 61 31.05 1.61 1.05
N SER F 62 31.93 1.17 1.94
CA SER F 62 32.43 2.06 2.98
C SER F 62 33.22 3.22 2.37
N GLY F 63 33.08 4.40 2.96
CA GLY F 63 33.82 5.56 2.47
C GLY F 63 33.31 6.15 1.18
N VAL F 64 32.11 5.79 0.75
CA VAL F 64 31.52 6.29 -0.49
C VAL F 64 30.59 7.45 -0.14
N PRO F 65 30.70 8.59 -0.82
CA PRO F 65 29.86 9.74 -0.50
C PRO F 65 28.37 9.43 -0.47
N SER F 66 27.68 10.06 0.48
CA SER F 66 26.25 9.83 0.67
C SER F 66 25.41 10.19 -0.56
N ARG F 67 25.93 11.01 -1.49
CA ARG F 67 25.15 11.43 -2.65
C ARG F 67 24.87 10.29 -3.63
N PHE F 68 25.71 9.26 -3.64
CA PHE F 68 25.46 8.09 -4.48
C PHE F 68 24.44 7.18 -3.83
N SER F 69 23.45 6.74 -4.60
CA SER F 69 22.49 5.81 -4.05
C SER F 69 22.04 4.94 -5.21
N GLY F 70 21.81 3.68 -4.93
CA GLY F 70 21.39 2.74 -5.93
C GLY F 70 20.07 2.12 -5.52
N SER F 71 19.31 1.69 -6.51
CA SER F 71 17.97 1.20 -6.26
C SER F 71 17.63 0.31 -7.42
N GLY F 72 16.54 -0.44 -7.25
CA GLY F 72 16.05 -1.34 -8.27
C GLY F 72 15.76 -2.73 -7.72
N SER F 73 15.08 -3.50 -8.56
CA SER F 73 14.76 -4.89 -8.28
C SER F 73 14.41 -5.50 -9.63
N GLY F 74 14.35 -6.83 -9.66
CA GLY F 74 14.02 -7.51 -10.90
C GLY F 74 15.06 -7.31 -11.98
N THR F 75 14.74 -6.56 -13.04
CA THR F 75 15.74 -6.31 -14.07
C THR F 75 16.02 -4.84 -14.34
N ASP F 76 15.48 -3.91 -13.56
CA ASP F 76 15.66 -2.48 -13.87
C ASP F 76 16.27 -1.84 -12.62
N PHE F 77 17.49 -1.34 -12.74
CA PHE F 77 18.24 -0.78 -11.62
C PHE F 77 18.69 0.63 -11.96
N THR F 78 18.87 1.43 -10.92
CA THR F 78 19.17 2.83 -11.13
C THR F 78 20.24 3.26 -10.14
N LEU F 79 21.30 3.85 -10.67
CA LEU F 79 22.26 4.58 -9.87
C LEU F 79 21.90 6.05 -9.97
N THR F 80 21.85 6.74 -8.83
CA THR F 80 21.48 8.16 -8.78
C THR F 80 22.55 8.97 -8.07
N ILE F 81 23.08 9.99 -8.74
CA ILE F 81 23.94 10.99 -8.11
C ILE F 81 23.09 12.24 -7.84
N SER F 82 22.88 12.58 -6.57
CA SER F 82 21.90 13.62 -6.21
C SER F 82 22.39 15.02 -6.58
N SER F 83 23.68 15.31 -6.44
CA SER F 83 24.18 16.63 -6.81
C SER F 83 25.60 16.45 -7.33
N LEU F 84 25.74 16.40 -8.67
CA LEU F 84 27.00 16.09 -9.33
C LEU F 84 28.10 16.97 -8.76
N GLN F 85 29.34 16.51 -8.85
CA GLN F 85 30.48 17.27 -8.33
C GLN F 85 31.55 17.26 -9.40
N PRO F 86 32.52 18.18 -9.31
CA PRO F 86 33.54 18.23 -10.36
C PRO F 86 34.27 16.93 -10.52
N GLU F 87 34.53 16.24 -9.41
CA GLU F 87 35.28 14.98 -9.35
C GLU F 87 34.46 13.80 -9.82
N ASP F 88 33.16 13.93 -9.98
CA ASP F 88 32.30 12.85 -10.42
C ASP F 88 32.35 12.61 -11.94
N PHE F 89 33.23 13.28 -12.67
CA PHE F 89 33.33 12.98 -14.09
C PHE F 89 33.96 11.62 -14.25
N ALA F 90 33.19 10.68 -14.80
CA ALA F 90 33.69 9.32 -14.86
C ALA F 90 32.70 8.47 -15.64
N THR F 91 33.15 7.29 -16.00
CA THR F 91 32.26 6.29 -16.55
C THR F 91 31.79 5.38 -15.43
N TYR F 92 30.52 4.98 -15.51
CA TYR F 92 29.85 4.24 -14.44
C TYR F 92 29.36 2.92 -15.00
N TYR F 93 29.70 1.84 -14.30
CA TYR F 93 29.38 0.48 -14.72
C TYR F 93 28.51 -0.20 -13.67
N CYS F 94 27.53 -0.99 -14.14
CA CYS F 94 26.81 -1.96 -13.34
C CYS F 94 27.32 -3.34 -13.71
N GLN F 95 27.31 -4.23 -12.73
CA GLN F 95 27.78 -5.58 -12.96
C GLN F 95 26.93 -6.51 -12.11
N GLN F 96 26.47 -7.60 -12.72
CA GLN F 96 25.64 -8.59 -12.02
C GLN F 96 26.52 -9.71 -11.49
N SER F 97 26.24 -10.10 -10.24
CA SER F 97 26.95 -11.15 -9.50
C SER F 97 26.02 -12.29 -9.16
N HIS F 98 25.01 -12.50 -10.00
CA HIS F 98 23.98 -13.49 -9.74
C HIS F 98 24.37 -14.85 -10.30
N GLU F 99 25.00 -14.86 -11.47
CA GLU F 99 25.22 -16.06 -12.26
C GLU F 99 26.59 -15.97 -12.93
N ASP F 100 27.30 -17.09 -12.98
CA ASP F 100 28.58 -17.06 -13.65
C ASP F 100 28.26 -17.24 -15.12
N PRO F 101 29.01 -16.55 -15.98
CA PRO F 101 30.07 -15.59 -15.64
C PRO F 101 29.56 -14.25 -15.22
N TYR F 102 30.25 -13.62 -14.26
CA TYR F 102 29.94 -12.23 -13.95
C TYR F 102 30.06 -11.38 -15.19
N THR F 103 29.08 -10.49 -15.38
CA THR F 103 29.05 -9.61 -16.53
C THR F 103 28.89 -8.19 -16.07
N PHE F 104 29.46 -7.28 -16.85
CA PHE F 104 29.36 -5.83 -16.68
C PHE F 104 28.48 -5.25 -17.80
N GLY F 105 27.86 -4.09 -17.51
CA GLY F 105 27.33 -3.23 -18.56
C GLY F 105 28.44 -2.53 -19.32
N GLN F 106 28.07 -1.90 -20.44
CA GLN F 106 29.07 -1.27 -21.30
C GLN F 106 29.45 0.14 -20.86
N GLY F 107 28.83 0.64 -19.79
CA GLY F 107 29.25 1.87 -19.16
C GLY F 107 28.43 3.09 -19.58
N THR F 108 28.32 4.04 -18.66
CA THR F 108 27.72 5.35 -18.90
C THR F 108 28.78 6.40 -18.57
N LYS F 109 29.23 7.12 -19.58
CA LYS F 109 30.23 8.16 -19.41
C LYS F 109 29.54 9.47 -18.99
N VAL F 110 29.95 10.05 -17.85
CA VAL F 110 29.34 11.28 -17.34
C VAL F 110 30.42 12.35 -17.29
N GLU F 111 30.33 13.33 -18.20
CA GLU F 111 31.31 14.41 -18.28
C GLU F 111 30.66 15.75 -18.04
N ILE F 112 31.43 16.67 -17.47
CA ILE F 112 30.95 18.00 -17.10
C ILE F 112 30.98 18.92 -18.31
N LYS F 113 29.99 19.80 -18.40
CA LYS F 113 29.82 20.66 -19.57
C LYS F 113 30.60 21.95 -19.35
N GLY F 114 31.58 22.21 -20.21
CA GLY F 114 32.45 23.36 -20.08
C GLY F 114 32.86 23.98 -21.40
N VAL G 38 9.55 -2.11 11.50
CA VAL G 38 10.59 -3.12 11.73
C VAL G 38 12.02 -2.56 11.76
N SER G 39 12.77 -2.92 12.81
CA SER G 39 14.14 -2.45 13.00
C SER G 39 15.07 -3.66 13.19
N ALA G 40 16.37 -3.45 12.92
CA ALA G 40 17.39 -4.49 13.06
C ALA G 40 18.72 -3.88 13.47
N TYR G 41 19.29 -4.36 14.57
CA TYR G 41 20.51 -3.80 15.12
C TYR G 41 21.52 -4.91 15.29
N LEU G 42 22.77 -4.63 14.93
CA LEU G 42 23.85 -5.62 14.99
C LEU G 42 24.91 -5.08 15.93
N SER G 43 24.98 -5.67 17.12
CA SER G 43 25.85 -5.24 18.20
C SER G 43 27.25 -5.82 18.00
N ARG G 44 28.23 -5.23 18.66
CA ARG G 44 29.58 -5.74 18.62
C ARG G 44 29.91 -6.57 19.84
N PRO G 45 30.99 -7.36 19.79
CA PRO G 45 31.37 -8.13 20.97
C PRO G 45 31.65 -7.20 22.13
N SER G 46 31.21 -7.60 23.31
CA SER G 46 31.50 -6.78 24.46
C SER G 46 32.97 -6.89 24.78
N PRO G 47 33.64 -5.79 25.13
CA PRO G 47 35.06 -5.86 25.48
C PRO G 47 35.35 -6.94 26.50
N PHE G 48 34.43 -7.21 27.41
CA PHE G 48 34.62 -8.28 28.38
C PHE G 48 34.68 -9.63 27.71
N ASP G 49 33.78 -9.89 26.75
CA ASP G 49 33.83 -11.14 25.99
C ASP G 49 35.07 -11.27 25.11
N LEU G 50 35.67 -10.15 24.70
CA LEU G 50 36.75 -10.19 23.72
C LEU G 50 38.15 -10.28 24.32
N PHE G 51 38.36 -9.68 25.49
CA PHE G 51 39.68 -9.64 26.12
C PHE G 51 39.76 -10.43 27.40
N ILE G 52 38.64 -10.84 27.98
CA ILE G 52 38.73 -11.63 29.20
C ILE G 52 38.26 -13.06 28.96
N ARG G 53 36.96 -13.26 28.73
CA ARG G 53 36.47 -14.59 28.39
C ARG G 53 37.10 -15.12 27.10
N LYS G 54 37.54 -14.23 26.22
CA LYS G 54 38.03 -14.62 24.90
C LYS G 54 37.09 -15.64 24.27
N SER G 55 35.81 -15.36 24.43
CA SER G 55 34.72 -16.08 23.76
C SER G 55 33.77 -15.00 23.26
N PRO G 56 34.19 -14.23 22.26
CA PRO G 56 33.37 -13.13 21.78
C PRO G 56 32.22 -13.59 20.92
N THR G 57 31.13 -12.83 20.99
CA THR G 57 29.95 -13.02 20.17
C THR G 57 29.45 -11.65 19.79
N ILE G 58 28.71 -11.62 18.68
CA ILE G 58 28.08 -10.43 18.14
C ILE G 58 26.60 -10.75 18.01
N THR G 59 25.76 -9.81 18.41
CA THR G 59 24.33 -10.10 18.43
C THR G 59 23.61 -9.26 17.40
N CYS G 60 22.72 -9.90 16.66
CA CYS G 60 21.87 -9.27 15.66
C CYS G 60 20.43 -9.31 16.16
N LEU G 61 19.85 -8.14 16.39
CA LEU G 61 18.55 -8.01 17.04
C LEU G 61 17.53 -7.39 16.10
N VAL G 62 16.39 -8.06 15.95
CA VAL G 62 15.24 -7.61 15.18
C VAL G 62 14.07 -7.35 16.12
N VAL G 63 13.38 -6.22 15.92
CA VAL G 63 12.25 -5.83 16.77
C VAL G 63 11.08 -5.42 15.89
N ASP G 64 9.90 -5.34 16.50
CA ASP G 64 8.71 -4.82 15.84
C ASP G 64 8.05 -5.83 14.91
N LEU G 65 8.26 -7.11 15.15
CA LEU G 65 7.62 -8.12 14.32
C LEU G 65 6.25 -8.42 14.92
N ALA G 66 5.23 -8.52 14.07
CA ALA G 66 3.90 -8.96 14.50
C ALA G 66 3.86 -10.49 14.51
N PRO G 67 3.60 -11.14 15.66
CA PRO G 67 3.81 -12.60 15.75
C PRO G 67 3.03 -13.42 14.73
N SER G 68 1.81 -12.99 14.37
CA SER G 68 0.94 -13.80 13.54
C SER G 68 1.33 -13.82 12.06
N LYS G 69 2.03 -12.80 11.58
CA LYS G 69 2.71 -12.96 10.30
C LYS G 69 3.75 -14.07 10.42
N GLY G 70 4.12 -14.64 9.28
CA GLY G 70 5.06 -15.74 9.30
C GLY G 70 6.41 -15.36 9.87
N THR G 71 7.10 -16.37 10.40
CA THR G 71 8.41 -16.21 11.03
C THR G 71 9.50 -15.84 10.00
N VAL G 72 10.55 -15.14 10.49
CA VAL G 72 11.64 -14.62 9.66
C VAL G 72 12.89 -15.49 9.74
N ASN G 73 13.65 -15.55 8.65
CA ASN G 73 14.91 -16.28 8.57
C ASN G 73 16.03 -15.27 8.79
N LEU G 74 17.01 -15.64 9.60
CA LEU G 74 18.10 -14.75 9.98
C LEU G 74 19.45 -15.42 9.77
N THR G 75 20.11 -15.09 8.65
CA THR G 75 21.35 -15.74 8.19
C THR G 75 22.53 -14.79 8.33
N TRP G 76 23.73 -15.36 8.21
CA TRP G 76 24.97 -14.62 8.40
C TRP G 76 25.89 -14.81 7.20
N SER G 77 26.89 -13.95 7.09
CA SER G 77 27.91 -13.98 6.06
C SER G 77 29.15 -13.26 6.59
N ARG G 78 30.32 -13.64 6.09
CA ARG G 78 31.60 -12.99 6.36
C ARG G 78 32.14 -12.38 5.08
N ALA G 79 32.86 -11.28 5.23
CA ALA G 79 33.37 -10.59 4.05
C ALA G 79 34.40 -11.44 3.34
N SER G 80 35.22 -12.19 4.10
CA SER G 80 36.28 -13.02 3.52
C SER G 80 35.76 -14.22 2.77
N GLY G 81 34.53 -14.64 3.04
CA GLY G 81 33.99 -15.84 2.43
C GLY G 81 34.21 -17.11 3.20
N LYS G 82 35.06 -17.08 4.24
CA LYS G 82 35.16 -18.17 5.17
C LYS G 82 33.78 -18.39 5.81
N PRO G 83 33.50 -19.61 6.27
CA PRO G 83 32.17 -19.93 6.82
C PRO G 83 31.98 -19.38 8.22
N VAL G 84 30.72 -19.38 8.65
CA VAL G 84 30.36 -18.83 9.95
C VAL G 84 30.04 -19.98 10.90
N ASN G 85 30.34 -19.76 12.18
CA ASN G 85 29.97 -20.71 13.21
C ASN G 85 28.47 -20.97 13.20
N HIS G 86 28.03 -21.89 14.08
CA HIS G 86 26.61 -22.09 14.28
C HIS G 86 26.11 -20.96 15.18
N SER G 87 25.00 -20.36 14.78
CA SER G 87 24.39 -19.29 15.54
C SER G 87 23.20 -19.87 16.29
N THR G 88 22.87 -19.27 17.43
CA THR G 88 21.75 -19.69 18.26
C THR G 88 20.65 -18.64 18.14
N ARG G 89 19.43 -19.08 17.90
CA ARG G 89 18.26 -18.24 17.68
C ARG G 89 17.38 -18.26 18.92
N LYS G 90 16.73 -17.13 19.19
CA LYS G 90 15.90 -17.08 20.39
C LYS G 90 14.76 -16.09 20.17
N GLU G 91 13.56 -16.46 20.62
CA GLU G 91 12.37 -15.65 20.45
C GLU G 91 11.78 -15.24 21.79
N GLU G 92 11.32 -13.99 21.88
CA GLU G 92 10.72 -13.46 23.11
C GLU G 92 9.60 -12.50 22.76
N LYS G 93 8.37 -12.87 23.09
CA LYS G 93 7.24 -11.95 23.03
C LYS G 93 7.52 -10.74 23.94
N GLN G 94 6.79 -9.65 23.70
CA GLN G 94 7.05 -8.40 24.40
C GLN G 94 5.78 -7.88 25.05
N ARG G 95 5.92 -6.78 25.79
CA ARG G 95 4.75 -6.12 26.37
C ARG G 95 3.97 -5.32 25.33
N ASN G 96 4.66 -4.59 24.47
CA ASN G 96 4.01 -3.72 23.50
C ASN G 96 3.16 -4.48 22.49
N GLY G 97 3.24 -5.82 22.44
CA GLY G 97 2.58 -6.63 21.44
C GLY G 97 3.46 -7.13 20.30
N THR G 98 4.76 -6.81 20.32
CA THR G 98 5.77 -7.17 19.34
C THR G 98 6.44 -8.51 19.66
N LEU G 99 7.22 -9.00 18.69
CA LEU G 99 8.02 -10.21 18.81
C LEU G 99 9.49 -9.85 18.57
N THR G 100 10.37 -10.29 19.48
CA THR G 100 11.81 -10.00 19.43
C THR G 100 12.61 -11.26 19.10
N VAL G 101 13.35 -11.23 18.00
CA VAL G 101 14.22 -12.33 17.61
C VAL G 101 15.67 -11.87 17.59
N THR G 102 16.54 -12.58 18.30
CA THR G 102 17.97 -12.28 18.35
C THR G 102 18.79 -13.47 17.87
N SER G 103 19.90 -13.19 17.19
CA SER G 103 20.84 -14.22 16.77
C SER G 103 22.24 -13.86 17.24
N THR G 104 22.86 -14.77 18.00
CA THR G 104 24.22 -14.58 18.50
C THR G 104 25.13 -15.53 17.73
N LEU G 105 26.23 -15.00 17.24
CA LEU G 105 27.20 -15.73 16.44
C LEU G 105 28.53 -15.64 17.15
N PRO G 106 29.14 -16.75 17.53
CA PRO G 106 30.50 -16.68 18.10
C PRO G 106 31.47 -16.32 17.00
N VAL G 107 32.53 -15.62 17.37
CA VAL G 107 33.50 -15.16 16.40
C VAL G 107 34.91 -15.37 16.95
N GLY G 108 35.87 -15.41 16.02
CA GLY G 108 37.24 -15.69 16.41
C GLY G 108 37.90 -14.49 17.05
N THR G 109 38.56 -14.74 18.17
CA THR G 109 39.34 -13.71 18.83
C THR G 109 40.30 -13.06 17.82
N ARG G 110 41.14 -13.89 17.20
CA ARG G 110 42.01 -13.43 16.12
C ARG G 110 41.19 -12.84 14.99
N ASP G 111 40.19 -13.58 14.53
CA ASP G 111 39.46 -13.16 13.33
C ASP G 111 38.95 -11.74 13.48
N TRP G 112 38.30 -11.44 14.60
CA TRP G 112 37.68 -10.12 14.79
C TRP G 112 38.71 -9.01 14.87
N ILE G 113 39.73 -9.19 15.71
CA ILE G 113 40.70 -8.12 15.95
C ILE G 113 41.48 -7.78 14.69
N GLU G 114 41.75 -8.78 13.84
CA GLU G 114 42.47 -8.51 12.60
C GLU G 114 41.63 -7.75 11.57
N GLY G 115 40.32 -7.64 11.79
CA GLY G 115 39.45 -6.80 10.99
C GLY G 115 38.51 -7.51 10.04
N GLU G 116 37.85 -8.55 10.53
CA GLU G 116 36.91 -9.25 9.70
C GLU G 116 35.62 -8.45 9.70
N THR G 117 34.76 -8.72 8.73
CA THR G 117 33.47 -8.05 8.61
C THR G 117 32.35 -9.09 8.62
N TYR G 118 31.48 -9.04 9.61
CA TYR G 118 30.36 -9.97 9.70
C TYR G 118 29.06 -9.24 9.33
N GLN G 119 28.16 -9.95 8.65
CA GLN G 119 26.94 -9.31 8.15
C GLN G 119 25.72 -10.15 8.48
N CYS G 120 24.67 -9.47 8.94
CA CYS G 120 23.42 -10.09 9.34
C CYS G 120 22.37 -9.81 8.29
N ARG G 121 21.53 -10.80 8.00
CA ARG G 121 20.47 -10.63 7.00
C ARG G 121 19.19 -11.27 7.49
N VAL G 122 18.15 -10.45 7.63
CA VAL G 122 16.82 -10.89 8.03
C VAL G 122 15.95 -10.89 6.79
N THR G 123 15.31 -12.02 6.52
CA THR G 123 14.32 -12.14 5.46
C THR G 123 13.01 -12.62 6.06
N HIS G 124 11.92 -12.40 5.34
CA HIS G 124 10.56 -12.67 5.75
C HIS G 124 9.81 -13.20 4.55
N PRO G 125 8.74 -13.95 4.77
CA PRO G 125 7.90 -14.35 3.64
C PRO G 125 7.57 -13.18 2.72
N HIS G 126 7.11 -12.07 3.29
CA HIS G 126 6.60 -10.96 2.50
C HIS G 126 7.08 -9.61 3.05
N LEU G 127 8.35 -9.53 3.39
CA LEU G 127 8.88 -8.18 3.17
C LEU G 127 9.37 -8.08 1.74
N PRO G 128 9.14 -6.96 1.05
CA PRO G 128 9.47 -6.93 -0.38
C PRO G 128 10.93 -7.20 -0.66
N ARG G 129 11.82 -6.73 0.21
CA ARG G 129 13.21 -7.12 0.15
C ARG G 129 13.71 -7.30 1.58
N ALA G 130 14.99 -7.63 1.71
CA ALA G 130 15.56 -8.07 2.97
C ALA G 130 16.32 -6.95 3.66
N LEU G 131 16.38 -7.07 4.99
CA LEU G 131 17.21 -6.19 5.82
C LEU G 131 18.61 -6.76 6.01
N MET G 132 19.61 -5.86 6.05
CA MET G 132 21.01 -6.26 6.20
C MET G 132 21.75 -5.32 7.15
N ARG G 133 22.51 -5.91 8.07
CA ARG G 133 23.38 -5.17 8.98
C ARG G 133 24.80 -5.69 8.90
N SER G 134 25.74 -4.77 9.05
CA SER G 134 27.17 -5.03 8.98
C SER G 134 27.81 -4.59 10.29
N THR G 135 28.89 -5.26 10.67
CA THR G 135 29.58 -4.93 11.91
C THR G 135 31.05 -5.20 11.70
N THR G 136 31.90 -4.48 12.43
CA THR G 136 33.34 -4.53 12.25
C THR G 136 34.03 -3.86 13.44
N LYS G 137 35.35 -3.78 13.37
CA LYS G 137 36.20 -3.38 14.49
C LYS G 137 36.14 -1.91 14.84
N THR G 138 35.52 -1.07 14.01
CA THR G 138 35.56 0.37 14.24
C THR G 138 37.00 0.80 14.52
N SER G 139 37.77 0.85 13.45
CA SER G 139 39.17 1.24 13.51
C SER G 139 39.33 2.74 13.71
N GLY G 140 40.34 3.11 14.49
CA GLY G 140 40.68 4.49 14.70
C GLY G 140 41.71 4.59 15.81
N PRO G 141 41.98 5.81 16.24
CA PRO G 141 42.84 6.00 17.41
C PRO G 141 42.20 5.47 18.68
N ARG G 142 43.05 5.10 19.64
CA ARG G 142 42.60 4.36 20.81
C ARG G 142 43.30 4.89 22.06
N ALA G 143 42.50 5.18 23.11
CA ALA G 143 42.93 5.90 24.31
C ALA G 143 42.32 5.27 25.55
N ALA G 144 43.13 5.12 26.61
CA ALA G 144 42.69 4.39 27.80
C ALA G 144 41.64 5.18 28.58
N PRO G 145 40.73 4.47 29.27
CA PRO G 145 39.64 5.15 29.98
C PRO G 145 40.12 5.70 31.33
N GLU G 146 39.66 6.91 31.64
CA GLU G 146 39.86 7.50 32.96
C GLU G 146 38.65 7.14 33.81
N VAL G 147 38.90 6.90 35.09
CA VAL G 147 37.84 6.40 35.97
C VAL G 147 37.84 7.17 37.29
N TYR G 148 36.64 7.48 37.78
CA TYR G 148 36.46 8.12 39.08
C TYR G 148 35.22 7.54 39.75
N ALA G 149 35.30 7.26 41.06
CA ALA G 149 34.18 6.70 41.79
C ALA G 149 33.87 7.51 43.05
N PHE G 150 32.58 7.56 43.40
CA PHE G 150 32.08 8.43 44.46
C PHE G 150 30.96 7.75 45.25
N ALA G 151 30.57 8.40 46.35
CA ALA G 151 29.48 7.96 47.21
C ALA G 151 28.55 9.14 47.51
N THR G 152 27.18 8.86 47.57
CA THR G 152 26.45 10.04 48.01
C THR G 152 26.26 10.02 49.53
N PRO G 153 26.29 11.20 50.16
CA PRO G 153 25.83 11.28 51.56
C PRO G 153 24.38 10.85 51.63
N GLU G 154 24.01 10.27 52.78
CA GLU G 154 22.64 9.78 52.93
C GLU G 154 21.65 10.87 52.56
N TRP G 155 20.49 10.46 52.05
CA TRP G 155 19.47 11.46 51.95
C TRP G 155 18.28 11.06 52.82
N PRO G 156 17.58 12.01 53.42
CA PRO G 156 16.41 11.68 54.25
C PRO G 156 15.41 10.77 53.52
N GLY G 157 14.82 9.84 54.28
CA GLY G 157 13.84 8.91 53.76
C GLY G 157 14.37 7.60 53.25
N SER G 158 15.70 7.45 53.08
CA SER G 158 16.34 6.16 52.76
C SER G 158 17.56 6.01 53.66
N ARG G 159 17.30 5.65 54.93
CA ARG G 159 18.40 5.48 55.89
C ARG G 159 19.28 4.29 55.49
N ASP G 160 18.66 3.24 54.95
CA ASP G 160 19.29 1.96 54.67
C ASP G 160 19.68 1.77 53.21
N LYS G 161 19.33 2.69 52.31
CA LYS G 161 19.81 2.67 50.93
C LYS G 161 20.71 3.88 50.70
N ARG G 162 21.91 3.63 50.19
CA ARG G 162 22.82 4.71 49.81
C ARG G 162 23.38 4.42 48.42
N THR G 163 23.84 5.48 47.75
CA THR G 163 24.19 5.42 46.33
C THR G 163 25.67 5.71 46.04
N LEU G 164 26.28 4.85 45.18
CA LEU G 164 27.66 4.98 44.72
C LEU G 164 27.66 5.20 43.21
N ALA G 165 28.56 6.07 42.73
CA ALA G 165 28.57 6.52 41.34
C ALA G 165 29.94 6.36 40.70
N CYS G 166 29.95 6.23 39.38
CA CYS G 166 31.18 6.04 38.64
C CYS G 166 31.12 6.75 37.30
N LEU G 167 32.19 7.46 36.97
CA LEU G 167 32.37 8.13 35.69
C LEU G 167 33.60 7.55 34.99
N ILE G 168 33.47 7.27 33.69
CA ILE G 168 34.57 6.78 32.86
C ILE G 168 34.59 7.65 31.60
N GLN G 169 35.71 8.33 31.32
CA GLN G 169 35.68 9.34 30.26
C GLN G 169 37.02 9.52 29.55
N ASN G 170 36.93 10.19 28.39
CA ASN G 170 38.08 10.61 27.57
C ASN G 170 38.82 9.43 26.97
N PHE G 171 38.10 8.33 26.75
CA PHE G 171 38.63 7.11 26.16
C PHE G 171 38.15 6.96 24.71
N MET G 172 38.83 6.10 23.98
CA MET G 172 38.36 5.75 22.65
C MET G 172 38.90 4.39 22.25
N PRO G 173 38.16 3.66 21.41
CA PRO G 173 36.84 3.89 20.80
C PRO G 173 35.71 3.76 21.80
N GLU G 174 34.46 3.83 21.34
CA GLU G 174 33.32 3.81 22.25
C GLU G 174 33.02 2.42 22.83
N ASP G 175 33.49 1.35 22.22
CA ASP G 175 33.12 0.05 22.76
C ASP G 175 33.68 -0.11 24.16
N ILE G 176 32.80 -0.24 25.15
CA ILE G 176 33.23 -0.41 26.53
C ILE G 176 32.18 -1.23 27.25
N SER G 177 32.65 -1.95 28.27
CA SER G 177 31.84 -2.83 29.11
C SER G 177 32.11 -2.48 30.57
N VAL G 178 31.05 -2.28 31.35
CA VAL G 178 31.18 -1.84 32.75
C VAL G 178 30.67 -2.91 33.69
N GLN G 179 31.37 -3.06 34.81
CA GLN G 179 31.11 -4.12 35.77
C GLN G 179 31.25 -3.55 37.18
N TRP G 180 30.34 -3.91 38.08
CA TRP G 180 30.42 -3.49 39.49
C TRP G 180 30.79 -4.67 40.35
N LEU G 181 31.72 -4.48 41.27
CA LEU G 181 32.10 -5.63 42.05
C LEU G 181 32.23 -5.27 43.52
N HIS G 182 31.81 -6.19 44.39
CA HIS G 182 31.95 -6.07 45.83
C HIS G 182 32.89 -7.12 46.39
N ASN G 183 34.12 -6.72 46.71
CA ASN G 183 35.12 -7.60 47.31
C ASN G 183 35.25 -8.88 46.48
N GLU G 184 35.62 -8.65 45.20
CA GLU G 184 35.84 -9.70 44.19
C GLU G 184 34.59 -10.50 43.86
N VAL G 185 33.41 -9.90 44.04
CA VAL G 185 32.17 -10.46 43.50
C VAL G 185 31.60 -9.47 42.50
N GLN G 186 31.39 -9.92 41.27
CA GLN G 186 30.72 -9.11 40.27
C GLN G 186 29.21 -9.16 40.50
N LEU G 187 28.58 -7.98 40.57
CA LEU G 187 27.15 -7.96 40.85
C LEU G 187 26.33 -8.08 39.58
N PRO G 188 25.12 -8.61 39.69
CA PRO G 188 24.25 -8.74 38.51
C PRO G 188 24.04 -7.39 37.82
N ASP G 189 24.09 -7.42 36.48
CA ASP G 189 23.95 -6.19 35.72
C ASP G 189 22.63 -5.47 35.97
N ALA G 190 21.63 -6.18 36.49
CA ALA G 190 20.36 -5.52 36.82
C ALA G 190 20.54 -4.50 37.92
N ARG G 191 21.42 -4.78 38.88
CA ARG G 191 21.60 -3.95 40.07
C ARG G 191 22.09 -2.53 39.77
N HIS G 192 22.68 -2.29 38.59
CA HIS G 192 23.26 -1.00 38.23
C HIS G 192 22.70 -0.52 36.90
N SER G 193 22.70 0.81 36.72
CA SER G 193 22.24 1.45 35.50
C SER G 193 23.41 2.20 34.86
N THR G 194 23.73 1.86 33.61
CA THR G 194 24.85 2.53 32.95
C THR G 194 24.42 3.12 31.61
N THR G 195 24.99 4.27 31.28
CA THR G 195 24.65 4.97 30.05
C THR G 195 25.52 4.49 28.90
N GLN G 196 24.99 4.62 27.69
CA GLN G 196 25.79 4.40 26.51
C GLN G 196 26.78 5.55 26.31
N PRO G 197 27.89 5.28 25.63
CA PRO G 197 28.92 6.30 25.44
C PRO G 197 28.44 7.53 24.69
N ARG G 198 28.79 8.71 25.20
CA ARG G 198 28.47 9.98 24.56
C ARG G 198 29.76 10.69 24.18
N LYS G 199 29.83 11.13 22.92
CA LYS G 199 30.96 11.94 22.48
C LYS G 199 31.18 13.07 23.45
N THR G 200 32.41 13.18 23.95
CA THR G 200 32.75 14.32 24.79
C THR G 200 32.76 15.59 23.93
N LYS G 201 32.85 16.74 24.60
CA LYS G 201 33.07 17.97 23.86
C LYS G 201 34.39 17.93 23.11
N GLY G 202 35.44 17.43 23.74
CA GLY G 202 36.67 17.19 23.01
C GLY G 202 36.49 15.94 22.16
N SER G 203 37.33 14.92 22.37
CA SER G 203 37.36 13.80 21.43
C SER G 203 37.00 12.45 22.05
N GLY G 204 37.05 12.32 23.38
CA GLY G 204 36.76 11.05 24.00
C GLY G 204 35.27 10.77 24.14
N PHE G 205 34.98 9.53 24.52
CA PHE G 205 33.64 9.16 24.92
C PHE G 205 33.55 9.14 26.45
N PHE G 206 32.33 9.04 26.97
CA PHE G 206 32.17 8.95 28.42
C PHE G 206 30.87 8.24 28.76
N VAL G 207 30.83 7.67 29.97
CA VAL G 207 29.65 6.99 30.49
C VAL G 207 29.55 7.21 31.99
N PHE G 208 28.32 7.19 32.51
CA PHE G 208 28.05 7.16 33.94
C PHE G 208 27.40 5.83 34.30
N SER G 209 27.50 5.44 35.57
CA SER G 209 26.94 4.16 36.00
C SER G 209 26.52 4.28 37.46
N ARG G 210 25.25 3.99 37.75
CA ARG G 210 24.67 4.26 39.05
C ARG G 210 24.29 2.95 39.73
N LEU G 211 24.87 2.70 40.89
CA LEU G 211 24.58 1.53 41.68
C LEU G 211 23.99 1.95 43.03
N GLU G 212 22.84 1.36 43.37
CA GLU G 212 22.18 1.62 44.63
C GLU G 212 22.44 0.42 45.53
N VAL G 213 22.99 0.67 46.72
CA VAL G 213 23.38 -0.41 47.62
C VAL G 213 22.42 -0.44 48.80
N THR G 214 22.66 -1.34 49.74
CA THR G 214 21.76 -1.50 50.88
C THR G 214 22.60 -1.69 52.14
N ARG G 215 22.00 -1.36 53.29
CA ARG G 215 22.76 -1.32 54.52
C ARG G 215 23.42 -2.67 54.80
N ALA G 216 22.68 -3.76 54.61
CA ALA G 216 23.24 -5.09 54.87
C ALA G 216 24.50 -5.34 54.04
N GLU G 217 24.53 -4.86 52.81
CA GLU G 217 25.64 -5.19 51.93
C GLU G 217 26.88 -4.34 52.23
N TRP G 218 26.71 -3.07 52.62
CA TRP G 218 27.86 -2.21 52.79
C TRP G 218 28.45 -2.27 54.17
N GLU G 219 27.71 -2.82 55.14
CA GLU G 219 28.29 -3.05 56.46
C GLU G 219 29.13 -4.33 56.48
N GLN G 220 28.75 -5.31 55.65
CA GLN G 220 29.55 -6.53 55.55
C GLN G 220 30.95 -6.24 55.03
N LYS G 221 31.09 -5.33 54.08
CA LYS G 221 32.40 -4.89 53.64
C LYS G 221 32.16 -3.53 52.99
N ASP G 222 32.68 -2.46 53.60
CA ASP G 222 32.46 -1.13 53.05
C ASP G 222 33.52 -0.88 52.00
N GLU G 223 33.62 -1.81 51.05
CA GLU G 223 34.47 -1.66 49.88
C GLU G 223 33.66 -2.07 48.65
N PHE G 224 33.58 -1.15 47.69
CA PHE G 224 32.88 -1.32 46.42
C PHE G 224 33.80 -0.82 45.32
N ILE G 225 33.83 -1.54 44.21
CA ILE G 225 34.78 -1.30 43.15
C ILE G 225 34.03 -1.23 41.81
N CYS G 226 34.30 -0.18 41.04
CA CYS G 226 33.78 0.03 39.67
C CYS G 226 34.86 -0.34 38.65
N ARG G 227 34.56 -1.30 37.77
CA ARG G 227 35.53 -1.85 36.80
C ARG G 227 35.07 -1.70 35.35
N ALA G 228 36.00 -1.25 34.48
CA ALA G 228 35.80 -1.09 33.05
C ALA G 228 36.81 -1.93 32.27
N VAL G 229 36.37 -2.50 31.14
CA VAL G 229 37.22 -3.28 30.23
C VAL G 229 37.25 -2.58 28.86
N HIS G 230 38.46 -2.18 28.42
CA HIS G 230 38.61 -1.41 27.19
C HIS G 230 39.98 -1.70 26.57
N GLU G 231 39.99 -1.83 25.23
CA GLU G 231 41.20 -2.33 24.57
C GLU G 231 42.40 -1.41 24.72
N ALA G 232 42.20 -0.13 25.03
CA ALA G 232 43.35 0.76 25.10
C ALA G 232 44.12 0.68 26.42
N ALA G 233 43.47 0.24 27.49
CA ALA G 233 44.12 0.21 28.81
C ALA G 233 45.32 -0.73 28.83
N SER G 234 46.33 -0.36 29.62
CA SER G 234 47.51 -1.22 29.78
C SER G 234 47.82 -1.28 31.27
N PRO G 235 47.99 -2.49 31.81
CA PRO G 235 47.90 -3.79 31.14
C PRO G 235 46.52 -4.44 31.25
N SER G 236 46.36 -5.57 30.55
CA SER G 236 45.13 -6.38 30.58
C SER G 236 43.89 -5.64 30.12
N GLN G 237 44.05 -4.40 29.65
CA GLN G 237 42.94 -3.60 29.13
C GLN G 237 41.89 -3.37 30.22
N THR G 238 42.33 -3.21 31.47
CA THR G 238 41.41 -3.19 32.61
C THR G 238 41.77 -2.09 33.60
N VAL G 239 40.76 -1.36 34.05
CA VAL G 239 40.87 -0.29 35.04
C VAL G 239 39.77 -0.43 36.07
N GLN G 240 40.08 -0.07 37.33
CA GLN G 240 39.08 -0.16 38.41
C GLN G 240 39.39 0.88 39.50
N ARG G 241 38.33 1.30 40.24
CA ARG G 241 38.44 2.19 41.39
C ARG G 241 37.55 1.64 42.51
N ALA G 242 37.79 2.08 43.76
CA ALA G 242 37.01 1.64 44.91
C ALA G 242 36.38 2.82 45.64
N VAL G 243 35.19 2.59 46.21
CA VAL G 243 34.49 3.64 46.95
C VAL G 243 33.70 3.00 48.10
N SER G 244 33.67 3.70 49.24
CA SER G 244 33.00 3.28 50.47
C SER G 244 32.08 4.39 51.01
N VAL G 245 31.26 4.01 52.01
CA VAL G 245 30.56 4.95 52.90
C VAL G 245 31.52 5.58 53.90
N VAL H 38 -11.12 6.90 -6.56
CA VAL H 38 -11.84 7.73 -7.52
C VAL H 38 -11.40 7.55 -8.97
N SER H 39 -12.39 7.37 -9.85
CA SER H 39 -12.18 7.21 -11.28
C SER H 39 -13.07 8.19 -12.01
N ALA H 40 -12.68 8.50 -13.25
CA ALA H 40 -13.38 9.47 -14.11
C ALA H 40 -13.33 8.99 -15.56
N TYR H 41 -14.48 9.00 -16.22
CA TYR H 41 -14.64 8.45 -17.56
C TYR H 41 -15.32 9.48 -18.45
N LEU H 42 -14.80 9.65 -19.67
CA LEU H 42 -15.32 10.63 -20.62
C LEU H 42 -15.75 9.95 -21.90
N SER H 43 -17.05 9.91 -22.13
CA SER H 43 -17.66 9.20 -23.24
C SER H 43 -17.64 10.05 -24.52
N ARG H 44 -17.64 9.37 -25.67
CA ARG H 44 -17.80 10.14 -26.90
C ARG H 44 -19.27 10.14 -27.31
N PRO H 45 -19.66 11.04 -28.19
CA PRO H 45 -21.01 10.97 -28.73
C PRO H 45 -21.18 9.75 -29.63
N SER H 46 -22.32 9.10 -29.53
CA SER H 46 -22.59 7.96 -30.38
C SER H 46 -22.82 8.43 -31.81
N PRO H 47 -22.44 7.63 -32.79
CA PRO H 47 -22.89 7.92 -34.15
C PRO H 47 -24.38 8.17 -34.26
N PHE H 48 -25.21 7.47 -33.47
CA PHE H 48 -26.67 7.66 -33.54
C PHE H 48 -27.06 9.03 -33.01
N ASP H 49 -26.55 9.38 -31.83
CA ASP H 49 -26.82 10.69 -31.25
C ASP H 49 -26.30 11.83 -32.12
N LEU H 50 -25.34 11.53 -32.95
CA LEU H 50 -24.61 12.55 -33.70
C LEU H 50 -25.17 12.76 -35.10
N PHE H 51 -25.77 11.73 -35.71
CA PHE H 51 -26.21 11.79 -37.09
C PHE H 51 -27.70 11.60 -37.29
N ILE H 52 -28.42 11.07 -36.31
CA ILE H 52 -29.86 10.84 -36.39
C ILE H 52 -30.65 11.79 -35.47
N ARG H 53 -30.45 11.70 -34.16
CA ARG H 53 -31.04 12.69 -33.26
C ARG H 53 -30.51 14.10 -33.54
N LYS H 54 -29.30 14.19 -34.10
CA LYS H 54 -28.65 15.48 -34.31
C LYS H 54 -28.71 16.33 -33.04
N SER H 55 -28.53 15.67 -31.89
CA SER H 55 -28.36 16.35 -30.61
C SER H 55 -27.24 15.71 -29.81
N PRO H 56 -26.01 15.87 -30.24
CA PRO H 56 -24.93 15.18 -29.56
C PRO H 56 -24.56 15.80 -28.23
N THR H 57 -24.21 14.94 -27.27
CA THR H 57 -23.74 15.32 -25.94
C THR H 57 -22.61 14.40 -25.52
N ILE H 58 -21.74 14.88 -24.63
CA ILE H 58 -20.65 14.08 -24.05
C ILE H 58 -20.76 14.15 -22.54
N THR H 59 -20.59 13.02 -21.87
CA THR H 59 -20.73 12.98 -20.43
C THR H 59 -19.40 12.64 -19.76
N CYS H 60 -19.12 13.35 -18.69
CA CYS H 60 -17.94 13.11 -17.86
C CYS H 60 -18.45 12.53 -16.55
N LEU H 61 -18.04 11.29 -16.24
CA LEU H 61 -18.61 10.51 -15.16
C LEU H 61 -17.54 10.29 -14.10
N VAL H 62 -17.84 10.69 -12.87
CA VAL H 62 -16.94 10.46 -11.75
C VAL H 62 -17.64 9.44 -10.87
N VAL H 63 -16.90 8.41 -10.47
CA VAL H 63 -17.46 7.28 -9.77
C VAL H 63 -16.57 6.95 -8.58
N ASP H 64 -17.09 6.08 -7.72
CA ASP H 64 -16.35 5.46 -6.63
C ASP H 64 -16.17 6.42 -5.47
N LEU H 65 -16.70 7.62 -5.53
CA LEU H 65 -16.49 8.55 -4.45
C LEU H 65 -17.55 8.40 -3.36
N ALA H 66 -17.10 8.50 -2.08
CA ALA H 66 -17.98 8.63 -0.93
C ALA H 66 -18.39 10.09 -0.81
N PRO H 67 -19.55 10.38 -0.23
CA PRO H 67 -19.91 11.80 -0.03
C PRO H 67 -18.74 12.56 0.57
N SER H 68 -18.21 12.08 1.69
CA SER H 68 -16.87 12.43 2.19
C SER H 68 -16.81 13.95 2.37
N LYS H 69 -15.65 14.56 2.14
CA LYS H 69 -15.50 16.00 2.16
C LYS H 69 -16.26 16.62 0.99
N GLY H 70 -16.57 17.92 1.11
CA GLY H 70 -17.29 18.67 0.09
C GLY H 70 -17.15 18.16 -1.32
N THR H 71 -18.21 18.32 -2.10
CA THR H 71 -18.32 17.68 -3.41
C THR H 71 -17.24 18.15 -4.37
N VAL H 72 -17.06 17.37 -5.45
CA VAL H 72 -15.97 17.54 -6.39
C VAL H 72 -16.33 18.56 -7.46
N ASN H 73 -15.33 19.33 -7.89
CA ASN H 73 -15.45 20.33 -8.94
C ASN H 73 -14.94 19.76 -10.26
N LEU H 74 -15.76 19.79 -11.32
CA LEU H 74 -15.40 19.23 -12.62
C LEU H 74 -15.81 20.18 -13.75
N THR H 75 -14.83 20.86 -14.33
CA THR H 75 -15.01 21.92 -15.33
C THR H 75 -14.54 21.45 -16.72
N TRP H 76 -14.82 22.26 -17.76
CA TRP H 76 -14.55 21.89 -19.14
C TRP H 76 -13.62 22.86 -19.86
N SER H 77 -13.05 22.38 -20.96
CA SER H 77 -12.22 23.19 -21.84
C SER H 77 -12.28 22.59 -23.23
N ARG H 78 -12.20 23.47 -24.24
CA ARG H 78 -12.13 23.04 -25.63
C ARG H 78 -10.75 23.38 -26.18
N ALA H 79 -10.28 22.57 -27.11
CA ALA H 79 -8.95 22.84 -27.62
C ALA H 79 -8.89 24.15 -28.36
N SER H 80 -9.99 24.51 -29.03
CA SER H 80 -10.08 25.75 -29.77
C SER H 80 -10.07 26.95 -28.85
N GLY H 81 -10.44 26.79 -27.60
CA GLY H 81 -10.55 27.92 -26.73
C GLY H 81 -11.87 28.60 -26.82
N LYS H 82 -12.71 28.21 -27.78
CA LYS H 82 -14.08 28.71 -27.76
C LYS H 82 -14.69 28.32 -26.42
N PRO H 83 -15.67 29.09 -25.95
CA PRO H 83 -16.21 28.84 -24.62
C PRO H 83 -17.05 27.58 -24.63
N VAL H 84 -17.38 27.13 -23.43
CA VAL H 84 -18.13 25.92 -23.27
C VAL H 84 -19.57 26.30 -23.00
N ASN H 85 -20.47 25.51 -23.54
CA ASN H 85 -21.89 25.74 -23.36
C ASN H 85 -22.30 25.83 -21.90
N HIS H 86 -23.58 25.63 -21.67
CA HIS H 86 -24.15 25.53 -20.35
C HIS H 86 -24.24 24.03 -20.07
N SER H 87 -23.45 23.54 -19.12
CA SER H 87 -23.40 22.12 -18.78
C SER H 87 -24.24 21.85 -17.56
N THR H 88 -24.80 20.64 -17.49
CA THR H 88 -25.68 20.24 -16.39
C THR H 88 -24.98 19.21 -15.51
N ARG H 89 -25.06 19.41 -14.21
CA ARG H 89 -24.45 18.53 -13.21
C ARG H 89 -25.52 17.74 -12.48
N LYS H 90 -25.16 16.53 -12.06
CA LYS H 90 -26.13 15.74 -11.33
C LYS H 90 -25.39 14.80 -10.38
N GLU H 91 -25.88 14.69 -9.15
CA GLU H 91 -25.31 13.82 -8.13
C GLU H 91 -26.30 12.72 -7.77
N GLU H 92 -25.76 11.51 -7.60
CA GLU H 92 -26.54 10.32 -7.30
C GLU H 92 -25.75 9.47 -6.30
N LYS H 93 -26.41 9.04 -5.23
CA LYS H 93 -25.82 8.13 -4.26
C LYS H 93 -26.33 6.71 -4.53
N GLN H 94 -25.39 5.77 -4.72
CA GLN H 94 -25.70 4.40 -5.11
C GLN H 94 -25.91 3.48 -3.90
N ARG H 95 -26.25 2.21 -4.15
CA ARG H 95 -26.42 1.25 -3.08
C ARG H 95 -25.12 1.04 -2.31
N ASN H 96 -24.01 0.87 -3.03
CA ASN H 96 -22.73 0.64 -2.41
C ASN H 96 -22.19 1.86 -1.66
N GLY H 97 -22.96 2.96 -1.61
CA GLY H 97 -22.55 4.16 -0.90
C GLY H 97 -21.66 5.10 -1.68
N THR H 98 -21.33 4.79 -2.93
CA THR H 98 -20.47 5.66 -3.69
C THR H 98 -21.29 6.78 -4.31
N LEU H 99 -20.58 7.78 -4.81
CA LEU H 99 -21.23 8.93 -5.38
C LEU H 99 -20.88 8.96 -6.85
N THR H 100 -21.91 9.07 -7.67
CA THR H 100 -21.79 9.16 -9.10
C THR H 100 -22.13 10.61 -9.39
N VAL H 101 -21.14 11.34 -9.87
CA VAL H 101 -21.33 12.73 -10.27
C VAL H 101 -21.11 12.75 -11.77
N THR H 102 -22.12 13.15 -12.52
CA THR H 102 -22.00 13.27 -13.97
C THR H 102 -22.23 14.72 -14.35
N SER H 103 -21.49 15.16 -15.36
CA SER H 103 -21.64 16.46 -16.00
C SER H 103 -21.88 16.21 -17.48
N THR H 104 -22.98 16.72 -18.02
CA THR H 104 -23.30 16.53 -19.42
C THR H 104 -23.14 17.85 -20.17
N LEU H 105 -22.44 17.79 -21.30
CA LEU H 105 -22.12 18.96 -22.14
C LEU H 105 -22.62 18.69 -23.54
N PRO H 106 -23.46 19.55 -24.10
CA PRO H 106 -23.81 19.40 -25.52
C PRO H 106 -22.67 19.77 -26.47
N VAL H 107 -22.72 19.19 -27.66
CA VAL H 107 -21.74 19.51 -28.69
C VAL H 107 -22.47 19.72 -30.00
N GLY H 108 -21.84 20.52 -30.87
CA GLY H 108 -22.36 20.73 -32.19
C GLY H 108 -21.81 19.64 -33.06
N THR H 109 -22.69 18.96 -33.79
CA THR H 109 -22.22 17.92 -34.69
C THR H 109 -21.13 18.46 -35.61
N ARG H 110 -21.31 19.67 -36.15
CA ARG H 110 -20.27 20.22 -37.02
C ARG H 110 -18.98 20.45 -36.25
N ASP H 111 -19.08 21.07 -35.07
CA ASP H 111 -17.91 21.20 -34.20
C ASP H 111 -17.18 19.87 -34.02
N TRP H 112 -17.92 18.79 -33.78
CA TRP H 112 -17.28 17.49 -33.51
C TRP H 112 -16.54 16.97 -34.73
N ILE H 113 -17.20 17.02 -35.89
CA ILE H 113 -16.59 16.52 -37.14
C ILE H 113 -15.44 17.40 -37.59
N GLU H 114 -15.53 18.72 -37.36
CA GLU H 114 -14.43 19.59 -37.78
C GLU H 114 -13.18 19.26 -36.97
N GLY H 115 -13.33 18.54 -35.86
CA GLY H 115 -12.24 18.00 -35.09
C GLY H 115 -11.91 18.74 -33.82
N GLU H 116 -12.96 19.07 -33.08
CA GLU H 116 -12.74 19.78 -31.85
C GLU H 116 -12.31 18.78 -30.80
N THR H 117 -11.70 19.31 -29.74
CA THR H 117 -11.28 18.48 -28.63
C THR H 117 -11.91 18.99 -27.36
N TYR H 118 -12.71 18.14 -26.72
CA TYR H 118 -13.34 18.52 -25.47
C TYR H 118 -12.61 17.81 -24.35
N GLN H 119 -12.38 18.54 -23.26
CA GLN H 119 -11.57 18.03 -22.18
C GLN H 119 -12.29 18.29 -20.87
N CYS H 120 -12.35 17.28 -20.02
CA CYS H 120 -12.98 17.34 -18.72
C CYS H 120 -11.88 17.28 -17.67
N ARG H 121 -12.02 18.00 -16.56
CA ARG H 121 -11.03 17.96 -15.49
C ARG H 121 -11.73 17.94 -14.14
N VAL H 122 -11.45 16.91 -13.35
CA VAL H 122 -12.02 16.71 -12.01
C VAL H 122 -10.99 17.11 -10.97
N THR H 123 -11.39 17.94 -10.01
CA THR H 123 -10.56 18.23 -8.86
C THR H 123 -11.32 17.90 -7.58
N HIS H 124 -10.57 17.54 -6.54
CA HIS H 124 -11.08 17.13 -5.25
C HIS H 124 -10.03 17.55 -4.22
N PRO H 125 -10.44 18.06 -3.06
CA PRO H 125 -9.46 18.25 -1.98
C PRO H 125 -8.74 16.98 -1.57
N HIS H 126 -9.45 15.83 -1.51
CA HIS H 126 -8.87 14.55 -1.18
C HIS H 126 -7.94 14.00 -2.25
N LEU H 127 -7.91 14.64 -3.42
CA LEU H 127 -6.98 14.24 -4.46
C LEU H 127 -5.90 15.30 -4.62
N PRO H 128 -4.63 14.92 -4.65
CA PRO H 128 -3.56 15.92 -4.74
C PRO H 128 -3.54 16.62 -6.09
N ARG H 129 -3.54 15.82 -7.16
CA ARG H 129 -3.59 16.28 -8.53
C ARG H 129 -4.95 16.00 -9.15
N ALA H 130 -5.12 16.45 -10.39
CA ALA H 130 -6.44 16.42 -11.01
C ALA H 130 -6.53 15.30 -12.04
N LEU H 131 -7.74 14.79 -12.21
CA LEU H 131 -8.02 13.84 -13.25
C LEU H 131 -8.42 14.62 -14.48
N MET H 132 -7.98 14.18 -15.64
CA MET H 132 -8.30 14.88 -16.87
C MET H 132 -8.67 13.82 -17.90
N ARG H 133 -9.78 14.04 -18.57
CA ARG H 133 -10.18 13.15 -19.64
C ARG H 133 -10.46 13.99 -20.87
N SER H 134 -10.01 13.50 -22.01
CA SER H 134 -10.12 14.17 -23.29
C SER H 134 -10.81 13.27 -24.29
N THR H 135 -11.56 13.88 -25.19
CA THR H 135 -12.25 13.13 -26.22
C THR H 135 -12.29 13.95 -27.50
N THR H 136 -12.26 13.23 -28.62
CA THR H 136 -12.28 13.89 -29.92
C THR H 136 -12.55 12.86 -31.00
N LYS H 137 -12.68 13.35 -32.24
CA LYS H 137 -13.03 12.53 -33.39
C LYS H 137 -11.85 11.67 -33.71
N THR H 138 -12.08 10.38 -33.90
CA THR H 138 -10.97 9.45 -34.06
C THR H 138 -10.34 9.62 -35.43
N SER H 139 -9.03 9.86 -35.45
CA SER H 139 -8.30 10.05 -36.69
C SER H 139 -8.12 8.75 -37.48
N GLY H 140 -8.02 8.89 -38.79
CA GLY H 140 -7.64 7.77 -39.63
C GLY H 140 -8.35 7.73 -40.98
N PRO H 141 -8.16 6.65 -41.72
CA PRO H 141 -8.95 6.47 -42.93
C PRO H 141 -10.42 6.36 -42.55
N ARG H 142 -11.31 6.41 -43.55
CA ARG H 142 -12.74 6.23 -43.30
C ARG H 142 -13.34 5.35 -44.39
N ALA H 143 -13.88 4.20 -43.99
CA ALA H 143 -14.62 3.32 -44.88
C ALA H 143 -16.00 3.03 -44.29
N ALA H 144 -17.04 3.16 -45.09
CA ALA H 144 -18.37 2.92 -44.55
C ALA H 144 -18.56 1.42 -44.34
N PRO H 145 -19.41 1.03 -43.40
CA PRO H 145 -19.59 -0.40 -43.14
C PRO H 145 -20.46 -1.04 -44.21
N GLU H 146 -20.13 -2.27 -44.57
CA GLU H 146 -21.00 -3.13 -45.35
C GLU H 146 -21.70 -4.10 -44.42
N VAL H 147 -22.94 -4.44 -44.72
CA VAL H 147 -23.79 -5.16 -43.78
C VAL H 147 -24.38 -6.41 -44.42
N TYR H 148 -24.44 -7.49 -43.63
CA TYR H 148 -25.04 -8.77 -44.02
C TYR H 148 -25.90 -9.32 -42.90
N ALA H 149 -27.10 -9.78 -43.26
CA ALA H 149 -28.07 -10.30 -42.31
C ALA H 149 -28.60 -11.65 -42.78
N PHE H 150 -28.75 -12.53 -41.82
CA PHE H 150 -29.21 -13.87 -42.07
C PHE H 150 -30.24 -14.16 -41.00
N ALA H 151 -31.06 -15.17 -41.24
CA ALA H 151 -31.88 -15.76 -40.19
C ALA H 151 -31.32 -17.12 -39.81
N THR H 152 -31.49 -17.51 -38.56
CA THR H 152 -31.08 -18.87 -38.27
C THR H 152 -32.19 -19.85 -38.66
N PRO H 153 -31.81 -21.05 -39.13
CA PRO H 153 -32.80 -22.10 -39.33
C PRO H 153 -33.50 -22.42 -38.01
N GLU H 154 -34.81 -22.67 -38.10
CA GLU H 154 -35.56 -23.07 -36.93
C GLU H 154 -34.81 -24.17 -36.19
N TRP H 155 -34.84 -24.12 -34.85
CA TRP H 155 -34.29 -25.19 -34.03
C TRP H 155 -35.39 -26.06 -33.41
N PRO H 156 -35.20 -27.37 -33.31
CA PRO H 156 -36.18 -28.20 -32.60
C PRO H 156 -36.43 -27.69 -31.19
N GLY H 157 -37.69 -27.76 -30.74
CA GLY H 157 -38.04 -27.41 -29.39
C GLY H 157 -38.32 -25.95 -29.13
N SER H 158 -37.90 -25.06 -30.04
CA SER H 158 -38.20 -23.63 -29.99
C SER H 158 -38.70 -23.17 -31.35
N ARG H 159 -39.87 -23.69 -31.74
CA ARG H 159 -40.51 -23.28 -32.99
C ARG H 159 -40.91 -21.81 -32.97
N ASP H 160 -41.15 -21.22 -31.79
CA ASP H 160 -41.73 -19.89 -31.67
C ASP H 160 -40.73 -18.75 -31.50
N LYS H 161 -39.45 -19.03 -31.29
CA LYS H 161 -38.41 -18.01 -31.27
C LYS H 161 -37.51 -18.24 -32.48
N ARG H 162 -37.12 -17.17 -33.14
CA ARG H 162 -36.10 -17.28 -34.18
C ARG H 162 -35.00 -16.27 -33.90
N THR H 163 -33.81 -16.54 -34.43
CA THR H 163 -32.68 -15.65 -34.23
C THR H 163 -32.22 -15.08 -35.55
N LEU H 164 -32.04 -13.76 -35.59
CA LEU H 164 -31.56 -13.08 -36.77
C LEU H 164 -30.17 -12.54 -36.46
N ALA H 165 -29.29 -12.61 -37.43
CA ALA H 165 -27.91 -12.24 -37.21
C ALA H 165 -27.49 -11.18 -38.20
N CYS H 166 -26.56 -10.35 -37.76
CA CYS H 166 -26.05 -9.28 -38.59
C CYS H 166 -24.56 -9.16 -38.34
N LEU H 167 -23.80 -9.15 -39.43
CA LEU H 167 -22.36 -8.95 -39.42
C LEU H 167 -22.04 -7.66 -40.16
N ILE H 168 -21.31 -6.77 -39.51
CA ILE H 168 -21.05 -5.44 -40.06
C ILE H 168 -19.54 -5.26 -40.04
N GLN H 169 -18.95 -4.98 -41.20
CA GLN H 169 -17.51 -5.09 -41.30
C GLN H 169 -16.90 -4.11 -42.29
N ASN H 170 -15.58 -3.96 -42.15
CA ASN H 170 -14.72 -3.20 -43.04
C ASN H 170 -14.93 -1.71 -42.94
N PHE H 171 -15.40 -1.25 -41.79
CA PHE H 171 -15.61 0.17 -41.56
C PHE H 171 -14.55 0.72 -40.64
N MET H 172 -14.27 2.00 -40.81
CA MET H 172 -13.46 2.71 -39.86
C MET H 172 -13.67 4.24 -40.00
N PRO H 173 -13.42 4.98 -38.90
CA PRO H 173 -12.93 4.41 -37.65
C PRO H 173 -13.95 3.50 -36.97
N GLU H 174 -13.59 3.03 -35.78
CA GLU H 174 -14.33 1.99 -35.10
C GLU H 174 -15.71 2.40 -34.57
N ASP H 175 -15.98 3.71 -34.44
CA ASP H 175 -17.24 4.19 -33.85
C ASP H 175 -18.46 3.76 -34.67
N ILE H 176 -19.40 3.06 -34.05
CA ILE H 176 -20.56 2.60 -34.80
C ILE H 176 -21.74 2.47 -33.86
N SER H 177 -22.93 2.56 -34.43
CA SER H 177 -24.19 2.46 -33.72
C SER H 177 -25.06 1.49 -34.49
N VAL H 178 -25.58 0.48 -33.82
CA VAL H 178 -26.35 -0.58 -34.47
C VAL H 178 -27.73 -0.60 -33.84
N GLN H 179 -28.78 -0.62 -34.64
CA GLN H 179 -30.12 -0.56 -34.10
C GLN H 179 -30.98 -1.49 -34.93
N TRP H 180 -31.95 -2.13 -34.28
CA TRP H 180 -32.85 -3.03 -34.96
C TRP H 180 -34.23 -2.43 -35.05
N LEU H 181 -34.84 -2.62 -36.22
CA LEU H 181 -36.17 -2.13 -36.51
C LEU H 181 -37.02 -3.30 -37.01
N HIS H 182 -38.28 -3.29 -36.63
CA HIS H 182 -39.26 -4.24 -37.14
C HIS H 182 -40.15 -3.39 -38.05
N ASN H 183 -39.77 -3.32 -39.32
CA ASN H 183 -40.47 -2.54 -40.34
C ASN H 183 -40.74 -1.12 -39.87
N GLU H 184 -39.69 -0.35 -39.71
CA GLU H 184 -39.87 1.04 -39.31
C GLU H 184 -40.38 1.20 -37.88
N VAL H 185 -40.38 0.17 -37.05
CA VAL H 185 -40.62 0.34 -35.64
C VAL H 185 -39.30 0.05 -34.97
N GLN H 186 -38.78 1.04 -34.25
CA GLN H 186 -37.49 0.91 -33.60
C GLN H 186 -37.66 0.03 -32.38
N LEU H 187 -36.82 -0.87 -32.26
CA LEU H 187 -36.89 -1.77 -31.13
C LEU H 187 -36.00 -1.24 -30.01
N PRO H 188 -36.35 -1.51 -28.76
CA PRO H 188 -35.47 -1.09 -27.65
C PRO H 188 -34.08 -1.67 -27.79
N ASP H 189 -33.07 -0.87 -27.47
CA ASP H 189 -31.71 -1.35 -27.59
C ASP H 189 -31.47 -2.63 -26.80
N ALA H 190 -32.34 -2.95 -25.83
CA ALA H 190 -32.19 -4.18 -25.06
C ALA H 190 -32.36 -5.44 -25.93
N ARG H 191 -33.26 -5.39 -26.90
CA ARG H 191 -33.65 -6.56 -27.67
C ARG H 191 -32.50 -7.18 -28.43
N HIS H 192 -31.41 -6.44 -28.64
CA HIS H 192 -30.27 -6.93 -29.39
C HIS H 192 -28.99 -6.84 -28.58
N SER H 193 -28.07 -7.74 -28.87
CA SER H 193 -26.74 -7.75 -28.29
C SER H 193 -25.75 -7.65 -29.44
N THR H 194 -24.81 -6.71 -29.32
CA THR H 194 -23.81 -6.50 -30.35
C THR H 194 -22.40 -6.63 -29.77
N THR H 195 -21.48 -7.17 -30.55
CA THR H 195 -20.14 -7.33 -30.05
C THR H 195 -19.41 -5.99 -30.16
N GLN H 196 -18.42 -5.79 -29.29
CA GLN H 196 -17.57 -4.62 -29.44
C GLN H 196 -16.73 -4.79 -30.71
N PRO H 197 -16.43 -3.69 -31.38
CA PRO H 197 -15.67 -3.78 -32.64
C PRO H 197 -14.31 -4.39 -32.41
N ARG H 198 -13.94 -5.32 -33.28
CA ARG H 198 -12.63 -5.91 -33.28
C ARG H 198 -12.01 -5.52 -34.63
N LYS H 199 -10.68 -5.49 -34.70
CA LYS H 199 -10.00 -5.10 -35.93
C LYS H 199 -9.68 -6.35 -36.76
N THR H 200 -10.17 -6.37 -38.00
CA THR H 200 -10.00 -7.52 -38.87
C THR H 200 -8.56 -7.67 -39.29
N LYS H 201 -8.30 -8.77 -39.99
CA LYS H 201 -7.02 -8.97 -40.62
C LYS H 201 -6.76 -7.88 -41.65
N GLY H 202 -7.78 -7.53 -42.45
CA GLY H 202 -7.60 -6.47 -43.42
C GLY H 202 -7.65 -5.09 -42.78
N SER H 203 -8.49 -4.20 -43.28
CA SER H 203 -8.34 -2.83 -42.84
C SER H 203 -9.53 -2.34 -42.04
N GLY H 204 -10.68 -2.95 -42.21
CA GLY H 204 -11.85 -2.54 -41.47
C GLY H 204 -11.93 -3.17 -40.08
N PHE H 205 -12.92 -2.69 -39.31
CA PHE H 205 -13.41 -3.32 -38.09
C PHE H 205 -14.63 -4.17 -38.44
N PHE H 206 -15.14 -4.90 -37.44
CA PHE H 206 -16.37 -5.64 -37.65
C PHE H 206 -17.13 -5.73 -36.33
N VAL H 207 -18.44 -5.93 -36.45
CA VAL H 207 -19.29 -6.18 -35.29
C VAL H 207 -20.32 -7.21 -35.71
N PHE H 208 -20.82 -7.95 -34.72
CA PHE H 208 -21.79 -9.00 -34.94
C PHE H 208 -22.97 -8.83 -34.00
N SER H 209 -24.18 -8.78 -34.55
CA SER H 209 -25.37 -8.45 -33.78
C SER H 209 -26.38 -9.59 -33.89
N ARG H 210 -26.94 -9.97 -32.74
CA ARG H 210 -27.96 -11.00 -32.67
C ARG H 210 -29.25 -10.41 -32.12
N LEU H 211 -30.35 -10.73 -32.76
CA LEU H 211 -31.66 -10.26 -32.34
C LEU H 211 -32.59 -11.46 -32.29
N GLU H 212 -33.24 -11.67 -31.16
CA GLU H 212 -34.18 -12.80 -31.02
C GLU H 212 -35.59 -12.26 -31.15
N VAL H 213 -36.29 -12.69 -32.18
CA VAL H 213 -37.63 -12.18 -32.49
C VAL H 213 -38.63 -13.28 -32.24
N THR H 214 -39.84 -12.91 -31.90
CA THR H 214 -40.86 -13.91 -31.58
C THR H 214 -41.71 -14.21 -32.79
N ARG H 215 -42.44 -15.33 -32.72
CA ARG H 215 -43.28 -15.76 -33.83
C ARG H 215 -44.36 -14.71 -34.10
N ALA H 216 -44.99 -14.20 -33.03
CA ALA H 216 -46.02 -13.18 -33.18
C ALA H 216 -45.49 -11.96 -33.93
N GLU H 217 -44.23 -11.59 -33.69
CA GLU H 217 -43.70 -10.40 -34.35
C GLU H 217 -43.57 -10.62 -35.85
N TRP H 218 -43.04 -11.79 -36.27
CA TRP H 218 -42.80 -11.96 -37.70
C TRP H 218 -44.03 -12.42 -38.46
N GLU H 219 -45.06 -12.92 -37.78
CA GLU H 219 -46.27 -13.28 -38.46
C GLU H 219 -47.12 -12.06 -38.71
N GLN H 220 -47.07 -11.10 -37.80
CA GLN H 220 -47.73 -9.84 -38.09
C GLN H 220 -47.00 -9.10 -39.20
N LYS H 221 -45.67 -9.09 -39.14
CA LYS H 221 -44.87 -8.50 -40.21
C LYS H 221 -43.47 -9.11 -40.23
N ASP H 222 -43.18 -9.82 -41.32
CA ASP H 222 -41.92 -10.53 -41.59
C ASP H 222 -40.90 -9.63 -42.31
N GLU H 223 -40.58 -8.48 -41.74
CA GLU H 223 -39.45 -7.71 -42.23
C GLU H 223 -38.70 -7.14 -41.06
N PHE H 224 -37.39 -7.38 -41.01
CA PHE H 224 -36.57 -6.88 -39.91
C PHE H 224 -35.36 -6.21 -40.48
N ILE H 225 -34.99 -5.09 -39.86
CA ILE H 225 -33.98 -4.23 -40.43
C ILE H 225 -32.83 -4.17 -39.43
N CYS H 226 -31.65 -4.56 -39.90
CA CYS H 226 -30.42 -4.32 -39.15
C CYS H 226 -29.76 -3.09 -39.74
N ARG H 227 -29.64 -2.04 -38.94
CA ARG H 227 -29.16 -0.76 -39.42
C ARG H 227 -27.93 -0.29 -38.68
N ALA H 228 -26.98 0.20 -39.44
CA ALA H 228 -25.75 0.74 -38.88
C ALA H 228 -25.66 2.22 -39.16
N VAL H 229 -25.22 2.96 -38.16
CA VAL H 229 -24.99 4.39 -38.29
C VAL H 229 -23.51 4.56 -38.09
N HIS H 230 -22.86 5.15 -39.10
CA HIS H 230 -21.41 5.27 -39.12
C HIS H 230 -21.02 6.49 -39.93
N GLU H 231 -20.03 7.25 -39.46
CA GLU H 231 -19.76 8.54 -40.08
C GLU H 231 -19.32 8.48 -41.53
N ALA H 232 -18.80 7.34 -42.00
CA ALA H 232 -18.42 7.22 -43.39
C ALA H 232 -19.57 6.80 -44.28
N ALA H 233 -20.63 6.23 -43.72
CA ALA H 233 -21.72 5.75 -44.55
C ALA H 233 -22.29 6.91 -45.32
N SER H 234 -22.66 6.64 -46.56
CA SER H 234 -23.11 7.69 -47.44
C SER H 234 -24.36 7.24 -48.15
N PRO H 235 -25.38 8.11 -48.17
CA PRO H 235 -25.37 9.40 -47.47
C PRO H 235 -26.12 9.22 -46.17
N SER H 236 -26.28 10.26 -45.38
CA SER H 236 -27.09 10.21 -44.16
C SER H 236 -26.53 9.25 -43.12
N GLN H 237 -25.30 8.73 -43.32
CA GLN H 237 -24.58 7.95 -42.30
C GLN H 237 -25.31 6.68 -41.89
N THR H 238 -25.91 6.01 -42.88
CA THR H 238 -26.75 4.86 -42.65
C THR H 238 -26.50 3.76 -43.67
N VAL H 239 -26.41 2.55 -43.16
CA VAL H 239 -26.40 1.37 -43.99
C VAL H 239 -27.30 0.34 -43.33
N GLN H 240 -28.07 -0.40 -44.12
CA GLN H 240 -28.96 -1.39 -43.54
C GLN H 240 -29.17 -2.53 -44.51
N ARG H 241 -29.62 -3.66 -43.96
CA ARG H 241 -30.14 -4.81 -44.71
C ARG H 241 -31.48 -5.20 -44.12
N ALA H 242 -32.25 -5.87 -44.96
CA ALA H 242 -33.55 -6.34 -44.54
C ALA H 242 -33.47 -7.85 -44.54
N VAL H 243 -34.09 -8.46 -43.55
CA VAL H 243 -33.99 -9.88 -43.31
C VAL H 243 -35.36 -10.39 -42.91
N SER H 244 -35.72 -11.54 -43.46
CA SER H 244 -37.03 -12.12 -43.22
C SER H 244 -36.81 -13.47 -42.56
N VAL H 245 -37.81 -13.90 -41.80
CA VAL H 245 -37.77 -15.27 -41.29
C VAL H 245 -38.10 -16.28 -42.38
N ASN H 246 -38.85 -15.88 -43.41
CA ASN H 246 -39.12 -16.77 -44.52
C ASN H 246 -38.90 -16.07 -45.87
N VAL I 38 0.84 -13.74 -4.41
CA VAL I 38 0.61 -15.09 -4.93
C VAL I 38 -0.87 -15.32 -5.21
N SER I 39 -1.17 -15.87 -6.39
CA SER I 39 -2.52 -16.15 -6.82
C SER I 39 -2.65 -17.64 -7.15
N ALA I 40 -3.89 -18.14 -7.15
CA ALA I 40 -4.13 -19.58 -7.31
C ALA I 40 -5.42 -19.84 -8.07
N TYR I 41 -5.37 -20.77 -9.03
CA TYR I 41 -6.49 -21.09 -9.90
C TYR I 41 -6.74 -22.60 -10.01
N LEU I 42 -8.02 -23.01 -9.91
CA LEU I 42 -8.42 -24.42 -9.99
C LEU I 42 -9.51 -24.58 -11.04
N SER I 43 -9.20 -25.23 -12.15
CA SER I 43 -10.09 -25.33 -13.30
C SER I 43 -11.14 -26.44 -13.13
N ARG I 44 -12.08 -26.51 -14.08
CA ARG I 44 -13.01 -27.63 -14.24
C ARG I 44 -12.66 -28.57 -15.42
N PRO I 45 -13.28 -29.75 -15.48
CA PRO I 45 -13.12 -30.62 -16.64
C PRO I 45 -13.73 -29.96 -17.88
N SER I 46 -13.11 -30.17 -19.04
CA SER I 46 -13.76 -29.74 -20.26
C SER I 46 -14.92 -30.68 -20.54
N PRO I 47 -16.05 -30.17 -21.04
CA PRO I 47 -17.15 -31.08 -21.37
C PRO I 47 -16.71 -32.21 -22.25
N PHE I 48 -15.75 -31.96 -23.13
CA PHE I 48 -15.27 -32.98 -24.05
C PHE I 48 -14.58 -34.11 -23.30
N ASP I 49 -13.72 -33.75 -22.33
CA ASP I 49 -13.04 -34.70 -21.47
C ASP I 49 -14.00 -35.49 -20.61
N LEU I 50 -15.19 -34.96 -20.37
CA LEU I 50 -16.14 -35.60 -19.47
C LEU I 50 -17.14 -36.49 -20.20
N PHE I 51 -17.55 -36.14 -21.41
CA PHE I 51 -18.66 -36.79 -22.07
C PHE I 51 -18.28 -37.54 -23.33
N ILE I 52 -17.12 -37.27 -23.92
CA ILE I 52 -16.66 -38.03 -25.08
C ILE I 52 -15.46 -38.91 -24.72
N ARG I 53 -14.29 -38.31 -24.46
CA ARG I 53 -13.12 -39.08 -24.03
C ARG I 53 -13.37 -39.83 -22.73
N LYS I 54 -14.22 -39.29 -21.85
CA LYS I 54 -14.41 -39.83 -20.51
C LYS I 54 -13.08 -40.09 -19.79
N SER I 55 -12.17 -39.12 -19.88
CA SER I 55 -10.94 -39.08 -19.10
C SER I 55 -10.74 -37.66 -18.57
N PRO I 56 -11.59 -37.22 -17.65
CA PRO I 56 -11.53 -35.83 -17.20
C PRO I 56 -10.38 -35.56 -16.25
N THR I 57 -9.89 -34.34 -16.29
CA THR I 57 -8.90 -33.84 -15.35
C THR I 57 -9.20 -32.41 -14.96
N ILE I 58 -8.66 -32.00 -13.81
CA ILE I 58 -8.76 -30.64 -13.29
C ILE I 58 -7.37 -30.18 -12.83
N THR I 59 -7.00 -28.95 -13.16
CA THR I 59 -5.66 -28.43 -12.90
C THR I 59 -5.68 -27.34 -11.84
N CYS I 60 -4.71 -27.40 -10.92
CA CYS I 60 -4.52 -26.39 -9.89
C CYS I 60 -3.24 -25.62 -10.19
N LEU I 61 -3.36 -24.32 -10.45
CA LEU I 61 -2.24 -23.53 -10.95
C LEU I 61 -1.90 -22.43 -9.96
N VAL I 62 -0.64 -22.43 -9.49
CA VAL I 62 -0.16 -21.40 -8.58
C VAL I 62 0.85 -20.55 -9.33
N VAL I 63 0.72 -19.23 -9.16
CA VAL I 63 1.52 -18.25 -9.90
C VAL I 63 2.04 -17.19 -8.93
N ASP I 64 3.01 -16.42 -9.42
CA ASP I 64 3.55 -15.26 -8.71
C ASP I 64 4.52 -15.63 -7.60
N LEU I 65 5.15 -16.79 -7.69
CA LEU I 65 6.10 -17.20 -6.66
C LEU I 65 7.50 -16.66 -6.93
N ALA I 66 8.16 -16.24 -5.86
CA ALA I 66 9.57 -15.91 -5.92
C ALA I 66 10.36 -17.20 -5.76
N PRO I 67 11.19 -17.59 -6.74
CA PRO I 67 11.94 -18.85 -6.60
C PRO I 67 12.81 -18.88 -5.36
N SER I 68 13.19 -17.71 -4.85
CA SER I 68 13.88 -17.62 -3.57
C SER I 68 13.24 -18.52 -2.52
N LYS I 69 11.92 -18.43 -2.39
CA LYS I 69 11.23 -19.09 -1.30
C LYS I 69 11.37 -20.61 -1.41
N GLY I 70 11.22 -21.27 -0.26
CA GLY I 70 11.20 -22.72 -0.25
C GLY I 70 9.99 -23.23 -0.99
N THR I 71 10.11 -24.43 -1.53
CA THR I 71 9.05 -24.88 -2.42
C THR I 71 7.70 -24.94 -1.71
N VAL I 72 6.62 -24.82 -2.53
CA VAL I 72 5.24 -24.76 -2.05
C VAL I 72 4.68 -26.17 -1.96
N ASN I 73 3.82 -26.35 -0.97
CA ASN I 73 3.14 -27.62 -0.75
C ASN I 73 1.81 -27.49 -1.47
N LEU I 74 1.49 -28.46 -2.31
CA LEU I 74 0.27 -28.40 -3.11
C LEU I 74 -0.38 -29.78 -2.96
N THR I 75 -1.31 -29.87 -2.03
CA THR I 75 -1.93 -31.13 -1.63
C THR I 75 -3.39 -31.11 -2.07
N TRP I 76 -4.05 -32.27 -2.03
CA TRP I 76 -5.43 -32.36 -2.50
C TRP I 76 -6.34 -32.99 -1.45
N SER I 77 -7.63 -32.77 -1.68
CA SER I 77 -8.70 -33.30 -0.86
C SER I 77 -9.91 -33.47 -1.76
N ARG I 78 -10.71 -34.46 -1.46
CA ARG I 78 -11.99 -34.67 -2.10
C ARG I 78 -13.08 -34.57 -1.06
N ALA I 79 -14.25 -34.13 -1.49
CA ALA I 79 -15.38 -34.05 -0.58
C ALA I 79 -15.77 -35.42 -0.06
N SER I 80 -15.59 -36.48 -0.88
CA SER I 80 -16.03 -37.83 -0.50
C SER I 80 -15.18 -38.45 0.60
N GLY I 81 -13.92 -38.02 0.73
CA GLY I 81 -13.01 -38.68 1.65
C GLY I 81 -12.27 -39.87 1.08
N LYS I 82 -12.68 -40.35 -0.10
CA LYS I 82 -11.84 -41.30 -0.82
C LYS I 82 -10.51 -40.61 -1.07
N PRO I 83 -9.44 -41.37 -1.16
CA PRO I 83 -8.11 -40.77 -1.34
C PRO I 83 -7.95 -40.19 -2.74
N VAL I 84 -6.85 -39.46 -2.92
CA VAL I 84 -6.60 -38.74 -4.15
C VAL I 84 -5.65 -39.54 -5.02
N ASN I 85 -6.00 -39.61 -6.30
CA ASN I 85 -5.15 -40.21 -7.32
C ASN I 85 -3.79 -39.55 -7.25
N HIS I 86 -2.86 -40.07 -8.01
CA HIS I 86 -1.54 -39.48 -8.03
C HIS I 86 -1.61 -38.25 -8.92
N SER I 87 -1.25 -37.12 -8.34
CA SER I 87 -1.29 -35.83 -9.01
C SER I 87 0.08 -35.52 -9.59
N THR I 88 0.09 -34.74 -10.67
CA THR I 88 1.32 -34.46 -11.39
C THR I 88 1.79 -33.04 -11.08
N ARG I 89 3.06 -32.92 -10.69
CA ARG I 89 3.59 -31.62 -10.36
C ARG I 89 4.58 -31.18 -11.42
N LYS I 90 4.61 -29.88 -11.65
CA LYS I 90 5.44 -29.28 -12.69
C LYS I 90 5.84 -27.87 -12.25
N GLU I 91 7.12 -27.55 -12.38
CA GLU I 91 7.58 -26.20 -12.14
C GLU I 91 8.24 -25.67 -13.41
N GLU I 92 7.97 -24.40 -13.68
CA GLU I 92 8.40 -23.75 -14.91
C GLU I 92 8.69 -22.31 -14.54
N LYS I 93 9.96 -21.93 -14.54
CA LYS I 93 10.29 -20.55 -14.25
C LYS I 93 9.89 -19.66 -15.43
N GLN I 94 9.70 -18.38 -15.14
CA GLN I 94 9.04 -17.49 -16.07
C GLN I 94 9.90 -16.28 -16.40
N ARG I 95 9.50 -15.59 -17.47
CA ARG I 95 10.17 -14.37 -17.93
C ARG I 95 10.00 -13.21 -16.97
N ASN I 96 9.04 -13.27 -16.05
CA ASN I 96 8.85 -12.23 -15.05
C ASN I 96 9.75 -12.40 -13.84
N GLY I 97 10.66 -13.36 -13.85
CA GLY I 97 11.28 -13.77 -12.60
C GLY I 97 10.26 -14.53 -11.76
N THR I 98 9.06 -14.71 -12.32
CA THR I 98 7.98 -15.41 -11.64
C THR I 98 8.09 -16.92 -11.89
N LEU I 99 7.56 -17.72 -10.96
CA LEU I 99 7.63 -19.18 -11.01
C LEU I 99 6.24 -19.81 -10.97
N THR I 100 5.99 -20.73 -11.91
CA THR I 100 4.71 -21.43 -12.06
C THR I 100 4.81 -22.91 -11.71
N VAL I 101 4.02 -23.31 -10.72
CA VAL I 101 3.86 -24.72 -10.34
C VAL I 101 2.42 -25.11 -10.62
N THR I 102 2.23 -26.14 -11.44
CA THR I 102 0.92 -26.60 -11.82
C THR I 102 0.76 -28.04 -11.37
N SER I 103 -0.43 -28.40 -10.90
CA SER I 103 -0.75 -29.77 -10.51
C SER I 103 -2.04 -30.21 -11.17
N THR I 104 -1.98 -31.33 -11.90
CA THR I 104 -3.13 -31.89 -12.58
C THR I 104 -3.52 -33.21 -11.93
N LEU I 105 -4.82 -33.35 -11.65
CA LEU I 105 -5.34 -34.51 -11.00
C LEU I 105 -6.43 -35.14 -11.84
N PRO I 106 -6.35 -36.42 -12.18
CA PRO I 106 -7.48 -37.06 -12.85
C PRO I 106 -8.63 -37.19 -11.87
N VAL I 107 -9.85 -37.19 -12.41
CA VAL I 107 -11.06 -37.24 -11.60
C VAL I 107 -12.02 -38.24 -12.21
N GLY I 108 -12.88 -38.79 -11.36
CA GLY I 108 -13.83 -39.78 -11.84
C GLY I 108 -15.00 -39.10 -12.52
N THR I 109 -15.30 -39.55 -13.73
CA THR I 109 -16.48 -39.05 -14.42
C THR I 109 -17.75 -39.26 -13.61
N ARG I 110 -18.03 -40.50 -13.22
CA ARG I 110 -19.23 -40.72 -12.42
C ARG I 110 -19.18 -39.90 -11.15
N ASP I 111 -17.99 -39.75 -10.58
CA ASP I 111 -17.84 -39.01 -9.34
C ASP I 111 -18.17 -37.53 -9.53
N TRP I 112 -17.66 -36.93 -10.61
CA TRP I 112 -17.87 -35.50 -10.86
C TRP I 112 -19.34 -35.17 -11.11
N ILE I 113 -19.97 -35.88 -12.03
CA ILE I 113 -21.36 -35.64 -12.37
C ILE I 113 -22.27 -35.92 -11.20
N GLU I 114 -21.90 -36.86 -10.34
CA GLU I 114 -22.71 -37.18 -9.18
C GLU I 114 -22.70 -36.05 -8.15
N GLY I 115 -21.82 -35.08 -8.28
CA GLY I 115 -21.83 -33.93 -7.40
C GLY I 115 -20.72 -33.99 -6.38
N GLU I 116 -19.53 -34.27 -6.88
CA GLU I 116 -18.32 -34.36 -6.09
C GLU I 116 -17.65 -32.99 -6.04
N THR I 117 -16.84 -32.79 -5.00
CA THR I 117 -16.11 -31.56 -4.77
C THR I 117 -14.63 -31.87 -4.58
N TYR I 118 -13.79 -31.28 -5.41
CA TYR I 118 -12.34 -31.39 -5.30
C TYR I 118 -11.74 -30.08 -4.83
N GLN I 119 -10.71 -30.16 -3.99
CA GLN I 119 -10.14 -28.98 -3.37
C GLN I 119 -8.62 -29.10 -3.35
N CYS I 120 -7.97 -28.03 -3.76
CA CYS I 120 -6.52 -27.91 -3.85
C CYS I 120 -6.05 -27.02 -2.71
N ARG I 121 -4.90 -27.35 -2.11
CA ARG I 121 -4.42 -26.53 -1.00
C ARG I 121 -2.93 -26.25 -1.15
N VAL I 122 -2.59 -24.96 -1.27
CA VAL I 122 -1.23 -24.50 -1.38
C VAL I 122 -0.80 -23.99 -0.03
N THR I 123 0.26 -24.58 0.51
CA THR I 123 0.89 -24.09 1.71
C THR I 123 2.37 -23.91 1.45
N HIS I 124 2.96 -23.04 2.25
CA HIS I 124 4.33 -22.64 2.11
C HIS I 124 4.82 -22.45 3.53
N PRO I 125 6.08 -22.75 3.82
CA PRO I 125 6.66 -22.28 5.09
C PRO I 125 6.65 -20.75 5.23
N HIS I 126 6.70 -20.02 4.10
CA HIS I 126 6.58 -18.57 4.13
C HIS I 126 5.14 -18.14 4.43
N LEU I 127 4.22 -18.39 3.50
CA LEU I 127 2.82 -17.99 3.64
C LEU I 127 2.31 -18.23 5.07
N PRO I 128 1.53 -17.30 5.62
CA PRO I 128 1.06 -17.42 7.01
C PRO I 128 0.11 -18.60 7.22
N ARG I 129 -0.99 -18.59 6.48
CA ARG I 129 -2.00 -19.62 6.43
C ARG I 129 -1.85 -20.32 5.07
N ALA I 130 -2.95 -20.86 4.54
CA ALA I 130 -2.89 -21.57 3.27
C ALA I 130 -4.00 -21.11 2.33
N LEU I 131 -3.70 -21.21 1.04
CA LEU I 131 -4.69 -20.95 0.00
C LEU I 131 -5.44 -22.22 -0.35
N MET I 132 -6.74 -22.06 -0.61
CA MET I 132 -7.58 -23.18 -0.99
C MET I 132 -8.53 -22.74 -2.09
N ARG I 133 -8.57 -23.54 -3.15
CA ARG I 133 -9.49 -23.30 -4.25
C ARG I 133 -10.29 -24.57 -4.44
N SER I 134 -11.58 -24.44 -4.75
CA SER I 134 -12.49 -25.57 -4.83
C SER I 134 -13.24 -25.56 -6.16
N THR I 135 -13.71 -26.75 -6.57
CA THR I 135 -14.42 -26.94 -7.83
C THR I 135 -15.56 -27.97 -7.67
N THR I 136 -16.63 -27.77 -8.46
CA THR I 136 -17.84 -28.59 -8.44
C THR I 136 -18.63 -28.38 -9.73
N LYS I 137 -19.71 -29.16 -9.89
CA LYS I 137 -20.41 -29.25 -11.15
C LYS I 137 -21.33 -28.04 -11.42
N THR I 138 -21.10 -26.93 -10.70
CA THR I 138 -21.96 -25.76 -10.82
C THR I 138 -23.43 -26.17 -10.92
N SER I 139 -24.11 -26.27 -9.79
CA SER I 139 -25.53 -26.59 -9.81
C SER I 139 -26.35 -25.38 -10.28
N GLY I 140 -27.37 -25.65 -11.06
CA GLY I 140 -28.30 -24.64 -11.48
C GLY I 140 -29.17 -25.20 -12.57
N PRO I 141 -30.02 -24.36 -13.16
CA PRO I 141 -30.78 -24.77 -14.33
C PRO I 141 -29.87 -24.95 -15.53
N ARG I 142 -30.24 -25.89 -16.39
CA ARG I 142 -29.37 -26.31 -17.49
C ARG I 142 -30.17 -26.35 -18.79
N ALA I 143 -29.61 -25.75 -19.85
CA ALA I 143 -30.20 -25.75 -21.18
C ALA I 143 -29.15 -26.12 -22.22
N ALA I 144 -29.53 -27.00 -23.18
CA ALA I 144 -28.62 -27.47 -24.22
C ALA I 144 -28.42 -26.42 -25.31
N PRO I 145 -27.24 -26.38 -25.93
CA PRO I 145 -26.94 -25.34 -26.92
C PRO I 145 -27.53 -25.58 -28.32
N GLU I 146 -27.90 -24.48 -28.98
CA GLU I 146 -28.22 -24.43 -30.41
C GLU I 146 -27.01 -23.97 -31.21
N VAL I 147 -26.88 -24.48 -32.43
CA VAL I 147 -25.71 -24.26 -33.27
C VAL I 147 -26.11 -23.90 -34.71
N TYR I 148 -25.40 -22.94 -35.29
CA TYR I 148 -25.60 -22.52 -36.66
C TYR I 148 -24.25 -22.20 -37.29
N ALA I 149 -24.05 -22.60 -38.52
CA ALA I 149 -22.80 -22.29 -39.20
C ALA I 149 -23.11 -21.70 -40.55
N PHE I 150 -22.19 -20.88 -41.03
CA PHE I 150 -22.39 -20.16 -42.27
C PHE I 150 -21.02 -19.78 -42.80
N ALA I 151 -20.99 -19.04 -43.90
CA ALA I 151 -19.76 -18.47 -44.41
C ALA I 151 -19.76 -16.95 -44.29
N THR I 152 -18.58 -16.37 -44.02
CA THR I 152 -18.54 -14.92 -44.15
C THR I 152 -18.38 -14.63 -45.63
N PRO I 153 -18.95 -13.53 -46.10
CA PRO I 153 -18.82 -13.20 -47.52
C PRO I 153 -17.35 -13.19 -47.94
N GLU I 154 -17.05 -14.00 -48.97
CA GLU I 154 -15.74 -13.95 -49.59
C GLU I 154 -15.41 -12.51 -49.96
N TRP I 155 -14.18 -12.11 -49.67
CA TRP I 155 -13.83 -10.71 -49.63
C TRP I 155 -12.48 -10.50 -50.32
N PRO I 156 -12.22 -9.31 -50.87
CA PRO I 156 -10.89 -9.07 -51.45
C PRO I 156 -9.78 -9.47 -50.49
N GLY I 157 -8.73 -10.06 -51.07
CA GLY I 157 -7.58 -10.56 -50.34
C GLY I 157 -7.69 -12.00 -49.88
N SER I 158 -8.74 -12.72 -50.29
CA SER I 158 -8.97 -14.12 -49.91
C SER I 158 -9.26 -14.94 -51.17
N ARG I 159 -8.20 -15.11 -52.00
CA ARG I 159 -8.33 -15.93 -53.21
C ARG I 159 -8.39 -17.42 -52.89
N ASP I 160 -7.51 -17.87 -52.00
CA ASP I 160 -7.40 -19.26 -51.57
C ASP I 160 -7.95 -19.45 -50.16
N LYS I 161 -8.32 -18.37 -49.51
CA LYS I 161 -8.81 -18.40 -48.15
C LYS I 161 -10.31 -18.12 -48.13
N ARG I 162 -11.05 -18.96 -47.42
CA ARG I 162 -12.45 -18.72 -47.16
C ARG I 162 -12.65 -18.80 -45.65
N THR I 163 -13.63 -18.07 -45.16
CA THR I 163 -13.83 -17.93 -43.73
C THR I 163 -15.19 -18.48 -43.32
N LEU I 164 -15.18 -19.35 -42.31
CA LEU I 164 -16.37 -19.99 -41.76
C LEU I 164 -16.59 -19.58 -40.32
N ALA I 165 -17.86 -19.43 -39.97
CA ALA I 165 -18.25 -18.96 -38.66
C ALA I 165 -19.28 -19.91 -38.07
N CYS I 166 -19.38 -19.86 -36.74
CA CYS I 166 -20.32 -20.65 -35.99
C CYS I 166 -20.88 -19.82 -34.83
N LEU I 167 -22.18 -19.91 -34.63
CA LEU I 167 -22.88 -19.30 -33.52
C LEU I 167 -23.45 -20.40 -32.64
N ILE I 168 -23.16 -20.35 -31.33
CA ILE I 168 -23.63 -21.33 -30.35
C ILE I 168 -24.23 -20.56 -29.19
N GLN I 169 -25.52 -20.78 -28.90
CA GLN I 169 -26.17 -19.88 -27.98
C GLN I 169 -27.24 -20.59 -27.15
N ASN I 170 -27.65 -19.90 -26.10
CA ASN I 170 -28.77 -20.29 -25.25
C ASN I 170 -28.52 -21.52 -24.41
N PHE I 171 -27.26 -21.77 -24.07
CA PHE I 171 -26.93 -22.92 -23.26
C PHE I 171 -26.59 -22.46 -21.86
N MET I 172 -26.79 -23.36 -20.91
CA MET I 172 -26.27 -23.17 -19.56
C MET I 172 -26.25 -24.50 -18.83
N PRO I 173 -25.28 -24.67 -17.91
CA PRO I 173 -24.26 -23.68 -17.52
C PRO I 173 -23.18 -23.32 -18.60
N GLU I 174 -22.20 -22.49 -18.22
CA GLU I 174 -21.29 -21.90 -19.21
C GLU I 174 -20.29 -22.91 -19.75
N ASP I 175 -20.14 -24.04 -19.10
CA ASP I 175 -19.15 -25.02 -19.50
C ASP I 175 -19.48 -25.55 -20.90
N ILE I 176 -18.59 -25.32 -21.86
CA ILE I 176 -18.84 -25.79 -23.22
C ILE I 176 -17.53 -26.03 -23.93
N SER I 177 -17.55 -26.97 -24.88
CA SER I 177 -16.39 -27.34 -25.70
C SER I 177 -16.80 -27.27 -27.16
N VAL I 178 -16.04 -26.52 -27.94
CA VAL I 178 -16.40 -26.19 -29.32
C VAL I 178 -15.49 -26.96 -30.23
N GLN I 179 -16.06 -27.60 -31.25
CA GLN I 179 -15.27 -28.47 -32.10
C GLN I 179 -15.60 -28.23 -33.55
N TRP I 180 -14.54 -28.14 -34.37
CA TRP I 180 -14.64 -28.11 -35.81
C TRP I 180 -14.10 -29.45 -36.31
N LEU I 181 -14.81 -30.09 -37.22
CA LEU I 181 -14.38 -31.37 -37.77
C LEU I 181 -14.40 -31.29 -39.29
N HIS I 182 -13.41 -31.93 -39.93
CA HIS I 182 -13.32 -31.92 -41.40
C HIS I 182 -13.86 -33.25 -41.92
N ASN I 183 -15.19 -33.32 -41.97
CA ASN I 183 -15.90 -34.46 -42.52
C ASN I 183 -15.36 -35.76 -41.92
N GLU I 184 -15.89 -36.15 -40.76
CA GLU I 184 -15.50 -37.34 -40.00
C GLU I 184 -14.05 -37.33 -39.55
N VAL I 185 -13.32 -36.23 -39.73
CA VAL I 185 -12.00 -36.08 -39.12
C VAL I 185 -12.06 -34.85 -38.23
N GLN I 186 -11.70 -35.01 -36.95
CA GLN I 186 -11.67 -33.86 -36.07
C GLN I 186 -10.43 -33.03 -36.38
N LEU I 187 -10.62 -31.71 -36.49
CA LEU I 187 -9.59 -30.75 -36.87
C LEU I 187 -8.75 -30.35 -35.66
N PRO I 188 -7.51 -29.90 -35.89
CA PRO I 188 -6.70 -29.40 -34.78
C PRO I 188 -7.37 -28.18 -34.13
N ASP I 189 -7.43 -28.18 -32.80
CA ASP I 189 -8.02 -27.03 -32.11
C ASP I 189 -7.26 -25.75 -32.38
N ALA I 190 -6.01 -25.86 -32.86
CA ALA I 190 -5.27 -24.67 -33.24
C ALA I 190 -5.94 -23.94 -34.40
N ARG I 191 -6.52 -24.69 -35.35
CA ARG I 191 -7.06 -24.07 -36.56
C ARG I 191 -8.17 -23.08 -36.28
N HIS I 192 -8.85 -23.19 -35.14
CA HIS I 192 -9.97 -22.31 -34.88
C HIS I 192 -9.77 -21.59 -33.55
N SER I 193 -10.25 -20.36 -33.50
CA SER I 193 -10.22 -19.53 -32.32
C SER I 193 -11.65 -19.12 -32.02
N THR I 194 -12.08 -19.35 -30.77
CA THR I 194 -13.45 -19.14 -30.35
C THR I 194 -13.51 -18.19 -29.15
N THR I 195 -14.59 -17.42 -29.07
CA THR I 195 -14.73 -16.39 -28.05
C THR I 195 -15.17 -16.99 -26.70
N GLN I 196 -14.90 -16.23 -25.64
CA GLN I 196 -15.28 -16.64 -24.30
C GLN I 196 -16.80 -16.57 -24.12
N PRO I 197 -17.37 -17.46 -23.33
CA PRO I 197 -18.83 -17.45 -23.13
C PRO I 197 -19.27 -16.16 -22.43
N ARG I 198 -20.26 -15.49 -23.01
CA ARG I 198 -20.82 -14.30 -22.40
C ARG I 198 -22.33 -14.46 -22.22
N LYS I 199 -22.92 -13.65 -21.34
CA LYS I 199 -24.31 -13.83 -20.95
C LYS I 199 -25.26 -13.15 -21.93
N THR I 200 -26.34 -13.84 -22.31
CA THR I 200 -27.34 -13.27 -23.19
C THR I 200 -28.22 -12.30 -22.44
N LYS I 201 -29.07 -11.59 -23.20
CA LYS I 201 -30.06 -10.72 -22.60
C LYS I 201 -31.03 -11.49 -21.69
N GLY I 202 -31.57 -12.60 -22.20
CA GLY I 202 -32.50 -13.42 -21.44
C GLY I 202 -31.84 -14.29 -20.40
N SER I 203 -31.25 -15.40 -20.83
CA SER I 203 -30.76 -16.37 -19.87
C SER I 203 -29.66 -17.30 -20.40
N GLY I 204 -29.53 -17.47 -21.73
CA GLY I 204 -28.53 -18.38 -22.26
C GLY I 204 -27.12 -17.78 -22.39
N PHE I 205 -26.14 -18.63 -22.67
CA PHE I 205 -24.79 -18.18 -23.04
C PHE I 205 -24.58 -18.25 -24.54
N PHE I 206 -23.49 -17.66 -25.01
CA PHE I 206 -23.17 -17.71 -26.42
C PHE I 206 -21.67 -17.57 -26.65
N VAL I 207 -21.21 -18.15 -27.76
CA VAL I 207 -19.81 -18.06 -28.19
C VAL I 207 -19.77 -18.02 -29.71
N PHE I 208 -18.64 -17.53 -30.24
CA PHE I 208 -18.36 -17.47 -31.68
C PHE I 208 -17.10 -18.25 -32.02
N SER I 209 -17.17 -19.05 -33.07
CA SER I 209 -16.02 -19.80 -33.58
C SER I 209 -15.76 -19.38 -35.01
N ARG I 210 -14.60 -18.77 -35.25
CA ARG I 210 -14.19 -18.36 -36.58
C ARG I 210 -13.17 -19.36 -37.11
N LEU I 211 -13.32 -19.76 -38.36
CA LEU I 211 -12.44 -20.78 -38.93
C LEU I 211 -12.18 -20.52 -40.40
N GLU I 212 -10.91 -20.47 -40.78
CA GLU I 212 -10.49 -20.33 -42.16
C GLU I 212 -10.03 -21.68 -42.68
N VAL I 213 -10.59 -22.13 -43.79
CA VAL I 213 -10.31 -23.46 -44.33
C VAL I 213 -9.50 -23.34 -45.61
N THR I 214 -8.50 -24.21 -45.75
CA THR I 214 -7.63 -24.25 -46.91
C THR I 214 -8.43 -24.33 -48.20
N ARG I 215 -7.88 -23.79 -49.29
CA ARG I 215 -8.45 -24.12 -50.59
C ARG I 215 -8.47 -25.62 -50.78
N ALA I 216 -7.37 -26.30 -50.44
CA ALA I 216 -7.36 -27.75 -50.52
C ALA I 216 -8.44 -28.36 -49.64
N GLU I 217 -8.68 -27.77 -48.46
CA GLU I 217 -9.59 -28.37 -47.50
C GLU I 217 -11.04 -28.30 -47.98
N TRP I 218 -11.47 -27.15 -48.51
CA TRP I 218 -12.83 -27.08 -49.05
C TRP I 218 -12.93 -27.80 -50.40
N GLU I 219 -11.81 -28.08 -51.06
CA GLU I 219 -11.76 -28.90 -52.27
C GLU I 219 -11.66 -30.40 -51.99
N GLN I 220 -10.87 -30.79 -50.98
CA GLN I 220 -10.82 -32.18 -50.55
C GLN I 220 -12.17 -32.65 -50.04
N LYS I 221 -12.87 -31.78 -49.31
CA LYS I 221 -14.25 -32.01 -48.89
C LYS I 221 -14.91 -30.68 -48.58
N ASP I 222 -15.98 -30.39 -49.32
CA ASP I 222 -16.78 -29.16 -49.19
C ASP I 222 -17.86 -29.30 -48.12
N GLU I 223 -17.52 -29.86 -46.96
CA GLU I 223 -18.42 -29.90 -45.80
C GLU I 223 -17.61 -29.76 -44.51
N PHE I 224 -18.05 -28.88 -43.61
CA PHE I 224 -17.39 -28.65 -42.33
C PHE I 224 -18.44 -28.68 -41.22
N ILE I 225 -18.07 -29.22 -40.06
CA ILE I 225 -19.01 -29.48 -38.97
C ILE I 225 -18.60 -28.66 -37.76
N CYS I 226 -19.53 -27.89 -37.22
CA CYS I 226 -19.35 -27.24 -35.93
C CYS I 226 -20.15 -28.01 -34.89
N ARG I 227 -19.46 -28.53 -33.88
CA ARG I 227 -20.05 -29.36 -32.84
C ARG I 227 -19.75 -28.78 -31.46
N ALA I 228 -20.75 -28.83 -30.60
CA ALA I 228 -20.59 -28.37 -29.22
C ALA I 228 -20.88 -29.53 -28.27
N VAL I 229 -20.09 -29.61 -27.20
CA VAL I 229 -20.29 -30.62 -26.18
C VAL I 229 -20.68 -29.93 -24.89
N HIS I 230 -21.83 -30.32 -24.34
CA HIS I 230 -22.42 -29.63 -23.20
C HIS I 230 -23.32 -30.58 -22.42
N GLU I 231 -23.32 -30.48 -21.09
CA GLU I 231 -24.01 -31.51 -20.30
C GLU I 231 -25.51 -31.57 -20.58
N ALA I 232 -26.10 -30.51 -21.10
CA ALA I 232 -27.53 -30.61 -21.41
C ALA I 232 -27.77 -31.20 -22.77
N ALA I 233 -26.78 -31.16 -23.65
CA ALA I 233 -26.99 -31.59 -25.02
C ALA I 233 -27.40 -33.04 -25.05
N SER I 234 -28.32 -33.37 -25.95
CA SER I 234 -28.84 -34.72 -26.02
C SER I 234 -28.96 -35.22 -27.46
N PRO I 235 -28.52 -36.46 -27.72
CA PRO I 235 -27.91 -37.36 -26.74
C PRO I 235 -26.39 -37.32 -26.75
N SER I 236 -25.75 -38.03 -25.84
CA SER I 236 -24.30 -38.11 -25.77
C SER I 236 -23.69 -36.75 -25.50
N GLN I 237 -24.52 -35.76 -25.15
CA GLN I 237 -24.07 -34.42 -24.80
C GLN I 237 -23.43 -33.72 -25.99
N THR I 238 -24.02 -33.92 -27.17
CA THR I 238 -23.47 -33.43 -28.43
C THR I 238 -24.57 -32.85 -29.31
N VAL I 239 -24.32 -31.68 -29.87
CA VAL I 239 -25.17 -31.12 -30.92
C VAL I 239 -24.21 -30.54 -31.96
N GLN I 240 -24.57 -30.67 -33.24
CA GLN I 240 -23.67 -30.25 -34.31
C GLN I 240 -24.45 -29.93 -35.56
N ARG I 241 -23.86 -29.08 -36.40
CA ARG I 241 -24.39 -28.77 -37.73
C ARG I 241 -23.25 -28.74 -38.76
N ALA I 242 -23.63 -28.78 -40.04
CA ALA I 242 -22.67 -28.73 -41.15
C ALA I 242 -22.92 -27.49 -42.02
N VAL I 243 -21.83 -26.94 -42.56
CA VAL I 243 -21.87 -25.75 -43.42
C VAL I 243 -20.71 -25.83 -44.42
N SER I 244 -20.95 -25.42 -45.68
CA SER I 244 -19.97 -25.56 -46.77
C SER I 244 -19.62 -24.23 -47.43
N VAL I 245 -18.44 -24.18 -48.05
CA VAL I 245 -18.07 -23.08 -48.96
C VAL I 245 -18.79 -23.27 -50.31
N GLU J 2 -12.50 19.38 39.61
CA GLU J 2 -13.35 19.05 38.48
C GLU J 2 -14.47 20.05 38.32
N VAL J 3 -15.67 19.55 38.03
CA VAL J 3 -16.77 20.35 37.49
C VAL J 3 -18.11 19.67 37.77
N GLN J 4 -19.06 20.40 38.30
CA GLN J 4 -20.41 19.91 38.53
C GLN J 4 -21.44 20.77 37.81
N LEU J 5 -22.49 20.11 37.29
CA LEU J 5 -23.59 20.78 36.59
C LEU J 5 -24.90 20.32 37.21
N VAL J 6 -25.79 21.26 37.50
CA VAL J 6 -27.07 20.98 38.15
C VAL J 6 -28.17 21.74 37.41
N GLU J 7 -29.12 21.00 36.85
CA GLU J 7 -30.26 21.53 36.13
C GLU J 7 -31.39 21.86 37.10
N SER J 8 -32.25 22.79 36.71
CA SER J 8 -33.45 23.06 37.51
C SER J 8 -34.49 23.75 36.63
N GLY J 9 -35.72 23.70 37.12
CA GLY J 9 -36.82 24.36 36.46
C GLY J 9 -37.75 23.47 35.71
N GLY J 10 -37.58 22.16 35.79
CA GLY J 10 -38.52 21.29 35.12
C GLY J 10 -39.84 21.26 35.84
N GLY J 11 -40.80 20.59 35.22
CA GLY J 11 -42.07 20.37 35.85
C GLY J 11 -43.17 20.30 34.81
N LEU J 12 -44.39 20.26 35.31
CA LEU J 12 -45.54 20.33 34.43
C LEU J 12 -45.65 21.72 33.82
N VAL J 13 -45.93 21.75 32.52
CA VAL J 13 -46.06 23.00 31.79
C VAL J 13 -47.27 22.87 30.86
N GLN J 14 -48.12 23.91 30.84
CA GLN J 14 -49.30 23.88 29.99
C GLN J 14 -48.89 24.00 28.53
N PRO J 15 -49.57 23.29 27.61
CA PRO J 15 -49.17 23.35 26.20
C PRO J 15 -49.23 24.77 25.67
N GLY J 16 -48.36 25.08 24.70
CA GLY J 16 -48.25 26.43 24.22
C GLY J 16 -47.60 27.41 25.18
N GLY J 17 -47.36 27.00 26.43
CA GLY J 17 -46.73 27.84 27.42
C GLY J 17 -45.23 28.00 27.22
N SER J 18 -44.58 28.44 28.29
CA SER J 18 -43.15 28.73 28.27
C SER J 18 -42.50 28.28 29.58
N LEU J 19 -41.22 27.92 29.49
CA LEU J 19 -40.49 27.46 30.66
C LEU J 19 -39.03 27.91 30.51
N ARG J 20 -38.32 27.95 31.62
CA ARG J 20 -36.94 28.42 31.60
C ARG J 20 -36.10 27.54 32.50
N LEU J 21 -35.13 26.83 31.92
CA LEU J 21 -34.29 25.93 32.69
C LEU J 21 -32.96 26.58 33.00
N SER J 22 -32.35 26.12 34.10
CA SER J 22 -31.10 26.67 34.59
C SER J 22 -30.12 25.54 34.79
N CYS J 23 -28.86 25.82 34.52
CA CYS J 23 -27.72 24.95 34.79
C CYS J 23 -26.76 25.72 35.67
N ALA J 24 -26.68 25.36 36.95
CA ALA J 24 -25.82 26.07 37.88
C ALA J 24 -24.46 25.37 37.93
N VAL J 25 -23.49 25.95 37.29
CA VAL J 25 -22.18 25.36 37.15
C VAL J 25 -21.33 25.72 38.35
N SER J 26 -20.61 24.72 38.89
CA SER J 26 -19.68 24.90 40.00
C SER J 26 -18.35 24.26 39.63
N GLY J 27 -17.25 24.90 40.08
CA GLY J 27 -15.90 24.43 39.88
C GLY J 27 -15.24 24.92 38.60
N TYR J 28 -16.01 25.55 37.70
CA TYR J 28 -15.42 26.07 36.48
C TYR J 28 -16.27 27.25 36.03
N SER J 29 -15.64 28.24 35.43
CA SER J 29 -16.31 29.47 35.01
C SER J 29 -16.77 29.38 33.56
N ILE J 30 -18.08 29.53 33.32
CA ILE J 30 -18.64 29.20 32.00
C ILE J 30 -18.17 30.21 30.97
N THR J 31 -17.31 31.12 31.37
CA THR J 31 -16.64 32.01 30.44
C THR J 31 -15.16 31.69 30.30
N SER J 32 -14.64 30.74 31.07
CA SER J 32 -13.22 30.42 31.01
C SER J 32 -12.86 29.43 29.92
N GLY J 33 -13.80 28.59 29.50
CA GLY J 33 -13.57 27.67 28.40
C GLY J 33 -14.76 26.78 28.18
N TYR J 34 -14.62 25.90 27.18
CA TYR J 34 -15.55 24.81 26.85
C TYR J 34 -16.84 25.33 26.26
N SER J 35 -17.67 24.40 25.78
CA SER J 35 -18.96 24.66 25.18
C SER J 35 -20.01 24.14 26.15
N TRP J 36 -21.12 24.86 26.24
CA TRP J 36 -22.13 24.58 27.26
C TRP J 36 -23.46 24.33 26.58
N ASN J 37 -23.99 23.12 26.76
CA ASN J 37 -25.05 22.61 25.89
C ASN J 37 -26.29 22.22 26.69
N TRP J 38 -27.42 22.17 25.99
CA TRP J 38 -28.64 21.55 26.50
C TRP J 38 -29.00 20.39 25.58
N ILE J 39 -29.20 19.21 26.18
CA ILE J 39 -29.53 17.98 25.45
C ILE J 39 -30.71 17.31 26.11
N ARG J 40 -31.67 16.88 25.30
CA ARG J 40 -32.90 16.32 25.82
C ARG J 40 -33.12 14.92 25.28
N GLN J 41 -33.92 14.14 26.01
CA GLN J 41 -34.11 12.71 25.73
C GLN J 41 -35.60 12.42 25.96
N ALA J 42 -36.33 12.16 24.89
CA ALA J 42 -37.74 11.88 25.03
C ALA J 42 -37.91 10.57 25.80
N PRO J 43 -38.96 10.45 26.62
CA PRO J 43 -39.07 9.24 27.45
C PRO J 43 -38.94 8.03 26.56
N GLY J 44 -37.90 7.21 26.84
CA GLY J 44 -37.56 6.05 26.03
C GLY J 44 -37.37 6.35 24.55
N LYS J 45 -36.41 7.21 24.22
CA LYS J 45 -36.10 7.55 22.84
C LYS J 45 -34.68 8.12 22.82
N GLY J 46 -34.28 8.64 21.66
CA GLY J 46 -32.90 9.02 21.47
C GLY J 46 -32.57 10.37 22.08
N LEU J 47 -31.27 10.61 22.22
CA LEU J 47 -30.82 11.92 22.66
C LEU J 47 -30.92 12.93 21.51
N GLU J 48 -31.41 14.14 21.83
CA GLU J 48 -31.53 15.23 20.85
C GLU J 48 -30.72 16.42 21.34
N TRP J 49 -29.77 16.87 20.52
CA TRP J 49 -28.99 18.04 20.87
C TRP J 49 -29.83 19.26 20.49
N VAL J 50 -29.99 20.17 21.45
CA VAL J 50 -30.96 21.26 21.34
C VAL J 50 -30.29 22.60 21.04
N ALA J 51 -29.37 23.04 21.90
CA ALA J 51 -28.74 24.34 21.73
C ALA J 51 -27.44 24.38 22.54
N SER J 52 -26.50 25.20 22.07
CA SER J 52 -25.23 25.36 22.76
C SER J 52 -24.83 26.83 22.78
N ILE J 53 -23.99 27.17 23.76
CA ILE J 53 -23.33 28.47 23.90
C ILE J 53 -21.87 28.22 24.31
N THR J 54 -20.92 28.78 23.54
CA THR J 54 -19.49 28.63 23.77
C THR J 54 -19.00 29.58 24.86
N TYR J 55 -17.79 29.34 25.36
CA TYR J 55 -17.27 30.16 26.44
C TYR J 55 -17.11 31.61 26.01
N ASP J 56 -16.90 31.85 24.72
CA ASP J 56 -16.70 33.18 24.18
C ASP J 56 -18.00 33.83 23.73
N GLY J 57 -19.14 33.16 23.93
CA GLY J 57 -20.47 33.71 23.72
C GLY J 57 -21.19 33.28 22.47
N SER J 58 -20.55 32.58 21.53
CA SER J 58 -21.24 32.19 20.30
C SER J 58 -22.35 31.21 20.62
N THR J 59 -23.54 31.41 20.02
CA THR J 59 -24.63 30.47 20.20
C THR J 59 -24.97 29.74 18.90
N ASN J 60 -25.46 28.51 19.05
CA ASN J 60 -25.82 27.63 17.93
C ASN J 60 -27.08 26.86 18.35
N TYR J 61 -28.00 26.59 17.41
CA TYR J 61 -29.29 25.95 17.72
C TYR J 61 -29.58 24.80 16.75
N ASN J 62 -30.43 23.88 17.20
CA ASN J 62 -30.95 22.82 16.35
C ASN J 62 -32.12 23.32 15.52
N PRO J 63 -32.07 23.21 14.19
CA PRO J 63 -33.18 23.68 13.37
C PRO J 63 -34.53 23.14 13.78
N SER J 64 -34.59 21.95 14.37
CA SER J 64 -35.89 21.40 14.74
C SER J 64 -36.59 22.24 15.80
N VAL J 65 -35.88 23.11 16.51
CA VAL J 65 -36.50 23.94 17.54
C VAL J 65 -36.15 25.41 17.42
N LYS J 66 -35.36 25.83 16.43
CA LYS J 66 -35.02 27.23 16.34
C LYS J 66 -36.30 28.06 16.21
N GLY J 67 -36.33 29.19 16.92
CA GLY J 67 -37.46 30.08 16.87
C GLY J 67 -38.41 29.97 18.05
N ARG J 68 -38.44 28.82 18.73
CA ARG J 68 -39.14 28.77 20.01
C ARG J 68 -38.15 28.61 21.17
N ILE J 69 -36.87 28.90 20.95
CA ILE J 69 -35.86 28.50 21.90
C ILE J 69 -34.75 29.54 21.94
N THR J 70 -34.30 29.88 23.15
CA THR J 70 -33.24 30.86 23.35
C THR J 70 -32.30 30.31 24.41
N ILE J 71 -31.00 30.51 24.19
CA ILE J 71 -29.95 30.11 25.13
C ILE J 71 -29.18 31.35 25.56
N SER J 72 -28.99 31.51 26.87
CA SER J 72 -28.39 32.70 27.44
C SER J 72 -27.51 32.27 28.58
N ARG J 73 -26.72 33.21 29.08
CA ARG J 73 -25.90 32.90 30.24
C ARG J 73 -25.92 34.12 31.15
N ASP J 74 -25.42 33.92 32.37
CA ASP J 74 -25.36 34.98 33.36
C ASP J 74 -24.00 34.84 34.04
N ASP J 75 -23.01 35.56 33.51
CA ASP J 75 -21.64 35.43 33.98
C ASP J 75 -21.58 35.42 35.51
N SER J 76 -22.31 36.33 36.15
CA SER J 76 -22.17 36.48 37.60
C SER J 76 -22.65 35.25 38.36
N LYS J 77 -23.73 34.64 37.93
CA LYS J 77 -24.29 33.49 38.62
C LYS J 77 -23.71 32.17 38.12
N ASN J 78 -22.67 32.24 37.26
CA ASN J 78 -22.09 31.08 36.60
C ASN J 78 -23.20 30.11 36.25
N THR J 79 -24.20 30.66 35.59
CA THR J 79 -25.38 29.92 35.21
C THR J 79 -25.67 30.20 33.75
N PHE J 80 -26.31 29.26 33.08
CA PHE J 80 -26.84 29.55 31.78
C PHE J 80 -28.22 28.90 31.69
N TYR J 81 -29.00 29.33 30.70
CA TYR J 81 -30.43 29.11 30.78
C TYR J 81 -30.95 28.62 29.44
N LEU J 82 -32.06 27.89 29.48
CA LEU J 82 -32.78 27.49 28.28
C LEU J 82 -34.19 28.06 28.34
N GLN J 83 -34.51 28.93 27.37
CA GLN J 83 -35.82 29.54 27.25
C GLN J 83 -36.62 28.87 26.14
N MET J 84 -37.80 28.36 26.46
CA MET J 84 -38.66 27.66 25.51
C MET J 84 -40.06 28.26 25.54
N ASN J 85 -40.58 28.57 24.35
CA ASN J 85 -41.90 29.13 24.16
C ASN J 85 -42.71 28.16 23.30
N SER J 86 -44.04 28.27 23.38
CA SER J 86 -44.92 27.47 22.52
C SER J 86 -44.63 25.98 22.69
N LEU J 87 -44.56 25.56 23.95
CA LEU J 87 -44.24 24.16 24.22
C LEU J 87 -45.25 23.25 23.53
N ARG J 88 -44.77 22.15 22.97
CA ARG J 88 -45.58 21.13 22.32
C ARG J 88 -45.49 19.83 23.11
N ALA J 89 -46.21 18.82 22.64
CA ALA J 89 -45.98 17.51 23.21
C ALA J 89 -44.60 17.00 22.81
N GLU J 90 -44.19 17.26 21.58
CA GLU J 90 -42.89 16.78 21.14
C GLU J 90 -41.75 17.27 22.04
N ASP J 91 -42.01 18.21 22.93
CA ASP J 91 -40.98 18.74 23.82
C ASP J 91 -40.90 18.03 25.17
N THR J 92 -41.89 17.20 25.51
CA THR J 92 -41.81 16.48 26.77
C THR J 92 -40.63 15.52 26.72
N ALA J 93 -39.71 15.67 27.67
CA ALA J 93 -38.46 14.92 27.67
C ALA J 93 -37.65 15.21 28.93
N VAL J 94 -36.46 14.64 29.02
CA VAL J 94 -35.52 14.99 30.08
C VAL J 94 -34.43 15.88 29.50
N TYR J 95 -34.22 17.03 30.14
CA TYR J 95 -33.27 18.01 29.66
C TYR J 95 -32.00 17.93 30.52
N TYR J 96 -30.89 17.63 29.85
CA TYR J 96 -29.56 17.54 30.47
C TYR J 96 -28.77 18.75 30.04
N CYS J 97 -27.91 19.28 30.91
CA CYS J 97 -26.89 20.23 30.51
C CYS J 97 -25.53 19.56 30.55
N ALA J 98 -24.66 19.93 29.61
CA ALA J 98 -23.39 19.22 29.45
C ALA J 98 -22.30 20.17 28.95
N ARG J 99 -21.06 19.92 29.39
CA ARG J 99 -19.90 20.69 28.96
C ARG J 99 -19.17 19.94 27.85
N GLY J 100 -19.12 20.54 26.65
CA GLY J 100 -18.41 19.92 25.55
C GLY J 100 -16.93 20.26 25.59
N SER J 101 -16.10 19.26 25.32
CA SER J 101 -14.67 19.45 25.24
C SER J 101 -14.29 19.53 23.78
N HIS J 102 -13.16 20.15 23.49
CA HIS J 102 -12.88 20.64 22.15
C HIS J 102 -11.81 19.80 21.45
N TYR J 103 -12.09 19.41 20.22
CA TYR J 103 -11.12 18.65 19.43
C TYR J 103 -11.21 19.24 18.03
N PHE J 104 -10.26 20.12 17.71
CA PHE J 104 -10.07 20.64 16.34
C PHE J 104 -11.38 21.05 15.66
N GLY J 105 -12.16 21.90 16.35
CA GLY J 105 -13.42 22.40 15.83
C GLY J 105 -14.60 21.47 16.02
N HIS J 106 -14.47 20.44 16.81
CA HIS J 106 -15.57 19.55 17.03
C HIS J 106 -15.67 19.32 18.53
N TRP J 107 -16.90 19.14 19.02
CA TRP J 107 -17.14 19.11 20.46
C TRP J 107 -17.70 17.76 20.87
N HIS J 108 -17.25 17.26 22.00
CA HIS J 108 -17.80 16.05 22.58
C HIS J 108 -18.15 16.29 24.04
N PHE J 109 -19.16 15.57 24.51
CA PHE J 109 -19.86 15.94 25.73
C PHE J 109 -19.31 15.16 26.91
N ALA J 110 -18.20 15.64 27.45
CA ALA J 110 -17.47 14.89 28.44
C ALA J 110 -18.06 15.00 29.87
N VAL J 111 -18.94 15.96 30.16
CA VAL J 111 -19.45 16.13 31.52
C VAL J 111 -20.93 16.48 31.51
N TRP J 112 -21.73 15.78 32.30
CA TRP J 112 -23.17 15.95 32.28
C TRP J 112 -23.70 16.22 33.67
N GLY J 113 -25.01 16.43 33.74
CA GLY J 113 -25.70 16.62 34.98
C GLY J 113 -26.79 15.57 35.11
N GLN J 114 -27.46 15.60 36.25
CA GLN J 114 -28.38 14.51 36.55
C GLN J 114 -29.58 14.52 35.61
N GLY J 115 -29.88 15.64 34.98
CA GLY J 115 -31.04 15.75 34.10
C GLY J 115 -32.24 16.30 34.84
N THR J 116 -33.09 17.06 34.13
CA THR J 116 -34.34 17.56 34.71
C THR J 116 -35.52 17.29 33.77
N LEU J 117 -36.64 16.88 34.35
CA LEU J 117 -37.75 16.41 33.54
C LEU J 117 -38.75 17.53 33.24
N VAL J 118 -39.16 17.62 31.97
CA VAL J 118 -40.17 18.55 31.50
C VAL J 118 -41.33 17.76 30.93
N THR J 119 -42.54 18.02 31.43
CA THR J 119 -43.73 17.30 31.00
C THR J 119 -44.76 18.28 30.44
N VAL J 120 -45.21 18.03 29.22
CA VAL J 120 -46.20 18.83 28.53
C VAL J 120 -47.38 17.90 28.29
N SER J 121 -48.38 17.94 29.15
CA SER J 121 -49.53 17.10 28.92
C SER J 121 -50.81 17.90 28.98
N SER J 122 -51.82 17.36 28.31
CA SER J 122 -53.22 17.75 28.46
C SER J 122 -54.05 16.63 27.84
N SER K 2 -32.63 16.13 6.34
CA SER K 2 -31.54 17.06 6.04
C SER K 2 -30.31 16.84 6.90
N ASP K 3 -30.53 16.34 8.11
CA ASP K 3 -29.49 16.07 9.09
C ASP K 3 -28.77 14.77 8.74
N ILE K 4 -27.73 14.47 9.51
CA ILE K 4 -27.01 13.20 9.39
C ILE K 4 -27.70 12.18 10.29
N GLN K 5 -28.14 11.07 9.72
CA GLN K 5 -28.81 10.02 10.47
C GLN K 5 -27.82 8.94 10.88
N LEU K 6 -27.90 8.53 12.14
CA LEU K 6 -27.09 7.47 12.73
C LEU K 6 -27.97 6.28 13.04
N THR K 7 -27.58 5.10 12.53
CA THR K 7 -28.22 3.82 12.85
C THR K 7 -27.25 2.91 13.58
N GLN K 8 -27.64 2.43 14.75
CA GLN K 8 -26.83 1.48 15.48
C GLN K 8 -27.38 0.07 15.31
N SER K 9 -26.50 -0.91 15.43
CA SER K 9 -26.85 -2.34 15.38
C SER K 9 -25.92 -3.10 16.25
N PRO K 10 -26.44 -4.12 16.92
CA PRO K 10 -27.87 -4.41 16.86
C PRO K 10 -28.64 -3.45 17.72
N SER K 11 -29.97 -3.49 17.60
CA SER K 11 -30.82 -2.69 18.47
C SER K 11 -30.64 -3.10 19.92
N SER K 12 -30.66 -4.40 20.16
CA SER K 12 -30.68 -4.96 21.49
C SER K 12 -29.85 -6.23 21.40
N LEU K 13 -29.20 -6.59 22.50
CA LEU K 13 -28.47 -7.86 22.54
C LEU K 13 -28.34 -8.31 23.99
N SER K 14 -28.18 -9.61 24.17
CA SER K 14 -28.01 -10.21 25.47
C SER K 14 -26.65 -10.88 25.51
N ALA K 15 -25.89 -10.68 26.60
CA ALA K 15 -24.53 -11.24 26.70
C ALA K 15 -24.18 -11.59 28.15
N SER K 16 -23.00 -12.18 28.32
CA SER K 16 -22.57 -12.65 29.64
C SER K 16 -21.19 -12.10 29.96
N VAL K 17 -20.87 -12.11 31.25
CA VAL K 17 -19.62 -11.54 31.73
C VAL K 17 -18.43 -12.22 31.07
N GLY K 18 -17.44 -11.41 30.72
CA GLY K 18 -16.24 -11.90 30.08
C GLY K 18 -16.35 -11.98 28.57
N ASP K 19 -17.57 -11.89 28.04
CA ASP K 19 -17.78 -11.98 26.61
C ASP K 19 -17.21 -10.76 25.90
N ARG K 20 -17.18 -10.83 24.58
CA ARG K 20 -16.83 -9.71 23.71
C ARG K 20 -18.10 -9.18 23.03
N VAL K 21 -18.35 -7.87 23.17
CA VAL K 21 -19.49 -7.22 22.53
C VAL K 21 -18.96 -6.32 21.42
N THR K 22 -19.68 -6.28 20.29
CA THR K 22 -19.34 -5.41 19.17
C THR K 22 -20.59 -4.67 18.70
N ILE K 23 -20.58 -3.34 18.80
CA ILE K 23 -21.72 -2.49 18.41
C ILE K 23 -21.32 -1.67 17.19
N THR K 24 -22.30 -1.44 16.30
CA THR K 24 -22.04 -0.81 15.01
C THR K 24 -22.87 0.46 14.88
N CYS K 25 -22.28 1.48 14.26
CA CYS K 25 -22.95 2.74 13.94
C CYS K 25 -22.75 3.00 12.44
N ARG K 26 -23.82 3.32 11.73
CA ARG K 26 -23.76 3.60 10.30
C ARG K 26 -24.33 4.99 10.05
N ALA K 27 -23.51 5.88 9.48
CA ALA K 27 -23.94 7.24 9.21
C ALA K 27 -24.43 7.37 7.78
N SER K 28 -25.44 8.23 7.59
CA SER K 28 -25.98 8.50 6.27
C SER K 28 -24.97 9.21 5.36
N GLN K 29 -24.04 9.98 5.94
CA GLN K 29 -23.00 10.65 5.16
C GLN K 29 -21.68 10.57 5.90
N SER K 30 -20.60 10.68 5.16
CA SER K 30 -19.29 10.53 5.76
C SER K 30 -19.10 11.60 6.82
N VAL K 31 -18.53 11.20 7.95
CA VAL K 31 -18.20 12.13 9.02
C VAL K 31 -16.68 12.26 9.15
N ASP K 32 -15.94 11.97 8.09
CA ASP K 32 -14.49 12.11 8.10
C ASP K 32 -14.13 13.50 7.63
N TYR K 33 -13.03 14.02 8.18
CA TYR K 33 -12.53 15.25 7.61
C TYR K 33 -11.15 15.52 8.17
N ASP K 34 -10.24 15.93 7.30
CA ASP K 34 -8.91 16.34 7.72
C ASP K 34 -8.17 15.17 8.37
N GLY K 35 -8.45 13.95 7.89
CA GLY K 35 -7.78 12.79 8.42
C GLY K 35 -8.30 12.29 9.74
N ASP K 36 -9.52 12.66 10.12
CA ASP K 36 -10.15 12.20 11.35
C ASP K 36 -11.64 11.91 11.13
N SER K 37 -12.22 11.20 12.09
CA SER K 37 -13.63 10.82 12.01
C SER K 37 -14.29 11.27 13.30
N TYR K 38 -15.34 12.08 13.19
CA TYR K 38 -15.86 12.73 14.39
C TYR K 38 -17.06 11.96 14.95
N MET K 39 -16.74 10.74 15.36
CA MET K 39 -17.70 9.83 15.93
C MET K 39 -17.40 9.63 17.40
N ASN K 40 -18.41 9.85 18.24
CA ASN K 40 -18.29 9.76 19.69
C ASN K 40 -19.20 8.66 20.22
N TRP K 41 -18.81 8.09 21.35
CA TRP K 41 -19.49 6.93 21.94
C TRP K 41 -19.81 7.21 23.40
N TYR K 42 -21.05 6.96 23.79
CA TYR K 42 -21.49 7.18 25.16
C TYR K 42 -22.15 5.93 25.72
N GLN K 43 -22.03 5.78 27.03
CA GLN K 43 -22.66 4.73 27.82
C GLN K 43 -23.70 5.37 28.74
N GLN K 44 -24.88 4.78 28.84
CA GLN K 44 -25.93 5.33 29.71
C GLN K 44 -26.59 4.20 30.49
N LYS K 45 -26.40 4.21 31.84
CA LYS K 45 -27.15 3.35 32.73
C LYS K 45 -28.49 4.00 33.08
N PRO K 46 -29.51 3.20 33.41
CA PRO K 46 -30.88 3.72 33.46
C PRO K 46 -31.04 4.76 34.56
N GLY K 47 -31.80 5.80 34.26
CA GLY K 47 -32.04 6.89 35.19
C GLY K 47 -30.84 7.77 35.43
N LYS K 48 -29.77 7.61 34.65
CA LYS K 48 -28.54 8.36 34.85
C LYS K 48 -28.09 9.03 33.56
N ALA K 49 -27.30 9.99 33.71
CA ALA K 49 -26.96 10.61 32.45
C ALA K 49 -25.77 9.91 31.80
N PRO K 50 -25.75 9.94 30.46
CA PRO K 50 -24.63 9.35 29.71
C PRO K 50 -23.23 9.67 30.24
N LYS K 51 -22.30 8.84 29.83
CA LYS K 51 -20.90 8.96 30.16
C LYS K 51 -20.17 8.88 28.84
N LEU K 52 -19.14 9.72 28.65
CA LEU K 52 -18.40 9.69 27.40
C LEU K 52 -17.34 8.58 27.47
N LEU K 53 -17.23 7.79 26.41
CA LEU K 53 -16.26 6.69 26.34
C LEU K 53 -15.14 6.96 25.34
N ILE K 54 -15.52 7.31 24.12
CA ILE K 54 -14.60 7.43 23.01
C ILE K 54 -14.98 8.68 22.25
N TYR K 55 -13.99 9.49 21.86
CA TYR K 55 -14.24 10.65 21.03
C TYR K 55 -13.37 10.56 19.78
N ALA K 56 -13.86 11.16 18.70
CA ALA K 56 -13.11 11.16 17.45
C ALA K 56 -12.90 9.73 16.94
N ALA K 57 -13.92 8.89 17.14
CA ALA K 57 -13.99 7.56 16.54
C ALA K 57 -13.19 6.53 17.30
N SER K 58 -11.96 6.91 17.65
CA SER K 58 -10.94 5.97 18.07
C SER K 58 -10.15 6.42 19.28
N TYR K 59 -10.44 7.59 19.85
CA TYR K 59 -9.65 8.11 20.95
C TYR K 59 -10.41 7.90 22.24
N LEU K 60 -9.71 7.42 23.26
CA LEU K 60 -10.34 6.97 24.49
C LEU K 60 -10.42 8.12 25.48
N GLU K 61 -11.61 8.35 26.02
CA GLU K 61 -11.72 9.42 27.00
C GLU K 61 -10.91 9.07 28.23
N SER K 62 -10.46 10.10 28.93
CA SER K 62 -9.62 9.88 30.09
C SER K 62 -10.41 9.23 31.21
N GLY K 63 -9.78 8.25 31.87
CA GLY K 63 -10.45 7.55 32.95
C GLY K 63 -11.48 6.55 32.50
N VAL K 64 -11.50 6.22 31.21
CA VAL K 64 -12.41 5.18 30.74
C VAL K 64 -11.59 3.90 30.62
N PRO K 65 -12.15 2.77 31.05
CA PRO K 65 -11.42 1.48 31.00
C PRO K 65 -10.92 1.10 29.61
N SER K 66 -9.69 0.58 29.58
CA SER K 66 -9.05 0.28 28.30
C SER K 66 -9.79 -0.77 27.49
N ARG K 67 -10.68 -1.54 28.12
CA ARG K 67 -11.38 -2.57 27.36
C ARG K 67 -12.33 -1.98 26.32
N PHE K 68 -12.75 -0.71 26.49
CA PHE K 68 -13.51 -0.02 25.45
C PHE K 68 -12.55 0.46 24.38
N SER K 69 -12.92 0.26 23.13
CA SER K 69 -12.07 0.65 22.03
C SER K 69 -12.96 1.01 20.86
N GLY K 70 -12.51 1.94 20.06
CA GLY K 70 -13.29 2.38 18.93
C GLY K 70 -12.48 2.34 17.67
N SER K 71 -13.19 2.14 16.56
CA SER K 71 -12.59 2.10 15.24
C SER K 71 -13.69 2.38 14.23
N GLY K 72 -13.25 2.69 13.02
CA GLY K 72 -14.14 3.09 11.96
C GLY K 72 -13.58 4.27 11.20
N SER K 73 -14.21 4.53 10.06
CA SER K 73 -13.89 5.60 9.13
C SER K 73 -15.12 5.81 8.29
N GLY K 74 -15.15 6.94 7.61
CA GLY K 74 -16.23 7.20 6.68
C GLY K 74 -17.60 7.20 7.31
N THR K 75 -18.37 6.16 6.99
CA THR K 75 -19.73 5.97 7.50
C THR K 75 -19.89 4.71 8.34
N ASP K 76 -18.80 4.03 8.68
CA ASP K 76 -18.84 2.74 9.37
C ASP K 76 -17.95 2.81 10.62
N PHE K 77 -18.57 2.75 11.80
CA PHE K 77 -17.84 2.83 13.06
C PHE K 77 -18.28 1.71 13.98
N THR K 78 -17.36 1.28 14.83
CA THR K 78 -17.62 0.13 15.67
C THR K 78 -17.07 0.40 17.06
N LEU K 79 -17.92 0.19 18.05
CA LEU K 79 -17.51 0.18 19.44
C LEU K 79 -17.30 -1.24 19.93
N THR K 80 -16.13 -1.52 20.52
CA THR K 80 -15.81 -2.86 21.01
C THR K 80 -15.40 -2.87 22.47
N ILE K 81 -16.17 -3.61 23.26
CA ILE K 81 -15.86 -3.96 24.64
C ILE K 81 -15.23 -5.34 24.61
N SER K 82 -13.93 -5.43 24.95
CA SER K 82 -13.19 -6.69 24.74
C SER K 82 -13.63 -7.79 25.70
N SER K 83 -13.96 -7.44 26.98
CA SER K 83 -14.39 -8.43 27.96
C SER K 83 -15.44 -7.83 28.90
N LEU K 84 -16.71 -8.09 28.62
CA LEU K 84 -17.81 -7.47 29.35
C LEU K 84 -17.63 -7.62 30.86
N GLN K 85 -18.21 -6.67 31.60
CA GLN K 85 -18.20 -6.63 33.05
C GLN K 85 -19.60 -6.40 33.56
N PRO K 86 -19.87 -6.69 34.82
CA PRO K 86 -21.24 -6.58 35.32
C PRO K 86 -21.83 -5.18 35.20
N GLU K 87 -21.02 -4.14 35.43
CA GLU K 87 -21.51 -2.77 35.40
C GLU K 87 -21.75 -2.23 33.99
N ASP K 88 -21.24 -2.91 32.96
CA ASP K 88 -21.36 -2.47 31.56
C ASP K 88 -22.71 -2.73 30.95
N PHE K 89 -23.61 -3.43 31.64
CA PHE K 89 -24.93 -3.61 31.08
C PHE K 89 -25.63 -2.26 31.13
N ALA K 90 -26.06 -1.78 29.98
CA ALA K 90 -26.35 -0.37 29.79
C ALA K 90 -26.72 -0.14 28.33
N THR K 91 -27.23 1.06 28.03
CA THR K 91 -27.49 1.43 26.64
C THR K 91 -26.33 2.27 26.11
N TYR K 92 -25.99 2.07 24.84
CA TYR K 92 -24.79 2.63 24.23
C TYR K 92 -25.17 3.46 23.00
N TYR K 93 -24.68 4.70 22.93
CA TYR K 93 -25.01 5.59 21.82
C TYR K 93 -23.76 6.06 21.09
N CYS K 94 -23.91 6.24 19.78
CA CYS K 94 -22.93 6.96 18.98
C CYS K 94 -23.49 8.33 18.62
N GLN K 95 -22.61 9.31 18.53
CA GLN K 95 -23.06 10.67 18.19
C GLN K 95 -21.97 11.34 17.36
N GLN K 96 -22.36 11.86 16.20
CA GLN K 96 -21.40 12.51 15.32
C GLN K 96 -21.36 14.01 15.60
N SER K 97 -20.16 14.54 15.59
CA SER K 97 -19.89 15.94 15.80
C SER K 97 -19.21 16.53 14.56
N HIS K 98 -19.60 16.05 13.39
CA HIS K 98 -18.99 16.50 12.15
C HIS K 98 -19.64 17.77 11.59
N GLU K 99 -20.96 17.88 11.69
CA GLU K 99 -21.69 18.98 11.08
C GLU K 99 -22.90 19.25 11.96
N ASP K 100 -23.28 20.51 12.13
CA ASP K 100 -24.42 20.87 12.98
C ASP K 100 -25.69 20.56 12.19
N PRO K 101 -26.74 20.06 12.86
CA PRO K 101 -26.88 19.69 14.27
C PRO K 101 -26.22 18.39 14.62
N TYR K 102 -25.56 18.34 15.76
CA TYR K 102 -25.06 17.09 16.27
C TYR K 102 -26.19 16.07 16.42
N THR K 103 -25.91 14.82 16.08
CA THR K 103 -26.92 13.76 16.10
C THR K 103 -26.44 12.55 16.90
N PHE K 104 -27.41 11.88 17.53
CA PHE K 104 -27.20 10.65 18.27
C PHE K 104 -27.81 9.45 17.53
N GLY K 105 -27.23 8.28 17.77
CA GLY K 105 -27.87 7.04 17.38
C GLY K 105 -29.08 6.76 18.24
N GLN K 106 -29.78 5.68 17.90
CA GLN K 106 -31.01 5.35 18.62
C GLN K 106 -30.76 4.55 19.90
N GLY K 107 -29.60 3.93 20.02
CA GLY K 107 -29.17 3.23 21.22
C GLY K 107 -29.08 1.73 21.00
N THR K 108 -28.13 1.10 21.69
CA THR K 108 -27.94 -0.35 21.67
C THR K 108 -27.94 -0.85 23.10
N LYS K 109 -28.94 -1.67 23.43
CA LYS K 109 -29.14 -2.11 24.81
C LYS K 109 -28.38 -3.40 25.03
N VAL K 110 -27.50 -3.40 26.02
CA VAL K 110 -26.69 -4.53 26.39
C VAL K 110 -27.27 -5.07 27.70
N GLU K 111 -27.88 -6.27 27.64
CA GLU K 111 -28.64 -6.83 28.75
C GLU K 111 -27.93 -8.02 29.38
N ILE K 112 -28.16 -8.19 30.70
CA ILE K 112 -27.53 -9.25 31.48
C ILE K 112 -28.30 -10.55 31.31
N LYS K 113 -27.56 -11.64 31.32
CA LYS K 113 -28.16 -12.96 31.17
C LYS K 113 -27.68 -13.96 32.26
N GLY L 37 5.01 4.55 8.55
CA GLY L 37 6.30 4.33 9.22
C GLY L 37 6.76 5.59 9.97
N VAL L 38 5.86 6.57 10.08
CA VAL L 38 6.15 7.92 10.58
C VAL L 38 5.86 7.99 12.07
N SER L 39 6.75 8.67 12.81
CA SER L 39 6.72 8.74 14.27
C SER L 39 6.46 10.17 14.72
N ALA L 40 5.88 10.33 15.92
CA ALA L 40 5.56 11.68 16.41
C ALA L 40 5.60 11.77 17.93
N TYR L 41 6.32 12.77 18.45
CA TYR L 41 6.56 12.95 19.88
C TYR L 41 6.18 14.37 20.33
N LEU L 42 5.49 14.46 21.46
CA LEU L 42 5.02 15.76 21.95
C LEU L 42 5.51 15.99 23.38
N SER L 43 6.42 16.94 23.54
CA SER L 43 7.10 17.27 24.77
C SER L 43 6.25 18.17 25.65
N ARG L 44 6.63 18.24 26.91
CA ARG L 44 6.05 19.15 27.87
C ARG L 44 6.95 20.39 28.00
N PRO L 45 6.48 21.41 28.70
CA PRO L 45 7.33 22.57 28.98
C PRO L 45 8.56 22.20 29.81
N SER L 46 9.68 22.83 29.51
CA SER L 46 10.84 22.61 30.35
C SER L 46 10.63 23.30 31.70
N PRO L 47 11.02 22.66 32.82
CA PRO L 47 10.91 23.33 34.12
C PRO L 47 11.57 24.68 34.12
N PHE L 48 12.66 24.85 33.36
CA PHE L 48 13.31 26.15 33.31
C PHE L 48 12.42 27.20 32.62
N ASP L 49 11.86 26.85 31.45
CA ASP L 49 10.99 27.76 30.76
C ASP L 49 9.73 28.06 31.57
N LEU L 50 9.36 27.17 32.47
CA LEU L 50 8.09 27.29 33.17
C LEU L 50 8.17 28.06 34.46
N PHE L 51 9.29 27.96 35.18
CA PHE L 51 9.37 28.56 36.49
C PHE L 51 10.38 29.67 36.57
N ILE L 52 11.27 29.80 35.59
CA ILE L 52 12.25 30.85 35.64
C ILE L 52 11.94 31.88 34.58
N ARG L 53 12.08 31.52 33.30
CA ARG L 53 11.68 32.43 32.23
C ARG L 53 10.19 32.78 32.30
N LYS L 54 9.38 31.91 32.88
CA LYS L 54 7.93 32.09 32.85
C LYS L 54 7.43 32.32 31.43
N SER L 55 8.01 31.59 30.48
CA SER L 55 7.56 31.61 29.08
C SER L 55 7.56 30.19 28.51
N PRO L 56 6.60 29.36 28.92
CA PRO L 56 6.62 27.94 28.53
C PRO L 56 6.19 27.68 27.09
N THR L 57 6.75 26.61 26.53
CA THR L 57 6.38 26.15 25.19
C THR L 57 6.36 24.63 25.20
N ILE L 58 5.63 24.08 24.22
CA ILE L 58 5.59 22.65 23.99
C ILE L 58 5.86 22.39 22.52
N THR L 59 6.71 21.41 22.23
CA THR L 59 7.13 21.12 20.87
C THR L 59 6.52 19.80 20.42
N CYS L 60 6.09 19.76 19.16
CA CYS L 60 5.57 18.56 18.51
C CYS L 60 6.54 18.16 17.40
N LEU L 61 7.10 16.94 17.47
CA LEU L 61 8.21 16.53 16.61
C LEU L 61 7.82 15.36 15.72
N VAL L 62 8.06 15.50 14.40
CA VAL L 62 7.78 14.46 13.43
C VAL L 62 9.10 13.97 12.82
N VAL L 63 9.23 12.64 12.64
CA VAL L 63 10.43 12.01 12.10
C VAL L 63 10.09 10.98 11.02
N ASP L 64 11.12 10.62 10.25
CA ASP L 64 11.04 9.52 9.29
C ASP L 64 10.25 9.89 8.03
N LEU L 65 10.20 11.17 7.68
CA LEU L 65 9.59 11.59 6.42
C LEU L 65 10.61 11.61 5.31
N ALA L 66 10.17 11.14 4.13
CA ALA L 66 10.97 11.15 2.92
C ALA L 66 10.94 12.54 2.28
N PRO L 67 12.08 13.13 1.96
CA PRO L 67 12.06 14.45 1.33
C PRO L 67 11.11 14.53 0.15
N SER L 68 10.93 13.43 -0.59
CA SER L 68 10.12 13.46 -1.80
C SER L 68 8.66 13.77 -1.48
N LYS L 69 8.06 12.98 -0.58
CA LYS L 69 6.65 13.15 -0.25
C LYS L 69 6.33 14.64 -0.07
N GLY L 70 5.06 15.01 -0.25
CA GLY L 70 4.66 16.38 0.02
C GLY L 70 4.77 16.73 1.50
N THR L 71 5.01 18.00 1.78
CA THR L 71 5.22 18.41 3.17
C THR L 71 3.96 18.22 4.01
N VAL L 72 4.17 18.06 5.30
CA VAL L 72 3.11 17.72 6.25
C VAL L 72 2.46 18.95 6.83
N ASN L 73 1.16 18.84 7.11
CA ASN L 73 0.35 19.88 7.75
C ASN L 73 0.21 19.57 9.23
N LEU L 74 0.47 20.54 10.09
CA LEU L 74 0.54 20.29 11.53
C LEU L 74 -0.20 21.36 12.35
N THR L 75 -1.38 21.02 12.88
CA THR L 75 -2.28 21.94 13.57
C THR L 75 -2.41 21.61 15.07
N TRP L 76 -2.98 22.53 15.85
CA TRP L 76 -3.09 22.39 17.31
C TRP L 76 -4.52 22.58 17.79
N SER L 77 -4.77 22.12 19.01
CA SER L 77 -6.10 22.23 19.60
C SER L 77 -5.96 22.22 21.10
N ARG L 78 -6.84 22.93 21.79
CA ARG L 78 -6.90 22.86 23.23
C ARG L 78 -8.26 22.30 23.66
N ALA L 79 -8.27 21.56 24.78
CA ALA L 79 -9.49 20.92 25.24
C ALA L 79 -10.55 21.92 25.62
N SER L 80 -10.13 23.05 26.17
CA SER L 80 -10.98 24.18 26.58
C SER L 80 -11.62 24.89 25.39
N GLY L 81 -11.07 24.71 24.19
CA GLY L 81 -11.51 25.43 23.01
C GLY L 81 -10.84 26.76 22.82
N LYS L 82 -10.10 27.23 23.84
CA LYS L 82 -9.31 28.46 23.73
C LYS L 82 -8.30 28.37 22.60
N PRO L 83 -7.86 29.51 22.10
CA PRO L 83 -6.99 29.55 20.92
C PRO L 83 -5.55 29.16 21.24
N VAL L 84 -4.81 28.93 20.16
CA VAL L 84 -3.42 28.46 20.22
C VAL L 84 -2.41 29.54 19.74
N ASN L 85 -2.52 29.99 18.48
CA ASN L 85 -2.07 31.31 18.08
C ASN L 85 -0.63 31.56 17.61
N HIS L 86 0.39 31.27 18.39
CA HIS L 86 1.74 31.60 17.93
C HIS L 86 2.60 30.36 17.84
N SER L 87 2.29 29.52 16.87
CA SER L 87 3.08 28.33 16.69
C SER L 87 4.02 28.59 15.54
N THR L 88 5.21 28.03 15.67
CA THR L 88 6.29 28.15 14.71
C THR L 88 6.59 26.77 14.12
N ARG L 89 6.78 26.73 12.81
CA ARG L 89 7.13 25.50 12.12
C ARG L 89 8.57 25.56 11.63
N LYS L 90 9.27 24.43 11.67
CA LYS L 90 10.65 24.39 11.18
C LYS L 90 10.97 22.99 10.68
N GLU L 91 11.62 22.91 9.52
CA GLU L 91 12.05 21.66 8.93
C GLU L 91 13.56 21.59 8.82
N GLU L 92 14.09 20.37 8.89
CA GLU L 92 15.51 20.15 8.75
C GLU L 92 15.72 18.78 8.14
N LYS L 93 16.46 18.75 7.03
CA LYS L 93 16.93 17.49 6.46
C LYS L 93 17.98 16.86 7.37
N GLN L 94 17.82 15.57 7.63
CA GLN L 94 18.79 14.81 8.41
C GLN L 94 19.70 14.01 7.48
N ARG L 95 20.84 13.57 8.04
CA ARG L 95 21.80 12.81 7.25
C ARG L 95 21.18 11.52 6.71
N ASN L 96 20.41 10.80 7.54
CA ASN L 96 19.79 9.54 7.12
C ASN L 96 18.67 9.73 6.11
N GLY L 97 18.75 10.79 5.30
CA GLY L 97 17.74 11.08 4.30
C GLY L 97 16.37 11.39 4.86
N THR L 98 16.25 11.39 6.19
CA THR L 98 14.98 11.65 6.85
C THR L 98 14.75 13.15 7.01
N LEU L 99 13.50 13.51 7.29
CA LEU L 99 13.09 14.90 7.48
C LEU L 99 12.48 15.10 8.86
N THR L 100 12.94 16.13 9.56
CA THR L 100 12.43 16.44 10.89
C THR L 100 11.58 17.71 10.79
N VAL L 101 10.30 17.61 11.11
CA VAL L 101 9.41 18.77 11.14
C VAL L 101 9.02 19.00 12.58
N THR L 102 9.33 20.18 13.12
CA THR L 102 8.96 20.53 14.48
C THR L 102 8.12 21.79 14.53
N SER L 103 7.13 21.81 15.44
CA SER L 103 6.28 22.98 15.68
C SER L 103 6.28 23.33 17.17
N THR L 104 6.68 24.55 17.51
CA THR L 104 6.68 24.96 18.90
C THR L 104 5.57 25.97 19.13
N LEU L 105 4.79 25.72 20.16
CA LEU L 105 3.60 26.47 20.50
C LEU L 105 3.79 26.97 21.92
N PRO L 106 3.77 28.28 22.16
CA PRO L 106 3.83 28.74 23.54
C PRO L 106 2.50 28.55 24.24
N VAL L 107 2.59 28.32 25.55
CA VAL L 107 1.48 28.00 26.42
C VAL L 107 1.63 28.88 27.66
N GLY L 108 0.51 29.10 28.34
CA GLY L 108 0.53 29.90 29.54
C GLY L 108 0.97 29.10 30.75
N THR L 109 1.88 29.66 31.54
CA THR L 109 2.26 29.00 32.77
C THR L 109 1.03 28.59 33.57
N ARG L 110 0.09 29.51 33.76
CA ARG L 110 -1.07 29.18 34.57
C ARG L 110 -2.00 28.20 33.87
N ASP L 111 -2.23 28.38 32.58
CA ASP L 111 -3.03 27.41 31.86
C ASP L 111 -2.49 26.01 32.11
N TRP L 112 -1.18 25.86 32.01
CA TRP L 112 -0.55 24.56 32.14
C TRP L 112 -0.69 24.01 33.56
N ILE L 113 -0.32 24.82 34.57
CA ILE L 113 -0.37 24.37 35.96
C ILE L 113 -1.80 24.08 36.36
N GLU L 114 -2.75 24.77 35.74
CA GLU L 114 -4.17 24.57 35.96
C GLU L 114 -4.74 23.31 35.32
N GLY L 115 -4.01 22.67 34.40
CA GLY L 115 -4.39 21.40 33.81
C GLY L 115 -4.98 21.44 32.42
N GLU L 116 -4.37 22.19 31.52
CA GLU L 116 -4.94 22.22 30.20
C GLU L 116 -4.45 21.03 29.38
N THR L 117 -5.18 20.71 28.33
CA THR L 117 -4.86 19.60 27.46
C THR L 117 -4.63 20.18 26.08
N TYR L 118 -3.40 20.00 25.59
CA TYR L 118 -2.97 20.46 24.27
C TYR L 118 -2.83 19.26 23.35
N GLN L 119 -3.20 19.43 22.08
CA GLN L 119 -3.23 18.31 21.15
C GLN L 119 -2.58 18.69 19.83
N CYS L 120 -1.72 17.80 19.35
CA CYS L 120 -0.98 17.98 18.11
C CYS L 120 -1.61 17.08 17.05
N ARG L 121 -1.67 17.56 15.81
CA ARG L 121 -2.24 16.69 14.77
C ARG L 121 -1.46 16.84 13.47
N VAL L 122 -0.89 15.71 13.01
CA VAL L 122 -0.15 15.60 11.75
C VAL L 122 -1.04 14.90 10.73
N THR L 123 -1.22 15.54 9.55
CA THR L 123 -1.87 14.93 8.39
C THR L 123 -0.90 15.01 7.23
N HIS L 124 -1.07 14.08 6.28
CA HIS L 124 -0.20 13.96 5.12
C HIS L 124 -1.04 13.42 3.97
N PRO L 125 -0.76 13.83 2.72
CA PRO L 125 -1.40 13.15 1.59
C PRO L 125 -1.15 11.64 1.58
N HIS L 126 0.00 11.19 2.07
CA HIS L 126 0.33 9.77 2.06
C HIS L 126 -0.40 8.99 3.15
N LEU L 127 -0.64 9.60 4.37
CA LEU L 127 -1.29 8.74 5.36
C LEU L 127 -2.78 9.02 5.40
N PRO L 128 -3.64 8.00 5.33
CA PRO L 128 -5.09 8.29 5.33
C PRO L 128 -5.57 8.83 6.67
N ARG L 129 -5.23 8.15 7.77
CA ARG L 129 -5.54 8.64 9.10
C ARG L 129 -4.53 9.69 9.54
N ALA L 130 -4.99 10.63 10.36
CA ALA L 130 -4.12 11.63 10.94
C ALA L 130 -3.54 11.14 12.26
N LEU L 131 -2.32 11.57 12.55
CA LEU L 131 -1.71 11.25 13.84
C LEU L 131 -2.09 12.31 14.84
N MET L 132 -2.36 11.89 16.07
CA MET L 132 -2.78 12.80 17.13
C MET L 132 -1.97 12.48 18.38
N ARG L 133 -1.43 13.52 19.00
CA ARG L 133 -0.73 13.41 20.26
C ARG L 133 -1.30 14.43 21.25
N SER L 134 -1.28 14.05 22.51
CA SER L 134 -1.89 14.86 23.55
C SER L 134 -0.88 15.10 24.66
N THR L 135 -1.01 16.23 25.37
CA THR L 135 -0.14 16.54 26.49
C THR L 135 -0.89 17.30 27.59
N THR L 136 -0.46 17.10 28.85
CA THR L 136 -1.11 17.64 30.05
C THR L 136 -0.11 17.50 31.21
N LYS L 137 -0.49 17.99 32.41
CA LYS L 137 0.44 18.13 33.53
C LYS L 137 0.85 16.86 34.22
N THR L 138 0.37 15.68 33.82
CA THR L 138 0.73 14.47 34.54
C THR L 138 0.77 14.68 36.05
N SER L 139 -0.40 14.74 36.69
CA SER L 139 -0.38 14.79 38.13
C SER L 139 -0.11 13.39 38.71
N GLY L 140 0.72 13.37 39.74
CA GLY L 140 1.07 12.21 40.50
C GLY L 140 1.78 12.76 41.72
N PRO L 141 2.35 11.91 42.56
CA PRO L 141 3.15 12.42 43.68
C PRO L 141 4.39 13.13 43.18
N ARG L 142 4.92 14.00 44.03
CA ARG L 142 6.06 14.82 43.65
C ARG L 142 7.16 14.69 44.70
N ALA L 143 8.40 14.69 44.25
CA ALA L 143 9.53 14.65 45.15
C ALA L 143 10.60 15.55 44.59
N ALA L 144 11.18 16.38 45.44
CA ALA L 144 12.19 17.31 44.98
C ALA L 144 13.48 16.55 44.68
N PRO L 145 14.30 17.06 43.80
CA PRO L 145 15.56 16.37 43.48
C PRO L 145 16.61 16.60 44.56
N GLU L 146 17.37 15.55 44.86
CA GLU L 146 18.57 15.70 45.68
C GLU L 146 19.75 15.90 44.73
N VAL L 147 20.70 16.73 45.15
CA VAL L 147 21.79 17.16 44.26
C VAL L 147 23.13 16.94 44.94
N TYR L 148 24.07 16.39 44.18
CA TYR L 148 25.42 16.17 44.67
C TYR L 148 26.35 16.60 43.55
N ALA L 149 27.38 17.35 43.92
CA ALA L 149 28.35 17.82 42.95
C ALA L 149 29.74 17.50 43.47
N PHE L 150 30.58 17.04 42.55
CA PHE L 150 31.92 16.64 42.88
C PHE L 150 32.83 17.02 41.71
N ALA L 151 34.12 17.01 41.98
CA ALA L 151 35.12 17.25 40.97
C ALA L 151 36.01 16.03 40.84
N THR L 152 36.45 15.76 39.61
CA THR L 152 37.38 14.66 39.42
C THR L 152 38.80 15.12 39.74
N PRO L 153 39.60 14.25 40.36
CA PRO L 153 41.01 14.58 40.57
C PRO L 153 41.72 14.85 39.25
N GLU L 154 42.65 15.81 39.30
CA GLU L 154 43.45 16.14 38.11
C GLU L 154 44.08 14.88 37.53
N TRP L 155 44.01 14.77 36.23
CA TRP L 155 44.60 13.68 35.49
C TRP L 155 45.98 14.07 34.95
N PRO L 156 46.92 13.13 34.87
CA PRO L 156 48.21 13.44 34.25
C PRO L 156 48.00 13.98 32.85
N GLY L 157 48.77 15.03 32.51
CA GLY L 157 48.74 15.57 31.16
C GLY L 157 47.64 16.56 30.89
N SER L 158 46.67 16.71 31.79
CA SER L 158 45.49 17.57 31.56
C SER L 158 45.36 18.56 32.73
N ARG L 159 46.44 19.32 32.96
CA ARG L 159 46.44 20.19 34.13
C ARG L 159 45.39 21.28 34.01
N ASP L 160 45.07 21.73 32.80
CA ASP L 160 44.18 22.88 32.65
C ASP L 160 42.73 22.54 32.37
N LYS L 161 42.41 21.32 31.99
CA LYS L 161 41.02 20.94 31.79
C LYS L 161 40.71 19.89 32.84
N ARG L 162 39.71 20.19 33.66
CA ARG L 162 39.23 19.26 34.66
C ARG L 162 37.72 19.13 34.49
N THR L 163 37.20 18.00 34.92
CA THR L 163 35.82 17.62 34.62
C THR L 163 35.00 17.62 35.90
N LEU L 164 33.85 18.27 35.85
CA LEU L 164 32.95 18.33 36.99
C LEU L 164 31.67 17.58 36.64
N ALA L 165 31.13 16.88 37.63
CA ALA L 165 29.95 16.06 37.43
C ALA L 165 28.93 16.43 38.49
N CYS L 166 27.67 16.14 38.17
CA CYS L 166 26.55 16.42 39.05
C CYS L 166 25.59 15.25 38.97
N LEU L 167 25.13 14.78 40.12
CA LEU L 167 24.12 13.73 40.19
C LEU L 167 22.87 14.32 40.82
N ILE L 168 21.72 14.11 40.16
CA ILE L 168 20.43 14.57 40.63
C ILE L 168 19.47 13.39 40.61
N GLN L 169 18.92 13.04 41.76
CA GLN L 169 18.19 11.78 41.85
C GLN L 169 17.05 11.86 42.86
N ASN L 170 16.21 10.83 42.80
CA ASN L 170 15.13 10.57 43.73
C ASN L 170 13.98 11.58 43.59
N PHE L 171 13.85 12.20 42.42
CA PHE L 171 12.82 13.20 42.15
C PHE L 171 11.74 12.65 41.24
N MET L 172 10.57 13.26 41.34
CA MET L 172 9.47 12.99 40.43
C MET L 172 8.49 14.14 40.51
N PRO L 173 7.73 14.37 39.43
CA PRO L 173 7.77 13.60 38.19
C PRO L 173 9.06 13.84 37.42
N GLU L 174 9.22 13.24 36.23
CA GLU L 174 10.53 13.19 35.60
C GLU L 174 11.00 14.51 35.01
N ASP L 175 10.11 15.48 34.85
CA ASP L 175 10.44 16.76 34.22
C ASP L 175 11.47 17.54 35.03
N ILE L 176 12.65 17.79 34.45
CA ILE L 176 13.69 18.50 35.18
C ILE L 176 14.62 19.21 34.21
N SER L 177 15.19 20.31 34.69
CA SER L 177 16.11 21.16 33.92
C SER L 177 17.39 21.37 34.71
N VAL L 178 18.51 21.06 34.09
CA VAL L 178 19.81 21.17 34.74
C VAL L 178 20.58 22.27 34.06
N GLN L 179 21.17 23.13 34.86
CA GLN L 179 21.86 24.31 34.39
C GLN L 179 23.14 24.40 35.18
N TRP L 180 24.22 24.78 34.52
CA TRP L 180 25.49 25.01 35.18
C TRP L 180 25.70 26.52 35.25
N LEU L 181 26.10 27.00 36.42
CA LEU L 181 26.35 28.42 36.60
C LEU L 181 27.75 28.58 37.14
N HIS L 182 28.45 29.55 36.56
CA HIS L 182 29.77 29.98 36.99
C HIS L 182 29.75 31.48 37.19
N ASN L 183 30.25 31.95 38.32
CA ASN L 183 30.33 33.38 38.59
C ASN L 183 28.99 34.08 38.37
N GLU L 184 27.96 33.56 39.05
CA GLU L 184 26.61 34.12 39.00
C GLU L 184 26.05 34.24 37.57
N VAL L 185 26.73 33.69 36.58
CA VAL L 185 26.25 33.70 35.20
C VAL L 185 26.06 32.28 34.70
N GLN L 186 24.92 32.03 34.06
CA GLN L 186 24.60 30.73 33.50
C GLN L 186 25.48 30.40 32.31
N LEU L 187 25.99 29.11 32.27
CA LEU L 187 26.85 28.70 31.17
C LEU L 187 26.03 28.20 29.99
N PRO L 188 26.61 28.35 28.81
CA PRO L 188 25.95 27.90 27.59
C PRO L 188 25.63 26.41 27.65
N ASP L 189 24.43 26.09 27.16
CA ASP L 189 23.95 24.71 27.16
C ASP L 189 24.87 23.78 26.39
N ALA L 190 25.71 24.34 25.50
CA ALA L 190 26.67 23.52 24.79
C ALA L 190 27.74 22.96 25.73
N ARG L 191 28.16 23.76 26.71
CA ARG L 191 29.31 23.40 27.53
C ARG L 191 29.14 22.13 28.33
N HIS L 192 27.91 21.68 28.57
CA HIS L 192 27.66 20.53 29.43
C HIS L 192 26.81 19.49 28.71
N SER L 193 27.00 18.23 29.11
CA SER L 193 26.25 17.11 28.55
C SER L 193 25.49 16.43 29.68
N THR L 194 24.17 16.31 29.51
CA THR L 194 23.29 15.73 30.51
C THR L 194 22.46 14.60 29.94
N THR L 195 22.23 13.58 30.75
CA THR L 195 21.50 12.40 30.33
C THR L 195 19.99 12.63 30.46
N GLN L 196 19.23 11.90 29.67
CA GLN L 196 17.79 11.90 29.91
C GLN L 196 17.45 11.18 31.22
N PRO L 197 16.33 11.53 31.85
CA PRO L 197 15.95 10.89 33.12
C PRO L 197 15.74 9.40 32.94
N ARG L 198 16.31 8.63 33.87
CA ARG L 198 16.13 7.19 33.96
C ARG L 198 15.44 6.86 35.29
N LYS L 199 14.71 5.76 35.32
CA LYS L 199 14.05 5.33 36.55
C LYS L 199 15.05 4.64 37.45
N THR L 200 14.96 4.93 38.75
CA THR L 200 15.78 4.23 39.73
C THR L 200 15.04 3.00 40.20
N LYS L 201 15.75 2.20 40.98
CA LYS L 201 15.12 1.06 41.63
C LYS L 201 13.97 1.49 42.53
N GLY L 202 14.16 2.59 43.28
CA GLY L 202 13.04 3.07 44.08
C GLY L 202 12.05 3.71 43.14
N SER L 203 11.61 4.93 43.44
CA SER L 203 10.52 5.50 42.67
C SER L 203 10.88 6.78 41.95
N GLY L 204 11.94 7.45 42.37
CA GLY L 204 12.33 8.66 41.69
C GLY L 204 13.12 8.38 40.45
N PHE L 205 13.36 9.42 39.68
CA PHE L 205 14.23 9.40 38.52
C PHE L 205 15.62 9.92 38.93
N PHE L 206 16.57 9.84 38.00
CA PHE L 206 17.90 10.35 38.26
C PHE L 206 18.53 10.80 36.95
N VAL L 207 19.49 11.72 37.04
CA VAL L 207 20.24 12.21 35.88
C VAL L 207 21.67 12.55 36.31
N PHE L 208 22.60 12.43 35.35
CA PHE L 208 23.99 12.83 35.52
C PHE L 208 24.28 14.01 34.60
N SER L 209 25.03 14.99 35.10
CA SER L 209 25.47 16.07 34.22
C SER L 209 26.98 16.21 34.26
N ARG L 210 27.57 16.33 33.08
CA ARG L 210 29.00 16.43 32.91
C ARG L 210 29.37 17.83 32.41
N LEU L 211 30.51 18.34 32.87
CA LEU L 211 30.95 19.68 32.47
C LEU L 211 32.46 19.79 32.52
N GLU L 212 33.05 20.27 31.43
CA GLU L 212 34.50 20.47 31.34
C GLU L 212 34.79 21.95 31.58
N VAL L 213 35.61 22.22 32.60
CA VAL L 213 36.00 23.58 32.96
C VAL L 213 37.51 23.72 32.76
N THR L 214 37.95 24.90 32.32
CA THR L 214 39.37 25.15 32.09
C THR L 214 40.05 25.67 33.35
N ARG L 215 41.37 25.48 33.42
CA ARG L 215 42.15 26.03 34.51
C ARG L 215 41.92 27.54 34.62
N ALA L 216 41.99 28.23 33.49
CA ALA L 216 41.83 29.68 33.49
C ALA L 216 40.50 30.10 34.11
N GLU L 217 39.44 29.32 33.86
CA GLU L 217 38.15 29.64 34.48
C GLU L 217 38.25 29.52 35.99
N TRP L 218 38.72 28.38 36.49
CA TRP L 218 38.73 28.17 37.94
C TRP L 218 39.74 29.06 38.67
N GLU L 219 40.65 29.74 37.96
CA GLU L 219 41.57 30.68 38.62
C GLU L 219 40.90 32.03 38.86
N GLN L 220 40.03 32.49 37.95
CA GLN L 220 39.24 33.70 38.20
C GLN L 220 38.28 33.50 39.37
N LYS L 221 37.65 32.31 39.45
CA LYS L 221 36.78 31.97 40.56
C LYS L 221 36.65 30.45 40.66
N ASP L 222 37.09 29.88 41.79
CA ASP L 222 37.03 28.44 42.03
C ASP L 222 35.67 28.04 42.64
N GLU L 223 34.54 28.51 42.10
CA GLU L 223 33.22 28.10 42.55
C GLU L 223 32.36 27.84 41.33
N PHE L 224 31.73 26.66 41.28
CA PHE L 224 30.90 26.24 40.15
C PHE L 224 29.56 25.73 40.65
N ILE L 225 28.48 26.08 39.95
CA ILE L 225 27.13 25.84 40.45
C ILE L 225 26.42 24.88 39.51
N CYS L 226 25.94 23.76 40.06
CA CYS L 226 25.04 22.86 39.38
C CYS L 226 23.65 23.10 39.94
N ARG L 227 22.74 23.55 39.09
CA ARG L 227 21.40 23.93 39.49
C ARG L 227 20.39 23.11 38.72
N ALA L 228 19.38 22.64 39.42
CA ALA L 228 18.28 21.91 38.80
C ALA L 228 16.97 22.66 39.05
N VAL L 229 16.11 22.71 38.05
CA VAL L 229 14.82 23.37 38.15
C VAL L 229 13.74 22.29 38.08
N HIS L 230 12.92 22.21 39.12
CA HIS L 230 11.98 21.11 39.23
C HIS L 230 10.76 21.61 39.99
N GLU L 231 9.56 21.13 39.59
CA GLU L 231 8.34 21.73 40.15
C GLU L 231 8.21 21.47 41.65
N ALA L 232 8.82 20.41 42.17
CA ALA L 232 8.71 20.09 43.58
C ALA L 232 9.74 20.80 44.47
N ALA L 233 10.84 21.28 43.90
CA ALA L 233 11.86 21.96 44.69
C ALA L 233 11.29 23.24 45.29
N SER L 234 11.73 23.55 46.51
CA SER L 234 11.24 24.72 47.25
C SER L 234 12.37 25.47 47.89
N PRO L 235 12.33 26.79 47.79
CA PRO L 235 11.31 27.56 47.08
C PRO L 235 11.82 27.87 45.70
N SER L 236 11.02 28.53 44.88
CA SER L 236 11.43 28.96 43.56
C SER L 236 11.78 27.79 42.65
N GLN L 237 11.48 26.56 43.04
CA GLN L 237 11.69 25.42 42.16
C GLN L 237 13.17 25.21 41.81
N THR L 238 14.07 25.48 42.75
CA THR L 238 15.49 25.44 42.45
C THR L 238 16.26 24.75 43.57
N VAL L 239 17.17 23.86 43.18
CA VAL L 239 18.12 23.23 44.07
C VAL L 239 19.47 23.28 43.42
N GLN L 240 20.52 23.49 44.21
CA GLN L 240 21.83 23.58 43.62
C GLN L 240 22.88 23.23 44.65
N ARG L 241 24.05 22.85 44.14
CA ARG L 241 25.24 22.67 44.94
C ARG L 241 26.36 23.42 44.25
N ALA L 242 27.40 23.71 45.02
CA ALA L 242 28.60 24.33 44.49
C ALA L 242 29.76 23.38 44.73
N VAL L 243 30.73 23.38 43.82
CA VAL L 243 31.86 22.47 43.96
C VAL L 243 33.10 23.15 43.40
N SER L 244 34.25 22.88 44.03
CA SER L 244 35.49 23.54 43.63
C SER L 244 36.57 22.55 43.23
N VAL L 245 37.52 23.10 42.46
CA VAL L 245 38.76 22.42 42.14
C VAL L 245 39.68 22.38 43.35
N ASN L 246 39.69 23.43 44.17
CA ASN L 246 40.47 23.44 45.41
C ASN L 246 40.01 22.30 46.32
#